data_7B0I
#
_entry.id   7B0I
#
_cell.length_a   108.503
_cell.length_b   108.503
_cell.length_c   358.938
_cell.angle_alpha   90.000
_cell.angle_beta   90.000
_cell.angle_gamma   120.000
#
_symmetry.space_group_name_H-M   'P 32 2 1'
#
loop_
_entity.id
_entity.type
_entity.pdbx_description
1 polymer 'Splicing factor 3B subunit 3,Splicing factor 3B subunit 3,Splicing factor 3B subunit 3'
2 polymer 'Splicing factor 3B subunit 5'
3 polymer 'Splicing factor 3B subunit 1'
4 polymer 'PHD finger-like domain-containing protein 5A'
5 non-polymer 'spliceostatin A (form II)'
6 non-polymer 'ZINC ION'
7 water water
#
loop_
_entity_poly.entity_id
_entity_poly.type
_entity_poly.pdbx_seq_one_letter_code
_entity_poly.pdbx_strand_id
1 'polypeptide(L)'
;GAEFKGLRRHMFLYNLTLQRATGISFAIHGNFSGTKQQEIVVSRGKILELLRPDPNTGKVHTLLTVEVFGVIRSLMAFRL
TGGTKDYIVVGSDSGRIVILEYQPSKNMFEKIHQETFGKSGCRRIVPGQFLAVDPKGRAVMISAIEKQKLVYILNRDAAA
RLTISSPLEAHKANTLVYHVVGVDVGFENPMFACLEMDYEEADNDPTGEAAANTQQTLTFYELDLGLNHVVRKYSEPLEE
HGNFLITVPGGSDGPSGVLICSENYITYKNFGDQPDIRCPIPRRRNDLDDPERGMIFVCSATHKTKSMFFFLAQTEQGDI
FKITLETDEDMVTEIRLKYFDTVPVAAAMCVLKTGFLFVASEFGNHYLYQIAHLGDDDEEPEFSSAMPLEEGDTFFFQPR
PLKNLVLVDELDSLSPILFCQIADLANEDTPQLYVACGRGPRSSLRVLRHGLGGNGNSGEKLGAVFNQVAFPLQYTPRKF
VIHPESNNLIIIETDHNAYTEATKAQRKQQMAEEMVEAAGEDERELAAEMAAAFLNENLPESIFGAPKAGNGQWASVIRV
MNPIQGNTLDLVQLEQNEAAFSVAVCRFSNTGEDWYVLVGVAKDLILNPRSVAGGFVYTYKLVNNGEKLEFLHKTPVEEV
PAAIAPFQGRVLIGVGKLLRVYDLGKKKLLRKCENKHIANYISGIQTIGHRVIVSDVQESFIWVRYKRNENQLIIFADDT
YPRWVTTASLLDYDTVAGADKFGNICVVRLPPNTNDEVDSQKAEVIMNYHVGETVLSLQKTTLIPGGSESLVYTTLSGGI
GILVPFTSHEDHDFFQHVEMHLRSEHPPLCGRDHLSFRSYYFPVKNVIDGDLCEQFNSMEPNKQKNVSEELDRTPPEVSK
KLEDIRTRYAFDYKDDDDK
;
A
2 'polypeptide(L)'
;MTDRYTIHSQLEHLQSKYIGTGHADTTKWEWLVNQHRDSYCSYMGHFDLLNYFAIAENESKARVRFNLMEKMLQPCGPPA
DKPEEN
;
B
3 'polypeptide(L)'
;MKSVNDQPSGNLPFLKPDDIQYFDKLLVDVDESTLSPEEQKERKIMKLLLKIKNGTPPMRKAALRQITDKAREFGAGPLF
NQILPLLMSPTLEDQERHLLVKVIDRILYKLDDLVRPYVHKILVVIEPLLIDEDYYARVEGREIISNLAKAAGLATMIST
MRPDIDNMDEYVRNTTARAFAVVASALGIPSLLPFLKAVCKSKKSWQARHTGIKIVQQIAILMGCAILPHLRSLVEIIEH
GLVDEQQKVRTISALAIAALAEAATPYGIESFDSVLKPLWKGIRQHRGKGLAAFLKAIGYLIPLMDAEYANYYTREVMLI
LIREFQSPDEEMKKIVLKVVKQCCGTDGVEANYIKTEILPPFFKHFWQHRMALDRRNYRQLVDTTVELANKVGAAEIISR
IVDDLKDEAEQYRKMVMETIEKIMGNLGAADIDHKLEEQLIDGILYAFQEQTTEDSVMLNGFGTVVNALGKRVKPYLPQI
CGTVLWRLNNKSAKVRQQAADLISRTAVVMKTCQEEKLMGHLGVVLYEYLGEEYPEVLGSILGALKAIVNVIGMHKMTPP
IKDLLPRLTPILKNRHEKVQENCIDLVGRIADRGAEYVSAREWMRICFELLELLKAHKKAIRRATVNTFGYIAKAIGPHD
VLATLLNNLKVQERQNRVCTTVAIAIVAETCSPFTVLPALMNEYRVPELNVQNGVLKSLSFLFEYIGEMGKDYIYAVTPL
LEDALMDRDLVHRQTASAVVQHMSLGVYGFGCEDSLNHLLNYVWPNVFETSPHVIQAVMGALEGLRVAIGPCRMLQYCLQ
GLFHPARKVRDVYWKIYNSIYIGSQDALIAHYPRIYNDDKNTYIRYELDYIL
;
C
4 'polypeptide(L)'
;GPLGSPGSRAMAKHHPDLIFCRKQAGVAIGRLCEKCDGKCVICDSYVRPCTLVRICDECNYGSYQGRCVICGGPGVSDAY
YCKECTIQEKDRDGCPKIVNLGSSKTDL
;
D
#
loop_
_chem_comp.id
_chem_comp.type
_chem_comp.name
_chem_comp.formula
SJT non-polymer 'spliceostatin A (form II)' 'C28 H45 N O8'
ZN non-polymer 'ZINC ION' 'Zn 2'
#
# COMPACT_ATOMS: atom_id res chain seq x y z
N ARG A 9 6.72 11.83 36.69
CA ARG A 9 6.56 13.17 36.14
C ARG A 9 6.47 13.12 34.61
N HIS A 10 7.63 13.14 33.96
CA HIS A 10 7.68 13.01 32.51
C HIS A 10 7.03 11.70 32.10
N MET A 11 6.09 11.77 31.17
CA MET A 11 5.33 10.59 30.76
C MET A 11 5.87 10.07 29.42
N PHE A 12 6.78 9.11 29.50
CA PHE A 12 7.24 8.34 28.36
C PHE A 12 6.59 6.97 28.48
N LEU A 13 5.67 6.65 27.57
CA LEU A 13 4.89 5.43 27.66
C LEU A 13 5.36 4.40 26.64
N TYR A 14 5.02 3.15 26.92
CA TYR A 14 5.28 2.02 26.04
C TYR A 14 3.97 1.30 25.83
N ASN A 15 3.52 1.22 24.57
CA ASN A 15 2.24 0.63 24.23
C ASN A 15 2.42 -0.84 23.92
N LEU A 16 1.54 -1.68 24.47
CA LEU A 16 1.59 -3.11 24.21
C LEU A 16 0.17 -3.65 24.16
N THR A 17 -0.16 -4.35 23.07
CA THR A 17 -1.47 -4.96 22.93
C THR A 17 -1.46 -6.31 23.64
N LEU A 18 -2.28 -6.44 24.68
CA LEU A 18 -2.39 -7.71 25.39
C LEU A 18 -3.33 -8.66 24.67
N GLN A 19 -4.51 -8.18 24.28
CA GLN A 19 -5.50 -8.95 23.54
C GLN A 19 -5.75 -8.27 22.21
N ARG A 20 -5.46 -8.99 21.12
CA ARG A 20 -5.67 -8.43 19.80
C ARG A 20 -7.17 -8.26 19.53
N ALA A 21 -7.47 -7.34 18.61
CA ALA A 21 -8.86 -7.12 18.22
C ALA A 21 -9.45 -8.39 17.62
N THR A 22 -10.64 -8.76 18.11
CA THR A 22 -11.29 -9.99 17.67
C THR A 22 -12.41 -9.76 16.67
N GLY A 23 -12.81 -8.51 16.45
CA GLY A 23 -13.78 -8.22 15.41
C GLY A 23 -13.22 -8.47 14.02
N ILE A 24 -14.13 -8.60 13.06
CA ILE A 24 -13.77 -8.90 11.69
C ILE A 24 -14.58 -8.01 10.76
N SER A 25 -13.91 -7.33 9.83
CA SER A 25 -14.57 -6.52 8.83
C SER A 25 -14.48 -7.09 7.42
N PHE A 26 -13.55 -8.01 7.17
CA PHE A 26 -13.42 -8.63 5.85
C PHE A 26 -12.91 -10.05 6.03
N ALA A 27 -13.44 -10.96 5.22
CA ALA A 27 -13.05 -12.37 5.28
C ALA A 27 -13.15 -12.98 3.90
N ILE A 28 -12.04 -13.54 3.41
CA ILE A 28 -11.99 -14.21 2.11
C ILE A 28 -11.41 -15.59 2.31
N HIS A 29 -11.76 -16.50 1.39
CA HIS A 29 -11.29 -17.87 1.44
C HIS A 29 -10.55 -18.22 0.15
N GLY A 30 -9.53 -19.06 0.27
CA GLY A 30 -8.75 -19.45 -0.89
C GLY A 30 -7.62 -20.37 -0.50
N ASN A 31 -6.92 -20.87 -1.53
CA ASN A 31 -5.79 -21.78 -1.34
C ASN A 31 -4.50 -20.97 -1.25
N PHE A 32 -4.39 -20.19 -0.16
CA PHE A 32 -3.23 -19.34 0.04
C PHE A 32 -1.98 -20.11 0.40
N SER A 33 -2.11 -21.40 0.77
CA SER A 33 -0.94 -22.21 1.09
C SER A 33 -0.30 -22.83 -0.14
N GLY A 34 -1.00 -22.85 -1.27
CA GLY A 34 -0.51 -23.52 -2.45
C GLY A 34 -0.84 -24.99 -2.54
N THR A 35 -1.58 -25.53 -1.57
CA THR A 35 -1.99 -26.92 -1.56
C THR A 35 -3.51 -26.99 -1.73
N LYS A 36 -4.05 -28.21 -1.58
CA LYS A 36 -5.49 -28.39 -1.69
C LYS A 36 -6.25 -27.82 -0.50
N GLN A 37 -5.55 -27.57 0.61
CA GLN A 37 -6.21 -27.01 1.79
C GLN A 37 -6.69 -25.60 1.53
N GLN A 38 -7.89 -25.29 2.01
CA GLN A 38 -8.47 -23.96 1.89
C GLN A 38 -8.32 -23.22 3.22
N GLU A 39 -7.77 -22.02 3.15
CA GLU A 39 -7.57 -21.15 4.31
C GLU A 39 -8.42 -19.90 4.16
N ILE A 40 -8.44 -19.09 5.22
CA ILE A 40 -9.28 -17.91 5.29
C ILE A 40 -8.43 -16.73 5.76
N VAL A 41 -8.37 -15.68 4.95
CA VAL A 41 -7.68 -14.45 5.31
C VAL A 41 -8.73 -13.46 5.79
N VAL A 42 -8.54 -12.94 7.00
CA VAL A 42 -9.47 -11.98 7.59
C VAL A 42 -8.73 -10.71 7.98
N SER A 43 -9.50 -9.64 8.11
CA SER A 43 -8.99 -8.35 8.54
C SER A 43 -9.70 -7.95 9.82
N ARG A 44 -8.93 -7.74 10.89
CA ARG A 44 -9.46 -7.26 12.17
C ARG A 44 -9.51 -5.75 12.25
N GLY A 45 -9.14 -5.05 11.18
CA GLY A 45 -9.05 -3.61 11.19
C GLY A 45 -7.65 -3.14 10.85
N LYS A 46 -6.77 -3.12 11.84
CA LYS A 46 -5.36 -2.85 11.63
C LYS A 46 -4.52 -4.12 11.70
N ILE A 47 -5.16 -5.28 11.59
CA ILE A 47 -4.50 -6.57 11.76
C ILE A 47 -4.98 -7.50 10.65
N LEU A 48 -4.02 -8.15 9.97
CA LEU A 48 -4.29 -9.13 8.95
C LEU A 48 -4.00 -10.51 9.51
N GLU A 49 -4.99 -11.40 9.48
CA GLU A 49 -4.87 -12.72 10.08
C GLU A 49 -5.15 -13.79 9.02
N LEU A 50 -4.46 -14.91 9.16
CA LEU A 50 -4.65 -16.08 8.31
C LEU A 50 -5.01 -17.27 9.20
N LEU A 51 -6.22 -17.81 8.98
CA LEU A 51 -6.79 -18.92 9.73
C LEU A 51 -6.94 -20.14 8.82
N ARG A 52 -6.98 -21.31 9.46
CA ARG A 52 -7.18 -22.55 8.73
C ARG A 52 -8.14 -23.46 9.47
N PRO A 53 -9.32 -23.72 8.92
CA PRO A 53 -10.22 -24.70 9.57
C PRO A 53 -9.89 -26.14 9.19
N ASP A 54 -9.56 -26.96 10.18
CA ASP A 54 -9.25 -28.36 9.92
C ASP A 54 -10.55 -29.11 9.63
N PRO A 55 -10.73 -29.66 8.42
CA PRO A 55 -11.99 -30.35 8.12
C PRO A 55 -12.22 -31.61 8.93
N ASN A 56 -11.17 -32.23 9.46
CA ASN A 56 -11.34 -33.44 10.26
C ASN A 56 -11.96 -33.11 11.61
N THR A 57 -11.33 -32.22 12.38
CA THR A 57 -11.83 -31.86 13.69
C THR A 57 -12.90 -30.77 13.65
N GLY A 58 -13.06 -30.09 12.52
CA GLY A 58 -14.05 -29.03 12.42
C GLY A 58 -13.75 -27.80 13.25
N LYS A 59 -12.48 -27.56 13.58
CA LYS A 59 -12.08 -26.43 14.40
C LYS A 59 -11.19 -25.49 13.60
N VAL A 60 -11.24 -24.21 13.97
CA VAL A 60 -10.48 -23.17 13.29
C VAL A 60 -9.23 -22.88 14.10
N HIS A 61 -8.07 -23.03 13.47
CA HIS A 61 -6.78 -22.69 14.07
C HIS A 61 -6.25 -21.43 13.42
N THR A 62 -5.65 -20.55 14.23
CA THR A 62 -5.04 -19.32 13.75
C THR A 62 -3.58 -19.57 13.45
N LEU A 63 -3.18 -19.35 12.19
CA LEU A 63 -1.81 -19.61 11.75
C LEU A 63 -0.95 -18.37 11.64
N LEU A 64 -1.52 -17.21 11.30
CA LEU A 64 -0.69 -16.01 11.21
C LEU A 64 -1.46 -14.78 11.64
N THR A 65 -0.77 -13.86 12.30
CA THR A 65 -1.35 -12.59 12.74
C THR A 65 -0.29 -11.50 12.57
N VAL A 66 -0.60 -10.47 11.79
CA VAL A 66 0.33 -9.39 11.50
C VAL A 66 -0.36 -8.06 11.74
N GLU A 67 0.28 -7.18 12.52
CA GLU A 67 -0.19 -5.82 12.67
C GLU A 67 0.30 -5.00 11.48
N VAL A 68 -0.62 -4.57 10.62
CA VAL A 68 -0.23 -3.83 9.42
C VAL A 68 -0.03 -2.35 9.68
N PHE A 69 -0.39 -1.86 10.87
CA PHE A 69 -0.24 -0.45 11.23
C PHE A 69 -0.91 0.46 10.20
N GLY A 70 -2.12 0.08 9.79
CA GLY A 70 -2.90 0.87 8.86
C GLY A 70 -4.38 0.65 9.07
N VAL A 71 -5.20 0.98 8.08
CA VAL A 71 -6.64 0.79 8.12
C VAL A 71 -7.03 0.05 6.86
N ILE A 72 -7.30 -1.25 6.99
CA ILE A 72 -7.70 -2.07 5.85
C ILE A 72 -9.14 -1.73 5.50
N ARG A 73 -9.37 -1.26 4.28
CA ARG A 73 -10.70 -0.89 3.82
C ARG A 73 -11.25 -1.80 2.74
N SER A 74 -10.41 -2.65 2.14
CA SER A 74 -10.85 -3.55 1.08
C SER A 74 -9.85 -4.69 0.96
N LEU A 75 -10.35 -5.92 0.87
CA LEU A 75 -9.49 -7.10 0.85
C LEU A 75 -10.10 -8.15 -0.06
N MET A 76 -9.28 -8.72 -0.94
CA MET A 76 -9.75 -9.68 -1.93
C MET A 76 -8.59 -10.55 -2.38
N ALA A 77 -8.93 -11.75 -2.84
CA ALA A 77 -7.96 -12.71 -3.31
C ALA A 77 -8.16 -12.97 -4.81
N PHE A 78 -7.12 -13.48 -5.45
CA PHE A 78 -7.18 -13.78 -6.88
C PHE A 78 -6.11 -14.80 -7.22
N ARG A 79 -6.22 -15.35 -8.42
CA ARG A 79 -5.27 -16.33 -8.94
C ARG A 79 -5.06 -16.08 -10.42
N LEU A 80 -3.85 -16.35 -10.88
CA LEU A 80 -3.52 -16.25 -12.29
C LEU A 80 -3.79 -17.57 -13.00
N THR A 81 -3.93 -17.50 -14.32
CA THR A 81 -4.21 -18.69 -15.11
C THR A 81 -3.06 -19.68 -14.99
N GLY A 82 -3.41 -20.92 -14.62
CA GLY A 82 -2.42 -21.96 -14.42
C GLY A 82 -1.79 -22.00 -13.05
N GLY A 83 -2.18 -21.08 -12.15
CA GLY A 83 -1.59 -21.04 -10.83
C GLY A 83 -2.24 -22.01 -9.86
N THR A 84 -1.56 -22.19 -8.72
CA THR A 84 -2.01 -23.11 -7.69
C THR A 84 -2.05 -22.47 -6.30
N LYS A 85 -1.95 -21.15 -6.22
CA LYS A 85 -1.96 -20.46 -4.93
C LYS A 85 -2.54 -19.06 -5.13
N ASP A 86 -3.61 -18.75 -4.40
CA ASP A 86 -4.23 -17.45 -4.50
C ASP A 86 -3.39 -16.39 -3.80
N TYR A 87 -3.24 -15.24 -4.45
CA TYR A 87 -2.55 -14.10 -3.86
C TYR A 87 -3.53 -13.29 -2.99
N ILE A 88 -3.04 -12.20 -2.41
CA ILE A 88 -3.85 -11.36 -1.52
C ILE A 88 -3.62 -9.90 -1.92
N VAL A 89 -4.69 -9.22 -2.31
CA VAL A 89 -4.66 -7.79 -2.63
C VAL A 89 -5.33 -7.03 -1.50
N VAL A 90 -4.64 -6.01 -0.98
CA VAL A 90 -5.11 -5.26 0.17
C VAL A 90 -5.25 -3.79 -0.21
N GLY A 91 -6.43 -3.22 0.04
CA GLY A 91 -6.63 -1.80 -0.06
C GLY A 91 -6.63 -1.19 1.32
N SER A 92 -5.75 -0.21 1.53
CA SER A 92 -5.51 0.34 2.84
C SER A 92 -5.76 1.85 2.84
N ASP A 93 -5.36 2.50 3.92
CA ASP A 93 -5.39 3.95 4.05
C ASP A 93 -4.09 4.59 3.58
N SER A 94 -3.25 3.85 2.87
CA SER A 94 -1.91 4.28 2.54
C SER A 94 -1.79 4.97 1.20
N GLY A 95 -2.81 4.90 0.35
CA GLY A 95 -2.63 5.33 -1.02
C GLY A 95 -1.71 4.43 -1.80
N ARG A 96 -1.61 3.17 -1.40
CA ARG A 96 -0.79 2.17 -2.07
C ARG A 96 -1.60 0.90 -2.25
N ILE A 97 -1.38 0.22 -3.36
CA ILE A 97 -1.94 -1.11 -3.58
C ILE A 97 -0.86 -2.13 -3.28
N VAL A 98 -1.24 -3.18 -2.53
CA VAL A 98 -0.31 -4.17 -2.01
C VAL A 98 -0.80 -5.55 -2.40
N ILE A 99 0.09 -6.36 -2.97
CA ILE A 99 -0.16 -7.75 -3.29
C ILE A 99 0.85 -8.61 -2.54
N LEU A 100 0.34 -9.60 -1.82
CA LEU A 100 1.13 -10.47 -0.96
C LEU A 100 0.86 -11.92 -1.29
N GLU A 101 1.83 -12.76 -0.92
CA GLU A 101 1.75 -14.21 -1.11
C GLU A 101 2.17 -14.89 0.18
N TYR A 102 1.28 -15.69 0.75
CA TYR A 102 1.61 -16.42 1.98
C TYR A 102 2.61 -17.52 1.68
N GLN A 103 3.66 -17.60 2.51
CA GLN A 103 4.69 -18.62 2.36
C GLN A 103 4.65 -19.55 3.57
N PRO A 104 4.17 -20.79 3.42
CA PRO A 104 4.04 -21.67 4.61
C PRO A 104 5.37 -22.11 5.21
N SER A 105 6.45 -22.11 4.44
CA SER A 105 7.75 -22.49 4.98
C SER A 105 8.20 -21.51 6.07
N LYS A 106 8.26 -20.22 5.73
CA LYS A 106 8.65 -19.19 6.68
C LYS A 106 7.49 -18.71 7.54
N ASN A 107 6.24 -19.05 7.18
CA ASN A 107 5.05 -18.65 7.91
C ASN A 107 4.99 -17.13 8.07
N MET A 108 4.77 -16.46 6.93
CA MET A 108 4.76 -15.01 6.89
C MET A 108 4.10 -14.57 5.59
N PHE A 109 3.73 -13.29 5.55
CA PHE A 109 3.22 -12.66 4.34
C PHE A 109 4.39 -11.96 3.64
N GLU A 110 4.64 -12.36 2.39
CA GLU A 110 5.68 -11.73 1.59
C GLU A 110 5.04 -10.70 0.68
N LYS A 111 5.48 -9.44 0.82
CA LYS A 111 4.98 -8.35 -0.02
C LYS A 111 5.51 -8.54 -1.42
N ILE A 112 4.66 -9.03 -2.32
CA ILE A 112 5.09 -9.26 -3.70
C ILE A 112 5.13 -7.95 -4.48
N HIS A 113 4.12 -7.11 -4.31
CA HIS A 113 4.05 -5.85 -5.05
C HIS A 113 3.49 -4.75 -4.16
N GLN A 114 3.98 -3.54 -4.37
CA GLN A 114 3.48 -2.36 -3.67
C GLN A 114 3.63 -1.17 -4.61
N GLU A 115 2.50 -0.66 -5.10
CA GLU A 115 2.50 0.42 -6.08
C GLU A 115 1.77 1.63 -5.51
N THR A 116 2.39 2.79 -5.60
CA THR A 116 1.87 4.02 -5.02
C THR A 116 1.06 4.79 -6.06
N PHE A 117 0.11 5.60 -5.58
CA PHE A 117 -0.74 6.36 -6.49
C PHE A 117 -1.34 7.60 -5.84
N GLY A 118 -1.46 7.60 -4.51
CA GLY A 118 -2.10 8.70 -3.83
C GLY A 118 -1.57 9.01 -2.45
N LYS A 119 -2.30 9.83 -1.71
CA LYS A 119 -1.89 10.24 -0.37
C LYS A 119 -2.43 9.27 0.69
N SER A 120 -1.96 9.47 1.91
CA SER A 120 -2.31 8.59 3.02
C SER A 120 -3.59 9.06 3.71
N GLY A 121 -4.19 8.14 4.45
CA GLY A 121 -5.43 8.40 5.14
C GLY A 121 -6.63 7.92 4.34
N CYS A 122 -7.72 7.62 5.06
CA CYS A 122 -8.98 7.23 4.43
C CYS A 122 -9.57 8.47 3.76
N ARG A 123 -9.01 8.82 2.61
CA ARG A 123 -9.45 10.00 1.88
C ARG A 123 -10.66 9.68 1.01
N ARG A 124 -11.34 10.74 0.58
CA ARG A 124 -12.60 10.61 -0.15
C ARG A 124 -12.40 10.44 -1.64
N ILE A 125 -11.31 10.97 -2.21
CA ILE A 125 -11.04 10.83 -3.64
C ILE A 125 -9.86 9.92 -3.94
N VAL A 126 -9.14 9.44 -2.93
CA VAL A 126 -7.99 8.57 -3.17
C VAL A 126 -8.43 7.12 -3.08
N PRO A 127 -8.13 6.29 -4.08
CA PRO A 127 -8.60 4.90 -4.07
C PRO A 127 -8.08 4.11 -2.89
N GLY A 128 -8.75 2.99 -2.63
CA GLY A 128 -8.41 2.13 -1.52
C GLY A 128 -9.63 1.53 -0.86
N GLN A 129 -10.77 2.23 -0.94
CA GLN A 129 -11.98 1.75 -0.30
C GLN A 129 -12.59 0.56 -1.03
N PHE A 130 -12.54 0.57 -2.36
CA PHE A 130 -13.16 -0.47 -3.16
C PHE A 130 -12.12 -1.22 -3.97
N LEU A 131 -12.26 -2.54 -4.03
CA LEU A 131 -11.31 -3.42 -4.72
C LEU A 131 -12.08 -4.48 -5.48
N ALA A 132 -11.90 -4.51 -6.80
CA ALA A 132 -12.46 -5.56 -7.64
C ALA A 132 -11.33 -6.22 -8.42
N VAL A 133 -11.51 -7.49 -8.78
CA VAL A 133 -10.50 -8.22 -9.52
C VAL A 133 -11.15 -8.98 -10.66
N ASP A 134 -10.48 -9.04 -11.79
CA ASP A 134 -10.95 -9.85 -12.91
C ASP A 134 -10.88 -11.32 -12.52
N PRO A 135 -11.94 -12.09 -12.75
CA PRO A 135 -11.96 -13.49 -12.27
C PRO A 135 -10.84 -14.36 -12.83
N LYS A 136 -10.18 -13.94 -13.91
CA LYS A 136 -9.05 -14.70 -14.45
C LYS A 136 -7.71 -14.13 -14.01
N GLY A 137 -7.69 -13.24 -13.03
CA GLY A 137 -6.47 -12.68 -12.48
C GLY A 137 -5.66 -11.81 -13.43
N ARG A 138 -6.24 -11.37 -14.54
CA ARG A 138 -5.50 -10.58 -15.52
C ARG A 138 -5.42 -9.11 -15.15
N ALA A 139 -6.36 -8.60 -14.35
CA ALA A 139 -6.34 -7.20 -13.95
C ALA A 139 -7.07 -7.03 -12.63
N VAL A 140 -6.74 -5.94 -11.94
CA VAL A 140 -7.35 -5.60 -10.66
C VAL A 140 -7.62 -4.10 -10.65
N MET A 141 -8.83 -3.72 -10.27
CA MET A 141 -9.23 -2.33 -10.19
C MET A 141 -9.36 -1.91 -8.73
N ILE A 142 -8.77 -0.77 -8.39
CA ILE A 142 -8.86 -0.17 -7.07
C ILE A 142 -9.52 1.20 -7.22
N SER A 143 -10.59 1.43 -6.47
CA SER A 143 -11.43 2.60 -6.64
C SER A 143 -11.68 3.27 -5.29
N ALA A 144 -11.95 4.57 -5.35
CA ALA A 144 -12.29 5.38 -4.19
C ALA A 144 -13.81 5.53 -4.10
N ILE A 145 -14.26 6.41 -3.20
CA ILE A 145 -15.68 6.74 -3.16
C ILE A 145 -16.02 7.75 -4.26
N GLU A 146 -15.07 8.59 -4.65
CA GLU A 146 -15.32 9.65 -5.62
C GLU A 146 -14.34 9.57 -6.78
N LYS A 147 -14.86 9.80 -7.98
CA LYS A 147 -14.15 9.87 -9.26
C LYS A 147 -13.02 8.86 -9.45
N GLN A 148 -11.95 8.96 -8.64
CA GLN A 148 -10.71 8.27 -8.98
C GLN A 148 -10.88 6.76 -8.97
N LYS A 149 -10.42 6.13 -10.05
CA LYS A 149 -10.44 4.68 -10.21
C LYS A 149 -9.19 4.29 -11.02
N LEU A 150 -8.46 3.28 -10.56
CA LEU A 150 -7.25 2.85 -11.21
C LEU A 150 -7.33 1.36 -11.52
N VAL A 151 -6.71 0.97 -12.62
CA VAL A 151 -6.73 -0.41 -13.09
C VAL A 151 -5.28 -0.84 -13.34
N TYR A 152 -4.86 -1.92 -12.66
CA TYR A 152 -3.54 -2.49 -12.83
C TYR A 152 -3.66 -3.82 -13.58
N ILE A 153 -2.71 -4.07 -14.47
CA ILE A 153 -2.69 -5.30 -15.26
C ILE A 153 -1.66 -6.25 -14.67
N LEU A 154 -2.08 -7.46 -14.36
CA LEU A 154 -1.24 -8.47 -13.74
C LEU A 154 -0.86 -9.53 -14.76
N ASN A 155 0.36 -10.04 -14.65
CA ASN A 155 0.83 -11.11 -15.53
C ASN A 155 1.88 -11.93 -14.79
N ARG A 156 2.44 -12.90 -15.49
CA ARG A 156 3.56 -13.68 -14.97
C ARG A 156 4.82 -13.40 -15.78
N ASP A 157 5.93 -13.96 -15.32
CA ASP A 157 7.18 -13.84 -16.06
C ASP A 157 7.74 -15.23 -16.38
N ALA A 158 9.05 -15.31 -16.63
CA ALA A 158 9.66 -16.60 -16.93
C ALA A 158 9.61 -17.53 -15.73
N ALA A 159 9.86 -16.99 -14.53
CA ALA A 159 9.87 -17.78 -13.30
C ALA A 159 8.50 -17.81 -12.62
N ALA A 160 7.42 -17.51 -13.35
CA ALA A 160 6.06 -17.54 -12.82
C ALA A 160 5.88 -16.60 -11.64
N ARG A 161 6.61 -15.49 -11.62
CA ARG A 161 6.44 -14.49 -10.59
C ARG A 161 5.48 -13.41 -11.06
N LEU A 162 4.59 -12.99 -10.16
CA LEU A 162 3.61 -11.96 -10.49
C LEU A 162 4.31 -10.67 -10.90
N THR A 163 3.83 -10.07 -11.98
CA THR A 163 4.33 -8.79 -12.47
C THR A 163 3.15 -7.83 -12.61
N ILE A 164 3.31 -6.62 -12.09
CA ILE A 164 2.28 -5.59 -12.15
C ILE A 164 2.75 -4.49 -13.10
N SER A 165 1.78 -3.76 -13.64
CA SER A 165 2.00 -2.77 -14.67
C SER A 165 1.72 -1.37 -14.14
N SER A 166 1.84 -0.38 -15.03
CA SER A 166 1.48 0.98 -14.69
C SER A 166 -0.05 1.10 -14.60
N PRO A 167 -0.55 2.00 -13.77
CA PRO A 167 -2.00 2.14 -13.64
C PRO A 167 -2.60 2.86 -14.84
N LEU A 168 -3.83 2.49 -15.17
CA LEU A 168 -4.60 3.16 -16.22
C LEU A 168 -5.70 3.97 -15.57
N GLU A 169 -5.81 5.24 -15.94
CA GLU A 169 -6.77 6.14 -15.32
C GLU A 169 -8.20 5.78 -15.75
N ALA A 170 -9.12 5.86 -14.79
CA ALA A 170 -10.53 5.62 -15.07
C ALA A 170 -11.40 6.52 -14.19
N HIS A 171 -11.00 7.79 -14.07
CA HIS A 171 -11.70 8.72 -13.20
C HIS A 171 -12.88 9.34 -13.95
N LYS A 172 -13.81 9.89 -13.16
CA LYS A 172 -14.96 10.61 -13.72
C LYS A 172 -15.46 11.56 -12.64
N ALA A 173 -15.31 12.86 -12.86
CA ALA A 173 -15.59 13.84 -11.83
C ALA A 173 -17.04 13.77 -11.37
N ASN A 174 -17.24 14.06 -10.08
CA ASN A 174 -18.56 14.11 -9.45
C ASN A 174 -19.31 12.79 -9.63
N THR A 175 -18.64 11.69 -9.28
CA THR A 175 -19.23 10.36 -9.40
C THR A 175 -18.97 9.57 -8.12
N LEU A 176 -20.03 9.29 -7.38
CA LEU A 176 -19.95 8.53 -6.14
C LEU A 176 -20.13 7.05 -6.45
N VAL A 177 -19.22 6.23 -5.93
CA VAL A 177 -19.23 4.79 -6.17
C VAL A 177 -19.84 4.10 -4.96
N TYR A 178 -20.87 3.28 -5.20
CA TYR A 178 -21.47 2.48 -4.15
C TYR A 178 -20.78 1.13 -4.00
N HIS A 179 -20.47 0.48 -5.13
CA HIS A 179 -19.79 -0.81 -5.09
C HIS A 179 -19.22 -1.11 -6.47
N VAL A 180 -18.03 -1.70 -6.48
CA VAL A 180 -17.38 -2.18 -7.70
C VAL A 180 -17.26 -3.69 -7.60
N VAL A 181 -17.37 -4.37 -8.75
CA VAL A 181 -17.17 -5.82 -8.77
C VAL A 181 -16.74 -6.23 -10.18
N GLY A 182 -15.81 -7.17 -10.25
CA GLY A 182 -15.36 -7.67 -11.53
C GLY A 182 -16.36 -8.65 -12.12
N VAL A 183 -16.58 -8.51 -13.43
CA VAL A 183 -17.56 -9.32 -14.14
C VAL A 183 -16.86 -10.52 -14.76
N ASP A 184 -17.44 -11.70 -14.58
CA ASP A 184 -16.90 -12.93 -15.18
C ASP A 184 -17.28 -12.95 -16.65
N VAL A 185 -16.37 -12.50 -17.51
CA VAL A 185 -16.62 -12.47 -18.95
C VAL A 185 -15.69 -13.46 -19.63
N GLY A 186 -15.43 -14.59 -18.98
CA GLY A 186 -14.54 -15.59 -19.56
C GLY A 186 -13.16 -15.03 -19.78
N PHE A 187 -12.60 -15.30 -20.96
CA PHE A 187 -11.29 -14.78 -21.34
C PHE A 187 -11.41 -13.63 -22.35
N GLU A 188 -12.52 -12.89 -22.29
CA GLU A 188 -12.68 -11.68 -23.08
C GLU A 188 -11.97 -10.52 -22.37
N ASN A 189 -12.17 -9.31 -22.86
CA ASN A 189 -11.58 -8.15 -22.21
C ASN A 189 -12.21 -7.96 -20.83
N PRO A 190 -11.40 -7.83 -19.77
CA PRO A 190 -11.96 -7.73 -18.42
C PRO A 190 -12.87 -6.53 -18.27
N MET A 191 -13.90 -6.69 -17.44
CA MET A 191 -14.90 -5.66 -17.23
C MET A 191 -15.22 -5.55 -15.75
N PHE A 192 -15.59 -4.34 -15.33
CA PHE A 192 -15.91 -4.05 -13.94
C PHE A 192 -17.25 -3.32 -13.88
N ALA A 193 -18.20 -3.85 -13.12
CA ALA A 193 -19.48 -3.20 -12.89
C ALA A 193 -19.39 -2.28 -11.68
N CYS A 194 -20.00 -1.11 -11.81
CA CYS A 194 -19.94 -0.07 -10.80
C CYS A 194 -21.33 0.48 -10.54
N LEU A 195 -21.70 0.59 -9.27
CA LEU A 195 -22.91 1.28 -8.86
C LEU A 195 -22.54 2.74 -8.60
N GLU A 196 -22.84 3.60 -9.55
CA GLU A 196 -22.40 4.99 -9.50
C GLU A 196 -23.60 5.93 -9.37
N MET A 197 -23.30 7.20 -9.11
CA MET A 197 -24.31 8.23 -9.09
C MET A 197 -23.63 9.58 -9.27
N ASP A 198 -24.12 10.37 -10.22
CA ASP A 198 -23.54 11.67 -10.52
C ASP A 198 -24.30 12.75 -9.76
N TYR A 199 -23.57 13.57 -8.99
CA TYR A 199 -24.16 14.60 -8.16
C TYR A 199 -23.90 16.01 -8.68
N GLU A 200 -23.38 16.16 -9.90
CA GLU A 200 -23.12 17.48 -10.44
C GLU A 200 -24.40 18.28 -10.59
N GLU A 201 -25.48 17.65 -11.04
CA GLU A 201 -26.74 18.35 -11.22
C GLU A 201 -27.37 18.75 -9.90
N ALA A 202 -27.15 17.95 -8.84
CA ALA A 202 -27.83 18.19 -7.57
C ALA A 202 -27.37 19.50 -6.94
N ASP A 203 -26.07 19.75 -6.95
CA ASP A 203 -25.51 20.93 -6.27
C ASP A 203 -25.70 22.23 -7.04
N ASN A 204 -26.27 22.18 -8.25
CA ASN A 204 -26.50 23.37 -9.04
C ASN A 204 -27.97 23.79 -9.10
N ASP A 205 -28.84 23.11 -8.37
CA ASP A 205 -30.27 23.41 -8.37
C ASP A 205 -30.72 23.67 -6.94
N PRO A 206 -31.00 24.93 -6.56
CA PRO A 206 -31.39 25.21 -5.17
C PRO A 206 -32.82 24.79 -4.82
N THR A 207 -33.58 24.24 -5.76
CA THR A 207 -34.92 23.77 -5.44
C THR A 207 -34.92 22.37 -4.87
N GLY A 208 -33.86 21.60 -5.09
CA GLY A 208 -33.81 20.22 -4.65
C GLY A 208 -34.38 19.22 -5.64
N GLU A 209 -34.87 19.67 -6.78
CA GLU A 209 -35.43 18.76 -7.77
C GLU A 209 -34.37 17.84 -8.35
N ALA A 210 -33.17 18.37 -8.60
CA ALA A 210 -32.12 17.58 -9.23
C ALA A 210 -31.70 16.41 -8.34
N ALA A 211 -31.63 16.64 -7.02
CA ALA A 211 -31.27 15.55 -6.12
C ALA A 211 -32.33 14.46 -6.12
N ALA A 212 -33.61 14.84 -6.09
CA ALA A 212 -34.68 13.86 -6.11
C ALA A 212 -34.81 13.15 -7.44
N ASN A 213 -34.34 13.77 -8.54
CA ASN A 213 -34.45 13.18 -9.86
C ASN A 213 -33.19 12.44 -10.29
N THR A 214 -32.02 12.78 -9.75
CA THR A 214 -30.81 12.04 -10.06
C THR A 214 -30.90 10.64 -9.47
N GLN A 215 -30.80 9.63 -10.33
CA GLN A 215 -30.92 8.25 -9.92
C GLN A 215 -29.58 7.53 -10.04
N GLN A 216 -29.47 6.43 -9.32
CA GLN A 216 -28.25 5.62 -9.37
C GLN A 216 -28.17 4.88 -10.69
N THR A 217 -26.97 4.84 -11.26
CA THR A 217 -26.71 4.14 -12.50
C THR A 217 -25.82 2.93 -12.24
N LEU A 218 -25.95 1.94 -13.11
CA LEU A 218 -25.03 0.80 -13.16
C LEU A 218 -24.21 0.95 -14.44
N THR A 219 -22.89 1.10 -14.28
CA THR A 219 -22.00 1.31 -15.41
C THR A 219 -21.00 0.18 -15.50
N PHE A 220 -20.45 0.00 -16.70
CA PHE A 220 -19.48 -1.05 -17.00
C PHE A 220 -18.22 -0.42 -17.56
N TYR A 221 -17.11 -0.62 -16.88
CA TYR A 221 -15.81 -0.17 -17.37
C TYR A 221 -15.10 -1.37 -18.00
N GLU A 222 -14.79 -1.25 -19.29
CA GLU A 222 -14.13 -2.32 -20.03
C GLU A 222 -12.66 -1.97 -20.22
N LEU A 223 -11.78 -2.93 -19.92
CA LEU A 223 -10.35 -2.76 -20.08
C LEU A 223 -9.93 -3.47 -21.36
N ASP A 224 -9.62 -2.69 -22.39
CA ASP A 224 -9.14 -3.26 -23.65
C ASP A 224 -7.65 -3.53 -23.54
N LEU A 225 -7.27 -4.80 -23.66
CA LEU A 225 -5.88 -5.21 -23.57
C LEU A 225 -5.12 -4.94 -24.87
N GLY A 226 -5.79 -5.05 -26.02
CA GLY A 226 -5.13 -4.72 -27.27
C GLY A 226 -4.80 -3.24 -27.37
N LEU A 227 -5.79 -2.39 -27.14
CA LEU A 227 -5.55 -0.95 -27.09
C LEU A 227 -4.95 -0.51 -25.76
N ASN A 228 -4.98 -1.38 -24.74
CA ASN A 228 -4.40 -1.11 -23.43
C ASN A 228 -4.94 0.21 -22.86
N HIS A 229 -6.26 0.22 -22.61
CA HIS A 229 -6.88 1.39 -22.01
C HIS A 229 -8.26 1.03 -21.47
N VAL A 230 -8.71 1.80 -20.49
CA VAL A 230 -10.00 1.59 -19.83
C VAL A 230 -11.01 2.57 -20.42
N VAL A 231 -12.16 2.05 -20.82
CA VAL A 231 -13.22 2.87 -21.40
C VAL A 231 -14.53 2.59 -20.67
N ARG A 232 -15.29 3.66 -20.41
CA ARG A 232 -16.61 3.53 -19.78
C ARG A 232 -17.63 3.22 -20.85
N LYS A 233 -17.94 1.94 -21.02
CA LYS A 233 -18.81 1.50 -22.11
C LYS A 233 -20.28 1.82 -21.83
N TYR A 234 -20.95 0.93 -21.10
CA TYR A 234 -22.39 1.03 -20.91
C TYR A 234 -22.72 1.70 -19.58
N SER A 235 -23.93 2.25 -19.50
CA SER A 235 -24.40 2.93 -18.29
C SER A 235 -25.91 2.97 -18.35
N GLU A 236 -26.56 2.26 -17.43
CA GLU A 236 -28.01 2.17 -17.40
C GLU A 236 -28.55 2.72 -16.09
N PRO A 237 -29.51 3.65 -16.11
CA PRO A 237 -30.12 4.10 -14.87
C PRO A 237 -30.87 2.96 -14.18
N LEU A 238 -30.81 2.95 -12.86
CA LEU A 238 -31.43 1.90 -12.05
C LEU A 238 -32.77 2.37 -11.51
N GLU A 239 -33.69 1.41 -11.35
CA GLU A 239 -35.01 1.69 -10.79
C GLU A 239 -34.88 2.21 -9.37
N GLU A 240 -34.38 1.37 -8.47
CA GLU A 240 -34.15 1.74 -7.08
C GLU A 240 -32.68 1.53 -6.74
N HIS A 241 -32.19 2.31 -5.77
CA HIS A 241 -30.78 2.32 -5.43
C HIS A 241 -30.36 0.97 -4.84
N GLY A 242 -29.43 0.31 -5.50
CA GLY A 242 -28.87 -0.92 -4.97
C GLY A 242 -27.74 -0.65 -3.99
N ASN A 243 -27.55 -1.58 -3.07
CA ASN A 243 -26.56 -1.39 -2.00
C ASN A 243 -25.27 -2.17 -2.22
N PHE A 244 -25.31 -3.26 -2.97
CA PHE A 244 -24.07 -3.94 -3.38
C PHE A 244 -24.35 -4.86 -4.56
N LEU A 245 -23.27 -5.41 -5.10
CA LEU A 245 -23.29 -6.22 -6.32
C LEU A 245 -22.68 -7.59 -6.05
N ILE A 246 -23.13 -8.56 -6.83
CA ILE A 246 -22.64 -9.93 -6.78
C ILE A 246 -22.26 -10.36 -8.19
N THR A 247 -21.07 -10.95 -8.32
CA THR A 247 -20.58 -11.48 -9.59
C THR A 247 -21.13 -12.88 -9.78
N VAL A 248 -21.97 -13.06 -10.79
CA VAL A 248 -22.44 -14.39 -11.18
C VAL A 248 -21.45 -14.95 -12.18
N PRO A 249 -21.06 -16.22 -12.07
CA PRO A 249 -20.06 -16.79 -12.99
C PRO A 249 -20.47 -16.66 -14.45
N GLY A 250 -19.48 -16.66 -15.32
CA GLY A 250 -19.70 -16.53 -16.74
C GLY A 250 -18.83 -17.45 -17.58
N GLY A 251 -18.62 -17.09 -18.84
CA GLY A 251 -17.77 -17.91 -19.68
C GLY A 251 -18.45 -19.24 -19.93
N SER A 252 -17.77 -20.32 -19.56
CA SER A 252 -18.31 -21.67 -19.67
C SER A 252 -18.85 -22.19 -18.35
N ASP A 253 -18.79 -21.39 -17.28
CA ASP A 253 -19.28 -21.79 -15.97
C ASP A 253 -20.62 -21.15 -15.62
N GLY A 254 -21.07 -20.17 -16.39
CA GLY A 254 -22.32 -19.50 -16.11
C GLY A 254 -22.73 -18.54 -17.20
N PRO A 255 -23.80 -17.79 -16.97
CA PRO A 255 -24.30 -16.85 -17.99
C PRO A 255 -23.77 -15.43 -17.88
N SER A 256 -22.81 -15.18 -16.99
CA SER A 256 -22.27 -13.84 -16.74
C SER A 256 -23.36 -12.89 -16.28
N GLY A 257 -23.04 -11.60 -16.22
CA GLY A 257 -23.96 -10.61 -15.71
C GLY A 257 -23.64 -10.21 -14.29
N VAL A 258 -24.57 -9.49 -13.68
CA VAL A 258 -24.40 -9.00 -12.32
C VAL A 258 -25.72 -9.08 -11.57
N LEU A 259 -25.61 -9.26 -10.25
CA LEU A 259 -26.76 -9.25 -9.35
C LEU A 259 -26.68 -7.99 -8.49
N ILE A 260 -27.77 -7.22 -8.46
CA ILE A 260 -27.85 -5.99 -7.68
C ILE A 260 -28.79 -6.24 -6.50
N CYS A 261 -28.34 -5.90 -5.30
CA CYS A 261 -29.19 -6.01 -4.11
C CYS A 261 -29.61 -4.62 -3.69
N SER A 262 -30.92 -4.37 -3.66
CA SER A 262 -31.44 -3.07 -3.26
C SER A 262 -32.39 -3.25 -2.08
N GLU A 263 -33.17 -2.22 -1.79
CA GLU A 263 -34.13 -2.26 -0.70
C GLU A 263 -35.35 -3.06 -1.14
N ASN A 264 -35.57 -4.20 -0.47
CA ASN A 264 -36.70 -5.08 -0.70
C ASN A 264 -36.71 -5.69 -2.10
N TYR A 265 -35.57 -5.70 -2.80
CA TYR A 265 -35.51 -6.24 -4.15
C TYR A 265 -34.12 -6.78 -4.44
N ILE A 266 -34.04 -7.74 -5.35
CA ILE A 266 -32.80 -8.20 -5.93
C ILE A 266 -33.01 -8.36 -7.42
N THR A 267 -32.14 -7.74 -8.22
CA THR A 267 -32.28 -7.73 -9.67
C THR A 267 -31.09 -8.41 -10.32
N TYR A 268 -31.33 -8.97 -11.50
CA TYR A 268 -30.28 -9.51 -12.35
C TYR A 268 -30.24 -8.69 -13.63
N LYS A 269 -29.05 -8.21 -13.98
CA LYS A 269 -28.85 -7.39 -15.16
C LYS A 269 -27.63 -7.88 -15.93
N ASN A 270 -27.65 -7.64 -17.25
CA ASN A 270 -26.56 -8.02 -18.12
C ASN A 270 -26.67 -7.21 -19.40
N PHE A 271 -25.53 -6.76 -19.91
CA PHE A 271 -25.53 -5.97 -21.13
C PHE A 271 -25.95 -6.83 -22.32
N GLY A 272 -26.46 -6.16 -23.35
CA GLY A 272 -26.93 -6.86 -24.53
C GLY A 272 -28.44 -7.05 -24.55
N ASP A 273 -28.90 -8.09 -25.22
CA ASP A 273 -30.33 -8.36 -25.34
C ASP A 273 -30.91 -9.04 -24.11
N GLN A 274 -30.12 -9.24 -23.07
CA GLN A 274 -30.62 -9.89 -21.86
C GLN A 274 -31.52 -8.95 -21.08
N PRO A 275 -32.78 -9.30 -20.82
CA PRO A 275 -33.66 -8.44 -20.05
C PRO A 275 -33.27 -8.42 -18.58
N ASP A 276 -33.88 -7.49 -17.85
CA ASP A 276 -33.69 -7.37 -16.41
C ASP A 276 -34.68 -8.29 -15.70
N ILE A 277 -34.20 -9.04 -14.70
CA ILE A 277 -35.07 -9.96 -13.97
C ILE A 277 -35.00 -9.61 -12.49
N ARG A 278 -36.06 -9.01 -11.96
CA ARG A 278 -36.09 -8.58 -10.58
C ARG A 278 -36.99 -9.50 -9.76
N CYS A 279 -36.75 -9.51 -8.45
CA CYS A 279 -37.50 -10.36 -7.54
C CYS A 279 -37.55 -9.73 -6.15
N PRO A 280 -38.73 -9.68 -5.51
CA PRO A 280 -38.79 -9.10 -4.17
C PRO A 280 -38.25 -10.06 -3.13
N ILE A 281 -37.64 -9.50 -2.09
CA ILE A 281 -37.08 -10.30 -1.01
C ILE A 281 -38.21 -10.82 -0.14
N PRO A 282 -38.26 -12.13 0.13
CA PRO A 282 -39.33 -12.66 1.00
C PRO A 282 -39.19 -12.13 2.41
N ARG A 283 -40.30 -11.62 2.95
CA ARG A 283 -40.32 -11.10 4.30
C ARG A 283 -40.76 -12.17 5.29
N ARG A 284 -40.33 -12.02 6.53
CA ARG A 284 -40.69 -12.99 7.57
C ARG A 284 -42.19 -13.01 7.79
N ARG A 285 -42.76 -14.21 7.86
CA ARG A 285 -44.18 -14.34 8.13
C ARG A 285 -44.50 -13.89 9.54
N ASN A 286 -45.54 -13.06 9.68
CA ASN A 286 -45.93 -12.46 10.95
C ASN A 286 -44.75 -11.69 11.56
N ASP A 287 -44.15 -10.83 10.74
CA ASP A 287 -42.99 -10.05 11.18
C ASP A 287 -43.40 -9.07 12.27
N LEU A 288 -42.49 -8.85 13.22
CA LEU A 288 -42.75 -8.01 14.38
C LEU A 288 -42.17 -6.60 14.24
N ASP A 289 -41.45 -6.33 13.15
CA ASP A 289 -40.86 -5.02 12.96
C ASP A 289 -41.86 -4.06 12.31
N ASP A 290 -41.45 -2.81 12.22
CA ASP A 290 -42.32 -1.78 11.64
C ASP A 290 -42.58 -2.08 10.17
N PRO A 291 -43.83 -1.99 9.71
CA PRO A 291 -44.10 -2.29 8.28
C PRO A 291 -43.41 -1.34 7.33
N GLU A 292 -43.25 -0.07 7.70
CA GLU A 292 -42.55 0.88 6.83
C GLU A 292 -41.09 0.54 6.65
N ARG A 293 -40.52 -0.27 7.55
CA ARG A 293 -39.11 -0.61 7.49
C ARG A 293 -38.83 -1.53 6.31
N GLY A 294 -37.75 -1.23 5.59
CA GLY A 294 -37.32 -2.04 4.47
C GLY A 294 -36.48 -3.23 4.91
N MET A 295 -36.06 -4.01 3.92
CA MET A 295 -35.25 -5.20 4.16
C MET A 295 -34.22 -5.32 3.04
N ILE A 296 -32.94 -5.31 3.41
CA ILE A 296 -31.83 -5.42 2.46
C ILE A 296 -30.94 -6.58 2.88
N PHE A 297 -29.99 -6.92 2.01
CA PHE A 297 -28.94 -7.89 2.30
C PHE A 297 -27.71 -7.18 2.84
N VAL A 298 -27.01 -7.84 3.76
CA VAL A 298 -25.87 -7.23 4.43
C VAL A 298 -24.57 -7.81 3.90
N CYS A 299 -24.61 -9.05 3.40
CA CYS A 299 -23.41 -9.67 2.85
C CYS A 299 -23.83 -10.75 1.87
N SER A 300 -22.84 -11.38 1.26
CA SER A 300 -23.07 -12.42 0.27
C SER A 300 -21.90 -13.40 0.24
N ALA A 301 -22.13 -14.54 -0.42
CA ALA A 301 -21.12 -15.57 -0.61
C ALA A 301 -21.46 -16.35 -1.86
N THR A 302 -20.42 -16.78 -2.57
CA THR A 302 -20.57 -17.52 -3.82
C THR A 302 -19.78 -18.82 -3.73
N HIS A 303 -20.43 -19.92 -4.11
CA HIS A 303 -19.81 -21.23 -4.14
C HIS A 303 -19.95 -21.81 -5.54
N LYS A 304 -18.82 -22.08 -6.19
CA LYS A 304 -18.80 -22.69 -7.51
C LYS A 304 -18.43 -24.16 -7.39
N THR A 305 -19.08 -24.99 -8.20
CA THR A 305 -18.83 -26.42 -8.24
C THR A 305 -18.74 -26.85 -9.70
N LYS A 306 -18.10 -28.00 -9.93
CA LYS A 306 -18.01 -28.55 -11.28
C LYS A 306 -19.38 -28.71 -11.91
N SER A 307 -20.39 -29.01 -11.11
CA SER A 307 -21.76 -29.20 -11.61
C SER A 307 -22.51 -27.88 -11.73
N MET A 308 -22.76 -27.20 -10.61
CA MET A 308 -23.59 -26.02 -10.60
C MET A 308 -22.95 -24.98 -9.69
N PHE A 309 -23.71 -23.93 -9.37
CA PHE A 309 -23.27 -22.88 -8.47
C PHE A 309 -24.50 -22.23 -7.84
N PHE A 310 -24.27 -21.52 -6.73
CA PHE A 310 -25.35 -20.85 -6.02
C PHE A 310 -24.76 -19.69 -5.22
N PHE A 311 -25.65 -18.89 -4.65
CA PHE A 311 -25.26 -17.78 -3.79
C PHE A 311 -25.96 -17.88 -2.46
N LEU A 312 -25.39 -17.23 -1.44
CA LEU A 312 -25.99 -17.14 -0.12
C LEU A 312 -26.08 -15.66 0.26
N ALA A 313 -27.31 -15.18 0.48
CA ALA A 313 -27.56 -13.78 0.81
C ALA A 313 -28.21 -13.70 2.18
N GLN A 314 -27.60 -12.96 3.09
CA GLN A 314 -28.12 -12.79 4.45
C GLN A 314 -28.81 -11.43 4.57
N THR A 315 -29.98 -11.44 5.20
CA THR A 315 -30.78 -10.23 5.35
C THR A 315 -30.40 -9.48 6.64
N GLU A 316 -31.10 -8.38 6.90
CA GLU A 316 -30.85 -7.61 8.11
C GLU A 316 -31.23 -8.38 9.36
N GLN A 317 -32.26 -9.23 9.27
CA GLN A 317 -32.68 -10.05 10.41
C GLN A 317 -31.76 -11.23 10.66
N GLY A 318 -30.85 -11.54 9.74
CA GLY A 318 -29.97 -12.67 9.87
C GLY A 318 -30.39 -13.90 9.10
N ASP A 319 -31.40 -13.81 8.25
CA ASP A 319 -31.87 -14.95 7.47
C ASP A 319 -30.99 -15.12 6.23
N ILE A 320 -30.42 -16.30 6.07
CA ILE A 320 -29.61 -16.65 4.90
C ILE A 320 -30.51 -17.36 3.91
N PHE A 321 -30.59 -16.81 2.69
CA PHE A 321 -31.32 -17.39 1.57
C PHE A 321 -30.33 -17.95 0.56
N LYS A 322 -30.63 -19.14 0.04
CA LYS A 322 -29.87 -19.72 -1.06
C LYS A 322 -30.51 -19.31 -2.37
N ILE A 323 -29.70 -18.82 -3.30
CA ILE A 323 -30.17 -18.26 -4.56
C ILE A 323 -29.56 -19.06 -5.71
N THR A 324 -30.41 -19.48 -6.64
CA THR A 324 -30.01 -20.19 -7.85
C THR A 324 -30.66 -19.48 -9.04
N LEU A 325 -30.13 -19.71 -10.23
CA LEU A 325 -30.62 -19.08 -11.45
C LEU A 325 -30.98 -20.14 -12.48
N GLU A 326 -32.07 -19.92 -13.21
CA GLU A 326 -32.49 -20.78 -14.31
C GLU A 326 -32.02 -20.16 -15.62
N THR A 327 -31.42 -20.99 -16.48
CA THR A 327 -30.82 -20.52 -17.73
C THR A 327 -31.23 -21.41 -18.88
N ASP A 328 -31.52 -20.78 -20.03
CA ASP A 328 -31.84 -21.50 -21.26
C ASP A 328 -31.15 -20.78 -22.40
N GLU A 329 -30.22 -21.47 -23.07
CA GLU A 329 -29.44 -20.91 -24.18
C GLU A 329 -28.69 -19.66 -23.74
N ASP A 330 -27.76 -19.87 -22.80
CA ASP A 330 -26.95 -18.82 -22.16
C ASP A 330 -27.72 -17.54 -21.89
N MET A 331 -28.98 -17.67 -21.47
CA MET A 331 -29.80 -16.53 -21.10
C MET A 331 -30.60 -16.90 -19.86
N VAL A 332 -30.59 -16.01 -18.85
CA VAL A 332 -31.26 -16.30 -17.59
C VAL A 332 -32.77 -16.31 -17.80
N THR A 333 -33.46 -17.09 -16.97
CA THR A 333 -34.92 -17.21 -17.03
C THR A 333 -35.59 -16.68 -15.77
N GLU A 334 -35.13 -17.09 -14.60
CA GLU A 334 -35.72 -16.66 -13.34
C GLU A 334 -34.66 -16.69 -12.25
N ILE A 335 -35.00 -16.14 -11.10
CA ILE A 335 -34.14 -16.14 -9.93
C ILE A 335 -34.86 -16.93 -8.84
N ARG A 336 -34.32 -18.09 -8.49
CA ARG A 336 -34.93 -18.95 -7.47
C ARG A 336 -34.33 -18.63 -6.11
N LEU A 337 -35.18 -18.24 -5.17
CA LEU A 337 -34.78 -17.98 -3.79
C LEU A 337 -35.39 -19.02 -2.86
N LYS A 338 -34.63 -19.44 -1.87
CA LYS A 338 -35.10 -20.41 -0.90
C LYS A 338 -34.45 -20.12 0.44
N TYR A 339 -35.28 -20.11 1.50
CA TYR A 339 -34.77 -19.90 2.85
C TYR A 339 -33.79 -20.99 3.24
N PHE A 340 -32.52 -20.63 3.40
CA PHE A 340 -31.50 -21.60 3.77
C PHE A 340 -31.46 -21.81 5.29
N ASP A 341 -31.16 -20.74 6.03
CA ASP A 341 -31.03 -20.87 7.49
C ASP A 341 -31.10 -19.48 8.12
N THR A 342 -30.64 -19.37 9.37
CA THR A 342 -30.62 -18.09 10.07
C THR A 342 -29.51 -18.12 11.10
N VAL A 343 -28.52 -17.25 10.92
CA VAL A 343 -27.41 -17.11 11.87
C VAL A 343 -27.28 -15.62 12.19
N PRO A 344 -26.48 -15.23 13.18
CA PRO A 344 -26.31 -13.80 13.47
C PRO A 344 -25.81 -13.02 12.26
N VAL A 345 -26.05 -11.71 12.28
CA VAL A 345 -25.68 -10.85 11.15
C VAL A 345 -24.18 -10.90 10.94
N ALA A 346 -23.77 -11.25 9.73
CA ALA A 346 -22.37 -11.44 9.39
C ALA A 346 -21.88 -10.33 8.47
N ALA A 347 -20.62 -9.95 8.64
CA ALA A 347 -19.97 -9.02 7.73
C ALA A 347 -19.42 -9.71 6.49
N ALA A 348 -19.16 -11.02 6.57
CA ALA A 348 -18.66 -11.77 5.44
C ALA A 348 -18.96 -13.24 5.67
N MET A 349 -19.30 -13.96 4.60
CA MET A 349 -19.56 -15.39 4.64
C MET A 349 -18.66 -16.10 3.64
N CYS A 350 -18.09 -17.22 4.06
CA CYS A 350 -17.19 -18.01 3.22
C CYS A 350 -17.76 -19.42 3.11
N VAL A 351 -18.18 -19.81 1.90
CA VAL A 351 -18.64 -21.16 1.63
C VAL A 351 -17.45 -21.94 1.09
N LEU A 352 -16.80 -22.68 1.96
CA LEU A 352 -15.62 -23.44 1.57
C LEU A 352 -16.03 -24.79 0.98
N LYS A 353 -15.07 -25.42 0.30
CA LYS A 353 -15.25 -26.80 -0.11
C LYS A 353 -15.23 -27.70 1.12
N THR A 354 -15.32 -29.02 0.88
CA THR A 354 -15.37 -30.02 1.93
C THR A 354 -16.53 -29.79 2.90
N GLY A 355 -17.59 -29.11 2.44
CA GLY A 355 -18.79 -28.92 3.22
C GLY A 355 -18.64 -28.18 4.53
N PHE A 356 -18.45 -26.87 4.47
CA PHE A 356 -18.33 -26.05 5.66
C PHE A 356 -18.73 -24.62 5.31
N LEU A 357 -19.06 -23.85 6.35
CA LEU A 357 -19.45 -22.45 6.19
C LEU A 357 -18.91 -21.65 7.36
N PHE A 358 -18.01 -20.71 7.07
CA PHE A 358 -17.46 -19.82 8.08
C PHE A 358 -18.24 -18.51 8.06
N VAL A 359 -18.79 -18.13 9.21
CA VAL A 359 -19.58 -16.92 9.36
C VAL A 359 -18.86 -16.01 10.33
N ALA A 360 -18.43 -14.84 9.83
CA ALA A 360 -17.76 -13.84 10.66
C ALA A 360 -18.77 -12.74 10.92
N SER A 361 -19.35 -12.75 12.13
CA SER A 361 -20.37 -11.77 12.48
C SER A 361 -19.77 -10.37 12.61
N GLU A 362 -20.60 -9.37 12.33
CA GLU A 362 -20.15 -7.99 12.45
C GLU A 362 -19.80 -7.66 13.90
N PHE A 363 -20.62 -8.11 14.84
CA PHE A 363 -20.35 -7.98 16.26
C PHE A 363 -20.51 -9.33 16.93
N GLY A 364 -19.93 -9.46 18.11
CA GLY A 364 -20.03 -10.71 18.84
C GLY A 364 -19.13 -11.79 18.25
N ASN A 365 -19.31 -13.00 18.79
CA ASN A 365 -18.49 -14.14 18.40
C ASN A 365 -18.76 -14.53 16.95
N HIS A 366 -17.81 -15.26 16.37
CA HIS A 366 -17.93 -15.78 15.02
C HIS A 366 -18.13 -17.29 15.09
N TYR A 367 -18.59 -17.88 13.98
CA TYR A 367 -18.96 -19.28 14.01
C TYR A 367 -18.45 -20.00 12.77
N LEU A 368 -18.34 -21.33 12.89
CA LEU A 368 -18.07 -22.20 11.78
C LEU A 368 -19.06 -23.35 11.84
N TYR A 369 -19.93 -23.44 10.84
CA TYR A 369 -20.95 -24.46 10.73
C TYR A 369 -20.54 -25.49 9.69
N GLN A 370 -21.18 -26.65 9.75
CA GLN A 370 -21.00 -27.70 8.75
C GLN A 370 -22.24 -27.78 7.88
N ILE A 371 -22.04 -27.76 6.56
CA ILE A 371 -23.15 -27.90 5.61
C ILE A 371 -23.47 -29.38 5.49
N ALA A 372 -24.61 -29.78 6.05
CA ALA A 372 -25.05 -31.18 5.96
C ALA A 372 -25.94 -31.40 4.75
N HIS A 373 -26.99 -30.59 4.60
CA HIS A 373 -27.94 -30.72 3.52
C HIS A 373 -27.96 -29.42 2.71
N LEU A 374 -27.97 -29.56 1.38
CA LEU A 374 -28.05 -28.37 0.53
C LEU A 374 -29.41 -27.70 0.66
N GLY A 375 -30.47 -28.49 0.85
CA GLY A 375 -31.80 -27.95 1.10
C GLY A 375 -32.80 -28.15 -0.02
N ASP A 376 -32.36 -28.56 -1.21
CA ASP A 376 -33.29 -28.68 -2.34
C ASP A 376 -34.32 -29.78 -2.11
N ASP A 377 -33.95 -30.86 -1.41
CA ASP A 377 -34.87 -31.96 -1.18
C ASP A 377 -36.03 -31.58 -0.29
N ASP A 378 -35.88 -30.54 0.54
CA ASP A 378 -36.90 -30.19 1.52
C ASP A 378 -38.17 -29.67 0.83
N GLU A 379 -39.30 -29.84 1.50
CA GLU A 379 -40.59 -29.37 1.03
C GLU A 379 -40.79 -27.88 1.26
N GLU A 380 -39.81 -27.18 1.84
CA GLU A 380 -39.97 -25.78 2.15
C GLU A 380 -40.14 -24.96 0.88
N PRO A 381 -40.96 -23.90 0.92
CA PRO A 381 -41.31 -23.18 -0.31
C PRO A 381 -40.11 -22.48 -0.93
N GLU A 382 -39.92 -22.70 -2.23
CA GLU A 382 -38.95 -21.99 -3.03
C GLU A 382 -39.65 -20.89 -3.81
N PHE A 383 -39.11 -19.68 -3.76
CA PHE A 383 -39.71 -18.54 -4.43
C PHE A 383 -38.92 -18.19 -5.68
N SER A 384 -39.63 -17.69 -6.69
CA SER A 384 -39.04 -17.34 -7.97
C SER A 384 -39.53 -15.96 -8.41
N SER A 385 -38.88 -15.44 -9.45
CA SER A 385 -39.27 -14.14 -10.01
C SER A 385 -40.41 -14.26 -11.01
N ALA A 386 -40.71 -15.47 -11.48
CA ALA A 386 -41.82 -15.68 -12.41
C ALA A 386 -43.16 -15.77 -11.71
N MET A 387 -43.18 -15.85 -10.39
CA MET A 387 -44.44 -15.95 -9.67
C MET A 387 -45.19 -14.62 -9.73
N PRO A 388 -46.48 -14.62 -10.02
CA PRO A 388 -47.23 -13.35 -10.02
C PRO A 388 -47.35 -12.79 -8.61
N LEU A 389 -47.31 -11.46 -8.52
CA LEU A 389 -47.43 -10.77 -7.25
C LEU A 389 -47.97 -9.37 -7.48
N GLU A 390 -48.82 -8.92 -6.57
CA GLU A 390 -49.19 -7.52 -6.54
C GLU A 390 -47.96 -6.67 -6.22
N GLU A 391 -48.00 -5.41 -6.63
CA GLU A 391 -46.83 -4.54 -6.46
C GLU A 391 -46.46 -4.39 -4.99
N GLY A 392 -47.45 -4.16 -4.13
CA GLY A 392 -47.17 -4.05 -2.71
C GLY A 392 -46.99 -5.39 -2.02
N ASP A 393 -47.57 -6.45 -2.57
CA ASP A 393 -47.49 -7.76 -1.94
C ASP A 393 -46.10 -8.35 -2.07
N THR A 394 -45.63 -8.99 -1.00
CA THR A 394 -44.36 -9.69 -0.98
C THR A 394 -44.57 -11.10 -0.44
N PHE A 395 -43.62 -11.97 -0.72
CA PHE A 395 -43.71 -13.34 -0.25
C PHE A 395 -43.55 -13.39 1.28
N PHE A 396 -43.88 -14.55 1.83
CA PHE A 396 -43.77 -14.79 3.28
C PHE A 396 -43.16 -16.16 3.52
N PHE A 397 -42.35 -16.26 4.57
CA PHE A 397 -41.69 -17.50 4.93
C PHE A 397 -41.60 -17.59 6.45
N GLN A 398 -41.53 -18.82 6.95
CA GLN A 398 -41.47 -19.05 8.39
C GLN A 398 -40.06 -19.39 8.81
N PRO A 399 -39.44 -18.60 9.69
CA PRO A 399 -38.10 -18.96 10.18
C PRO A 399 -38.18 -20.12 11.16
N ARG A 400 -37.09 -20.89 11.23
CA ARG A 400 -37.02 -22.06 12.09
C ARG A 400 -35.57 -22.28 12.48
N PRO A 401 -35.32 -23.10 13.51
CA PRO A 401 -33.93 -23.35 13.93
C PRO A 401 -33.08 -24.01 12.84
N LEU A 402 -31.80 -24.24 13.16
CA LEU A 402 -30.85 -24.75 12.17
C LEU A 402 -31.25 -26.14 11.69
N LYS A 403 -31.50 -26.25 10.38
CA LYS A 403 -31.81 -27.52 9.74
C LYS A 403 -30.70 -28.03 8.84
N ASN A 404 -30.07 -27.16 8.06
CA ASN A 404 -29.02 -27.55 7.14
C ASN A 404 -27.62 -27.27 7.66
N LEU A 405 -27.49 -26.49 8.73
CA LEU A 405 -26.20 -26.14 9.30
C LEU A 405 -26.10 -26.69 10.72
N VAL A 406 -24.93 -27.19 11.08
CA VAL A 406 -24.64 -27.65 12.43
C VAL A 406 -23.36 -26.96 12.89
N LEU A 407 -23.44 -26.25 14.02
CA LEU A 407 -22.31 -25.50 14.53
C LEU A 407 -21.21 -26.45 14.99
N VAL A 408 -20.05 -26.38 14.34
CA VAL A 408 -18.91 -27.20 14.73
C VAL A 408 -17.83 -26.40 15.45
N ASP A 409 -17.82 -25.08 15.35
CA ASP A 409 -16.84 -24.30 16.10
C ASP A 409 -17.36 -22.89 16.36
N GLU A 410 -16.88 -22.30 17.44
CA GLU A 410 -17.22 -20.93 17.81
C GLU A 410 -15.95 -20.20 18.22
N LEU A 411 -15.74 -19.02 17.65
CA LEU A 411 -14.58 -18.19 17.94
C LEU A 411 -15.02 -17.01 18.80
N ASP A 412 -14.42 -16.90 19.99
CA ASP A 412 -14.76 -15.85 20.93
C ASP A 412 -14.34 -14.48 20.38
N SER A 413 -15.14 -13.46 20.70
CA SER A 413 -14.87 -12.10 20.24
C SER A 413 -15.36 -11.12 21.30
N LEU A 414 -14.43 -10.36 21.87
CA LEU A 414 -14.77 -9.36 22.87
C LEU A 414 -15.44 -8.13 22.27
N SER A 415 -15.33 -7.92 20.96
CA SER A 415 -15.94 -6.76 20.34
C SER A 415 -17.46 -6.90 20.35
N PRO A 416 -18.21 -5.80 20.54
CA PRO A 416 -17.67 -4.47 20.84
C PRO A 416 -17.67 -4.13 22.33
N ILE A 417 -16.51 -3.83 22.89
CA ILE A 417 -16.42 -3.51 24.31
C ILE A 417 -16.98 -2.11 24.55
N LEU A 418 -18.06 -2.04 25.32
CA LEU A 418 -18.66 -0.75 25.64
C LEU A 418 -18.19 -0.22 26.98
N PHE A 419 -17.86 -1.09 27.93
CA PHE A 419 -17.31 -0.62 29.19
C PHE A 419 -16.48 -1.73 29.82
N CYS A 420 -15.54 -1.33 30.68
CA CYS A 420 -14.68 -2.31 31.34
C CYS A 420 -14.16 -1.74 32.65
N GLN A 421 -14.10 -2.61 33.66
CA GLN A 421 -13.56 -2.26 34.96
C GLN A 421 -12.68 -3.40 35.46
N ILE A 422 -11.48 -3.06 35.91
CA ILE A 422 -10.52 -4.05 36.41
C ILE A 422 -10.53 -4.00 37.93
N ALA A 423 -10.91 -5.11 38.56
CA ALA A 423 -11.00 -5.15 40.02
C ALA A 423 -10.97 -6.60 40.48
N ASP A 424 -10.58 -6.78 41.74
CA ASP A 424 -10.52 -8.09 42.37
C ASP A 424 -11.83 -8.33 43.13
N LEU A 425 -12.77 -9.01 42.48
CA LEU A 425 -14.04 -9.35 43.09
C LEU A 425 -14.17 -10.83 43.44
N ALA A 426 -13.33 -11.69 42.86
CA ALA A 426 -13.24 -13.09 43.24
C ALA A 426 -12.30 -13.32 44.41
N ASN A 427 -11.82 -12.24 45.04
CA ASN A 427 -10.91 -12.31 46.19
C ASN A 427 -9.68 -13.16 45.88
N GLU A 428 -9.15 -12.99 44.68
CA GLU A 428 -7.86 -13.55 44.30
C GLU A 428 -6.81 -12.46 44.39
N ASP A 429 -5.54 -12.87 44.42
CA ASP A 429 -4.48 -11.87 44.50
C ASP A 429 -4.45 -10.99 43.25
N THR A 430 -4.76 -11.56 42.08
CA THR A 430 -4.77 -10.84 40.81
C THR A 430 -6.18 -10.39 40.47
N PRO A 431 -6.37 -9.13 40.10
CA PRO A 431 -7.71 -8.66 39.73
C PRO A 431 -8.19 -9.30 38.43
N GLN A 432 -9.51 -9.21 38.22
CA GLN A 432 -10.14 -9.69 37.00
C GLN A 432 -10.70 -8.51 36.21
N LEU A 433 -10.87 -8.72 34.91
CA LEU A 433 -11.39 -7.71 34.01
C LEU A 433 -12.86 -7.99 33.73
N TYR A 434 -13.74 -7.10 34.18
CA TYR A 434 -15.17 -7.23 33.95
C TYR A 434 -15.53 -6.33 32.78
N VAL A 435 -15.93 -6.94 31.67
CA VAL A 435 -16.10 -6.27 30.39
C VAL A 435 -17.55 -6.39 29.97
N ALA A 436 -18.26 -5.27 29.92
CA ALA A 436 -19.61 -5.21 29.39
C ALA A 436 -19.51 -4.89 27.90
N CYS A 437 -19.89 -5.86 27.06
CA CYS A 437 -19.73 -5.74 25.62
C CYS A 437 -20.91 -6.42 24.94
N GLY A 438 -20.79 -6.64 23.64
CA GLY A 438 -21.85 -7.24 22.86
C GLY A 438 -22.88 -6.22 22.41
N ARG A 439 -23.73 -6.64 21.49
CA ARG A 439 -24.71 -5.77 20.88
C ARG A 439 -26.08 -6.43 20.88
N GLY A 440 -27.11 -5.66 21.26
CA GLY A 440 -28.48 -6.12 21.24
C GLY A 440 -28.70 -7.33 22.12
N PRO A 441 -29.45 -8.31 21.61
CA PRO A 441 -29.70 -9.54 22.39
C PRO A 441 -28.49 -10.43 22.54
N ARG A 442 -27.40 -10.16 21.81
CA ARG A 442 -26.17 -10.93 21.91
C ARG A 442 -25.16 -10.27 22.83
N SER A 443 -25.56 -9.26 23.61
CA SER A 443 -24.66 -8.60 24.53
C SER A 443 -24.34 -9.52 25.71
N SER A 444 -23.25 -9.20 26.41
CA SER A 444 -22.83 -10.04 27.52
C SER A 444 -21.82 -9.30 28.38
N LEU A 445 -21.73 -9.72 29.64
CA LEU A 445 -20.68 -9.29 30.55
C LEU A 445 -19.74 -10.45 30.77
N ARG A 446 -18.44 -10.22 30.53
CA ARG A 446 -17.44 -11.27 30.54
C ARG A 446 -16.37 -10.97 31.57
N VAL A 447 -15.97 -11.99 32.31
CA VAL A 447 -14.87 -11.94 33.25
C VAL A 447 -13.63 -12.50 32.57
N LEU A 448 -12.53 -11.76 32.66
CA LEU A 448 -11.26 -12.09 32.01
C LEU A 448 -10.20 -12.26 33.08
N ARG A 449 -9.49 -13.40 33.03
CA ARG A 449 -8.36 -13.68 33.91
C ARG A 449 -7.18 -14.15 33.06
N HIS A 450 -5.98 -13.79 33.48
CA HIS A 450 -4.79 -14.12 32.70
C HIS A 450 -3.99 -15.25 33.34
N GLY A 451 -3.12 -14.92 34.27
CA GLY A 451 -2.28 -15.92 34.93
C GLY A 451 -1.04 -16.27 34.13
N VAL A 465 -2.36 -13.73 26.72
CA VAL A 465 -3.62 -14.41 26.46
C VAL A 465 -4.57 -14.19 27.64
N PHE A 466 -5.86 -14.50 27.43
CA PHE A 466 -6.88 -14.27 28.44
C PHE A 466 -7.92 -15.37 28.39
N ASN A 467 -8.20 -15.97 29.55
CA ASN A 467 -9.33 -16.87 29.71
C ASN A 467 -10.55 -16.07 30.11
N GLN A 468 -11.70 -16.42 29.54
CA GLN A 468 -12.91 -15.63 29.70
C GLN A 468 -14.11 -16.51 30.04
N VAL A 469 -15.05 -15.92 30.78
CA VAL A 469 -16.38 -16.48 30.98
C VAL A 469 -17.39 -15.39 30.69
N ALA A 470 -18.56 -15.78 30.18
CA ALA A 470 -19.54 -14.82 29.69
C ALA A 470 -20.92 -15.10 30.27
N PHE A 471 -21.59 -14.03 30.71
CA PHE A 471 -22.97 -14.08 31.15
C PHE A 471 -23.81 -13.20 30.24
N PRO A 472 -24.84 -13.73 29.59
CA PRO A 472 -25.61 -12.91 28.64
C PRO A 472 -26.37 -11.78 29.32
N LEU A 473 -26.78 -10.82 28.50
CA LEU A 473 -27.53 -9.66 28.95
C LEU A 473 -28.69 -9.41 28.00
N GLN A 474 -29.63 -8.57 28.44
CA GLN A 474 -30.84 -8.32 27.67
C GLN A 474 -30.54 -7.43 26.46
N TYR A 475 -29.97 -6.26 26.70
CA TYR A 475 -29.67 -5.33 25.62
C TYR A 475 -28.21 -4.88 25.67
N THR A 476 -27.87 -3.89 24.86
CA THR A 476 -26.49 -3.39 24.80
C THR A 476 -26.15 -2.64 26.07
N PRO A 477 -25.16 -3.06 26.84
CA PRO A 477 -24.79 -2.32 28.06
C PRO A 477 -24.14 -0.99 27.74
N ARG A 478 -24.38 -0.01 28.59
CA ARG A 478 -23.82 1.32 28.45
C ARG A 478 -22.78 1.66 29.50
N LYS A 479 -22.99 1.25 30.74
CA LYS A 479 -22.11 1.57 31.86
C LYS A 479 -22.46 0.65 33.02
N PHE A 480 -21.49 0.44 33.91
CA PHE A 480 -21.76 -0.35 35.09
C PHE A 480 -20.79 0.04 36.20
N VAL A 481 -21.28 -0.07 37.44
CA VAL A 481 -20.52 0.31 38.63
C VAL A 481 -20.53 -0.85 39.60
N ILE A 482 -19.49 -0.92 40.42
CA ILE A 482 -19.33 -1.97 41.42
C ILE A 482 -19.80 -1.42 42.77
N HIS A 483 -20.59 -2.21 43.48
CA HIS A 483 -21.04 -1.86 44.82
C HIS A 483 -19.93 -2.20 45.81
N PRO A 484 -19.33 -1.20 46.46
CA PRO A 484 -18.15 -1.47 47.30
C PRO A 484 -18.43 -2.38 48.48
N GLU A 485 -19.66 -2.42 48.98
CA GLU A 485 -20.00 -3.20 50.17
C GLU A 485 -20.32 -4.66 49.85
N SER A 486 -20.46 -5.02 48.58
CA SER A 486 -20.88 -6.38 48.24
C SER A 486 -20.27 -6.86 46.92
N ASN A 487 -19.58 -5.96 46.21
CA ASN A 487 -18.89 -6.26 44.96
C ASN A 487 -19.83 -6.71 43.84
N ASN A 488 -21.12 -6.45 43.98
CA ASN A 488 -22.09 -6.78 42.93
C ASN A 488 -22.20 -5.64 41.93
N LEU A 489 -22.46 -6.01 40.68
CA LEU A 489 -22.44 -5.07 39.56
C LEU A 489 -23.84 -4.60 39.23
N ILE A 490 -23.95 -3.31 38.89
CA ILE A 490 -25.20 -2.69 38.50
C ILE A 490 -25.06 -2.28 37.04
N ILE A 491 -25.70 -3.04 36.16
CA ILE A 491 -25.60 -2.85 34.72
C ILE A 491 -26.79 -2.03 34.26
N ILE A 492 -26.57 -1.18 33.25
CA ILE A 492 -27.64 -0.54 32.52
C ILE A 492 -27.52 -0.94 31.06
N GLU A 493 -28.62 -1.42 30.48
CA GLU A 493 -28.63 -1.94 29.12
C GLU A 493 -29.63 -1.12 28.30
N THR A 494 -29.15 -0.44 27.28
CA THR A 494 -29.96 0.47 26.49
C THR A 494 -29.75 0.20 25.01
N ASP A 495 -30.84 0.24 24.24
CA ASP A 495 -30.78 0.08 22.79
C ASP A 495 -31.80 0.99 22.13
N HIS A 496 -31.40 1.54 20.98
CA HIS A 496 -32.25 2.43 20.21
C HIS A 496 -33.16 1.63 19.28
N ASN A 497 -34.31 2.23 18.95
CA ASN A 497 -35.33 1.62 18.08
C ASN A 497 -35.61 0.16 18.44
N ALA A 498 -35.51 -0.16 19.72
CA ALA A 498 -35.81 -1.50 20.22
C ALA A 498 -37.15 -1.50 20.95
N TYR A 499 -37.68 -2.70 21.16
CA TYR A 499 -38.97 -2.89 21.78
C TYR A 499 -38.80 -3.45 23.19
N THR A 500 -39.52 -2.88 24.15
CA THR A 500 -39.52 -3.42 25.50
C THR A 500 -40.33 -4.72 25.54
N GLU A 501 -40.11 -5.50 26.60
CA GLU A 501 -40.81 -6.77 26.76
C GLU A 501 -42.32 -6.56 26.78
N ALA A 502 -42.79 -5.56 27.53
CA ALA A 502 -44.22 -5.30 27.63
C ALA A 502 -44.79 -4.88 26.28
N THR A 503 -44.11 -3.95 25.59
CA THR A 503 -44.58 -3.53 24.27
C THR A 503 -44.45 -4.65 23.25
N LYS A 504 -43.47 -5.54 23.42
CA LYS A 504 -43.36 -6.71 22.56
C LYS A 504 -44.59 -7.60 22.71
N ALA A 505 -44.97 -7.90 23.94
CA ALA A 505 -46.18 -8.69 24.18
C ALA A 505 -47.42 -7.98 23.68
N GLN A 506 -47.46 -6.64 23.83
CA GLN A 506 -48.62 -5.88 23.36
C GLN A 506 -48.73 -5.93 21.84
N ARG A 507 -47.60 -5.83 21.14
CA ARG A 507 -47.61 -5.94 19.68
C ARG A 507 -48.05 -7.33 19.25
N LYS A 508 -47.55 -8.37 19.93
CA LYS A 508 -48.00 -9.73 19.63
C LYS A 508 -49.51 -9.87 19.84
N GLN A 509 -50.03 -9.28 20.92
CA GLN A 509 -51.46 -9.37 21.22
C GLN A 509 -52.30 -8.63 20.18
N GLN A 510 -51.84 -7.44 19.76
CA GLN A 510 -52.57 -6.70 18.74
C GLN A 510 -52.55 -7.43 17.41
N MET A 511 -51.41 -8.05 17.07
CA MET A 511 -51.34 -8.83 15.84
C MET A 511 -52.26 -10.04 15.91
N ALA A 512 -52.35 -10.68 17.08
CA ALA A 512 -53.27 -11.81 17.23
C ALA A 512 -54.71 -11.37 17.14
N GLU A 513 -55.03 -10.18 17.67
CA GLU A 513 -56.38 -9.64 17.52
C GLU A 513 -56.70 -9.37 16.05
N GLU A 514 -55.76 -8.78 15.32
CA GLU A 514 -55.97 -8.53 13.90
C GLU A 514 -56.01 -9.82 13.08
N MET A 515 -55.43 -10.90 13.60
CA MET A 515 -55.34 -12.14 12.82
C MET A 515 -56.70 -12.81 12.68
N VAL A 516 -57.54 -12.73 13.72
CA VAL A 516 -58.82 -13.41 13.70
C VAL A 516 -59.84 -12.72 12.81
N GLU A 517 -59.61 -11.45 12.45
CA GLU A 517 -60.54 -10.71 11.61
C GLU A 517 -60.22 -11.01 10.15
N ALA A 518 -60.65 -12.17 9.71
CA ALA A 518 -60.44 -12.60 8.33
C ALA A 518 -61.49 -13.62 7.91
N GLU A 523 -63.34 -21.33 8.54
CA GLU A 523 -61.96 -20.88 8.40
C GLU A 523 -61.52 -20.10 9.65
N ARG A 524 -62.50 -19.52 10.35
CA ARG A 524 -62.18 -18.72 11.53
C ARG A 524 -61.63 -19.57 12.66
N GLU A 525 -62.01 -20.86 12.71
CA GLU A 525 -61.46 -21.74 13.72
C GLU A 525 -59.98 -22.01 13.47
N LEU A 526 -59.58 -22.08 12.19
CA LEU A 526 -58.17 -22.30 11.87
C LEU A 526 -57.36 -21.03 12.14
N ALA A 527 -57.95 -19.86 11.89
CA ALA A 527 -57.24 -18.61 12.14
C ALA A 527 -56.96 -18.43 13.62
N ALA A 528 -57.92 -18.79 14.48
CA ALA A 528 -57.70 -18.68 15.92
C ALA A 528 -56.61 -19.64 16.37
N GLU A 529 -56.57 -20.85 15.80
CA GLU A 529 -55.53 -21.81 16.13
C GLU A 529 -54.16 -21.30 15.70
N MET A 530 -54.07 -20.72 14.50
CA MET A 530 -52.80 -20.17 14.04
C MET A 530 -52.36 -19.00 14.91
N ALA A 531 -53.31 -18.15 15.32
CA ALA A 531 -52.96 -17.04 16.19
C ALA A 531 -52.49 -17.52 17.56
N ALA A 532 -53.13 -18.55 18.11
CA ALA A 532 -52.70 -19.09 19.38
C ALA A 532 -51.32 -19.73 19.28
N ALA A 533 -51.06 -20.44 18.18
CA ALA A 533 -49.74 -21.03 17.98
C ALA A 533 -48.66 -19.96 17.84
N PHE A 534 -49.00 -18.85 17.17
CA PHE A 534 -48.04 -17.75 17.05
C PHE A 534 -47.81 -17.06 18.38
N LEU A 535 -48.85 -16.97 19.21
CA LEU A 535 -48.71 -16.36 20.53
C LEU A 535 -47.87 -17.24 21.45
N ASN A 536 -48.07 -18.55 21.38
CA ASN A 536 -47.40 -19.48 22.28
C ASN A 536 -45.96 -19.77 21.89
N GLU A 537 -45.50 -19.26 20.75
CA GLU A 537 -44.14 -19.50 20.28
C GLU A 537 -43.33 -18.22 20.37
N ASN A 538 -42.15 -18.31 21.01
CA ASN A 538 -41.25 -17.17 21.18
C ASN A 538 -39.91 -17.52 20.55
N LEU A 539 -39.62 -16.88 19.42
CA LEU A 539 -38.32 -17.08 18.79
C LEU A 539 -37.23 -16.44 19.63
N PRO A 540 -36.17 -17.16 19.98
CA PRO A 540 -35.10 -16.58 20.79
C PRO A 540 -34.42 -15.43 20.06
N GLU A 541 -34.43 -14.25 20.69
CA GLU A 541 -33.80 -13.09 20.09
C GLU A 541 -32.29 -13.24 19.97
N SER A 542 -31.67 -14.08 20.80
CA SER A 542 -30.23 -14.24 20.76
C SER A 542 -29.76 -14.90 19.47
N ILE A 543 -30.60 -15.75 18.87
CA ILE A 543 -30.23 -16.45 17.65
C ILE A 543 -31.01 -15.95 16.44
N PHE A 544 -32.21 -15.40 16.64
CA PHE A 544 -33.04 -14.92 15.54
C PHE A 544 -33.06 -13.39 15.42
N GLY A 545 -32.29 -12.69 16.25
CA GLY A 545 -32.28 -11.24 16.20
C GLY A 545 -33.50 -10.63 16.85
N ALA A 546 -33.28 -9.70 17.77
CA ALA A 546 -34.40 -9.09 18.48
C ALA A 546 -35.20 -8.21 17.52
N PRO A 547 -36.51 -8.43 17.41
CA PRO A 547 -37.33 -7.60 16.51
C PRO A 547 -37.38 -6.15 16.97
N LYS A 548 -36.50 -5.33 16.41
CA LYS A 548 -36.35 -3.94 16.83
C LYS A 548 -36.72 -3.02 15.67
N ALA A 549 -37.58 -2.06 15.94
CA ALA A 549 -38.03 -1.10 14.94
C ALA A 549 -38.61 0.11 15.64
N GLY A 550 -39.07 1.09 14.83
CA GLY A 550 -39.56 2.33 15.37
C GLY A 550 -38.45 3.32 15.62
N ASN A 551 -38.29 4.30 14.72
CA ASN A 551 -37.11 5.15 14.74
C ASN A 551 -36.98 5.95 16.03
N GLY A 552 -38.09 6.27 16.68
CA GLY A 552 -38.03 7.09 17.88
C GLY A 552 -38.07 6.31 19.18
N GLN A 553 -38.30 5.00 19.09
CA GLN A 553 -38.45 4.18 20.27
C GLN A 553 -37.09 3.80 20.87
N TRP A 554 -37.13 3.29 22.10
CA TRP A 554 -35.94 2.90 22.83
C TRP A 554 -36.26 1.71 23.71
N ALA A 555 -35.24 1.18 24.40
CA ALA A 555 -35.46 0.09 25.35
C ALA A 555 -34.32 0.09 26.35
N SER A 556 -34.65 0.21 27.65
CA SER A 556 -33.66 0.25 28.71
C SER A 556 -34.04 -0.70 29.83
N VAL A 557 -33.02 -1.25 30.49
CA VAL A 557 -33.19 -2.24 31.55
C VAL A 557 -32.07 -2.06 32.57
N ILE A 558 -32.44 -2.01 33.85
CA ILE A 558 -31.47 -1.99 34.94
C ILE A 558 -31.32 -3.41 35.47
N ARG A 559 -30.09 -3.80 35.81
CA ARG A 559 -29.83 -5.16 36.23
C ARG A 559 -28.80 -5.18 37.35
N VAL A 560 -28.94 -6.14 38.25
CA VAL A 560 -27.97 -6.40 39.30
C VAL A 560 -27.43 -7.81 39.10
N MET A 561 -26.12 -7.97 39.22
CA MET A 561 -25.50 -9.25 38.91
C MET A 561 -24.36 -9.53 39.87
N ASN A 562 -24.29 -10.76 40.34
CA ASN A 562 -23.15 -11.20 41.14
C ASN A 562 -21.99 -11.55 40.21
N PRO A 563 -20.79 -11.00 40.42
CA PRO A 563 -19.70 -11.19 39.45
C PRO A 563 -19.06 -12.57 39.50
N ILE A 564 -19.40 -13.41 40.48
CA ILE A 564 -18.75 -14.71 40.62
C ILE A 564 -19.51 -15.80 39.87
N GLN A 565 -20.84 -15.84 40.01
CA GLN A 565 -21.65 -16.82 39.33
C GLN A 565 -22.48 -16.24 38.20
N GLY A 566 -22.50 -14.92 38.03
CA GLY A 566 -23.25 -14.31 36.96
C GLY A 566 -24.76 -14.41 37.09
N ASN A 567 -25.27 -14.61 38.30
CA ASN A 567 -26.70 -14.71 38.51
C ASN A 567 -27.34 -13.34 38.62
N THR A 568 -28.42 -13.12 37.90
CA THR A 568 -29.15 -11.85 37.95
C THR A 568 -29.84 -11.73 39.30
N LEU A 569 -29.41 -10.76 40.10
CA LEU A 569 -29.99 -10.58 41.43
C LEU A 569 -31.28 -9.78 41.38
N ASP A 570 -31.42 -8.87 40.42
CA ASP A 570 -32.63 -8.08 40.26
C ASP A 570 -32.65 -7.49 38.85
N LEU A 571 -33.85 -7.24 38.35
CA LEU A 571 -34.01 -6.72 36.99
C LEU A 571 -35.21 -5.78 36.97
N VAL A 572 -35.03 -4.61 36.38
CA VAL A 572 -36.06 -3.59 36.30
C VAL A 572 -36.20 -3.17 34.84
N GLN A 573 -37.36 -3.45 34.24
CA GLN A 573 -37.69 -2.92 32.93
C GLN A 573 -38.15 -1.47 33.06
N LEU A 574 -38.09 -0.75 31.94
CA LEU A 574 -38.39 0.67 31.93
C LEU A 574 -39.44 0.98 30.88
N GLU A 575 -39.74 2.27 30.73
CA GLU A 575 -40.79 2.73 29.83
C GLU A 575 -40.33 2.61 28.38
N GLN A 576 -41.31 2.54 27.48
CA GLN A 576 -41.05 2.27 26.06
C GLN A 576 -40.15 3.34 25.43
N ASN A 577 -40.23 4.59 25.89
CA ASN A 577 -39.47 5.67 25.28
C ASN A 577 -38.38 6.22 26.21
N GLU A 578 -37.83 5.37 27.07
CA GLU A 578 -36.83 5.79 28.05
C GLU A 578 -35.52 5.06 27.80
N ALA A 579 -34.43 5.82 27.75
CA ALA A 579 -33.11 5.31 27.42
C ALA A 579 -32.14 5.67 28.54
N ALA A 580 -31.55 4.66 29.18
CA ALA A 580 -30.61 4.89 30.27
C ALA A 580 -29.22 5.19 29.74
N PHE A 581 -28.56 6.17 30.34
CA PHE A 581 -27.23 6.58 29.90
C PHE A 581 -26.25 6.87 31.03
N SER A 582 -26.66 6.78 32.29
CA SER A 582 -25.77 7.03 33.41
C SER A 582 -26.20 6.18 34.60
N VAL A 583 -25.23 5.85 35.44
CA VAL A 583 -25.48 5.00 36.61
C VAL A 583 -24.36 5.24 37.62
N ALA A 584 -24.73 5.22 38.89
CA ALA A 584 -23.77 5.40 39.97
C ALA A 584 -24.35 4.89 41.27
N VAL A 585 -23.47 4.41 42.15
CA VAL A 585 -23.83 3.99 43.49
C VAL A 585 -23.14 4.93 44.47
N CYS A 586 -23.92 5.48 45.40
CA CYS A 586 -23.38 6.53 46.26
C CYS A 586 -24.02 6.46 47.64
N ARG A 587 -23.30 7.01 48.61
CA ARG A 587 -23.81 7.23 49.96
C ARG A 587 -24.00 8.72 50.17
N PHE A 588 -25.10 9.11 50.80
CA PHE A 588 -25.43 10.51 50.98
C PHE A 588 -25.15 10.94 52.42
N SER A 589 -24.69 12.19 52.57
CA SER A 589 -24.34 12.69 53.89
C SER A 589 -25.59 12.95 54.74
N ASN A 590 -26.66 13.45 54.12
CA ASN A 590 -27.88 13.74 54.87
C ASN A 590 -28.49 12.48 55.47
N THR A 591 -28.34 11.35 54.80
CA THR A 591 -28.78 10.07 55.32
C THR A 591 -27.58 9.32 55.90
N GLY A 592 -27.83 8.11 56.39
CA GLY A 592 -26.77 7.31 56.99
C GLY A 592 -25.89 6.64 55.96
N GLU A 593 -25.42 5.43 56.27
CA GLU A 593 -24.59 4.66 55.35
C GLU A 593 -25.43 3.82 54.39
N ASP A 594 -26.71 4.13 54.24
CA ASP A 594 -27.55 3.42 53.29
C ASP A 594 -27.14 3.74 51.86
N TRP A 595 -27.29 2.76 50.98
CA TRP A 595 -26.80 2.84 49.62
C TRP A 595 -27.94 3.18 48.66
N TYR A 596 -27.71 4.19 47.83
CA TYR A 596 -28.65 4.59 46.80
C TYR A 596 -28.01 4.43 45.43
N VAL A 597 -28.87 4.31 44.41
CA VAL A 597 -28.42 4.13 43.03
C VAL A 597 -29.28 5.03 42.14
N LEU A 598 -28.64 5.93 41.41
CA LEU A 598 -29.32 6.85 40.51
C LEU A 598 -29.05 6.45 39.07
N VAL A 599 -30.09 6.51 38.25
CA VAL A 599 -30.00 6.16 36.83
C VAL A 599 -30.57 7.29 36.02
N GLY A 600 -29.75 7.89 35.16
CA GLY A 600 -30.19 8.95 34.28
C GLY A 600 -30.78 8.37 32.99
N VAL A 601 -31.91 8.93 32.59
CA VAL A 601 -32.68 8.41 31.46
C VAL A 601 -33.20 9.57 30.63
N ALA A 602 -33.27 9.35 29.32
CA ALA A 602 -33.78 10.33 28.37
C ALA A 602 -35.07 9.82 27.74
N LYS A 603 -35.99 10.74 27.46
CA LYS A 603 -37.30 10.38 26.92
C LYS A 603 -37.42 10.86 25.49
N ASP A 604 -37.86 9.97 24.59
CA ASP A 604 -38.13 10.29 23.19
C ASP A 604 -36.89 10.88 22.51
N LEU A 605 -35.76 10.18 22.65
CA LEU A 605 -34.51 10.62 22.03
C LEU A 605 -34.51 10.17 20.57
N ILE A 606 -34.68 11.12 19.66
CA ILE A 606 -34.55 10.87 18.23
C ILE A 606 -33.27 11.58 17.76
N LEU A 607 -32.26 10.78 17.44
CA LEU A 607 -30.94 11.28 17.07
C LEU A 607 -30.79 11.30 15.56
N ASN A 608 -30.07 12.30 15.06
CA ASN A 608 -29.84 12.53 13.64
C ASN A 608 -31.16 12.67 12.88
N PRO A 609 -31.78 13.86 12.88
CA PRO A 609 -31.32 15.04 13.61
C PRO A 609 -31.65 14.98 15.10
N ARG A 610 -30.72 15.43 15.93
CA ARG A 610 -30.87 15.28 17.38
C ARG A 610 -32.06 16.09 17.88
N SER A 611 -33.02 15.39 18.49
CA SER A 611 -34.17 16.01 19.11
C SER A 611 -34.56 15.17 20.32
N VAL A 612 -34.97 15.84 21.39
CA VAL A 612 -35.28 15.16 22.65
C VAL A 612 -36.38 15.94 23.36
N ALA A 613 -37.16 15.21 24.17
CA ALA A 613 -38.19 15.83 24.99
C ALA A 613 -37.61 16.26 26.33
N GLY A 614 -37.47 15.31 27.25
CA GLY A 614 -36.90 15.61 28.54
C GLY A 614 -36.08 14.47 29.11
N GLY A 615 -35.69 14.57 30.38
CA GLY A 615 -34.98 13.50 31.03
C GLY A 615 -35.52 13.27 32.43
N PHE A 616 -35.23 12.09 32.95
CA PHE A 616 -35.57 11.75 34.32
C PHE A 616 -34.37 11.11 34.99
N VAL A 617 -34.39 11.12 36.32
CA VAL A 617 -33.39 10.45 37.13
C VAL A 617 -34.15 9.54 38.10
N TYR A 618 -34.04 8.24 37.89
CA TYR A 618 -34.66 7.27 38.78
C TYR A 618 -33.74 7.03 39.97
N THR A 619 -34.28 7.08 41.18
CA THR A 619 -33.53 6.84 42.40
C THR A 619 -34.03 5.56 43.05
N TYR A 620 -33.11 4.65 43.36
CA TYR A 620 -33.45 3.40 44.02
C TYR A 620 -32.62 3.26 45.28
N LYS A 621 -33.12 2.46 46.22
CA LYS A 621 -32.44 2.18 47.48
C LYS A 621 -31.88 0.76 47.43
N LEU A 622 -30.56 0.64 47.49
CA LEU A 622 -29.90 -0.65 47.47
C LEU A 622 -30.03 -1.30 48.85
N VAL A 623 -30.76 -2.41 48.91
CA VAL A 623 -31.06 -3.09 50.16
C VAL A 623 -30.51 -4.51 50.11
N ASN A 624 -30.48 -5.16 51.28
CA ASN A 624 -30.03 -6.54 51.42
C ASN A 624 -28.62 -6.73 50.88
N ASN A 625 -27.70 -5.92 51.41
CA ASN A 625 -26.28 -5.90 51.04
C ASN A 625 -26.10 -6.04 49.53
N GLY A 626 -26.80 -5.19 48.79
CA GLY A 626 -26.64 -5.12 47.34
C GLY A 626 -27.12 -6.35 46.60
N GLU A 627 -28.37 -6.75 46.86
CA GLU A 627 -28.99 -7.84 46.14
C GLU A 627 -30.28 -7.45 45.44
N LYS A 628 -30.98 -6.41 45.90
CA LYS A 628 -32.14 -5.91 45.20
C LYS A 628 -32.31 -4.43 45.52
N LEU A 629 -33.00 -3.73 44.63
CA LEU A 629 -33.25 -2.31 44.76
C LEU A 629 -34.74 -2.03 44.71
N GLU A 630 -35.15 -0.99 45.45
CA GLU A 630 -36.55 -0.59 45.52
C GLU A 630 -36.70 0.81 44.95
N PHE A 631 -37.81 1.04 44.24
CA PHE A 631 -38.04 2.33 43.60
C PHE A 631 -38.36 3.37 44.66
N LEU A 632 -37.65 4.50 44.60
CA LEU A 632 -37.90 5.61 45.51
C LEU A 632 -38.68 6.71 44.81
N HIS A 633 -38.02 7.46 43.94
CA HIS A 633 -38.68 8.55 43.23
C HIS A 633 -37.91 8.85 41.96
N LYS A 634 -38.61 9.47 41.01
CA LYS A 634 -38.00 9.95 39.77
C LYS A 634 -38.02 11.47 39.76
N THR A 635 -36.90 12.05 39.35
CA THR A 635 -36.75 13.50 39.29
C THR A 635 -36.72 13.93 37.84
N PRO A 636 -37.69 14.71 37.36
CA PRO A 636 -37.64 15.19 35.98
C PRO A 636 -36.64 16.33 35.80
N VAL A 637 -36.23 16.53 34.56
CA VAL A 637 -35.18 17.49 34.23
C VAL A 637 -35.27 17.82 32.75
N GLU A 638 -34.67 18.95 32.37
CA GLU A 638 -34.88 19.52 31.04
C GLU A 638 -34.37 18.60 29.94
N GLU A 639 -33.07 18.30 29.93
CA GLU A 639 -32.51 17.49 28.86
C GLU A 639 -31.89 16.21 29.39
N VAL A 640 -31.02 15.59 28.60
CA VAL A 640 -30.52 14.24 28.88
C VAL A 640 -29.50 14.30 30.01
N PRO A 641 -29.70 13.56 31.11
CA PRO A 641 -28.67 13.46 32.14
C PRO A 641 -27.60 12.43 31.78
N ALA A 642 -26.54 12.88 31.11
CA ALA A 642 -25.60 11.97 30.48
C ALA A 642 -24.52 11.47 31.43
N ALA A 643 -24.29 12.16 32.54
CA ALA A 643 -23.23 11.78 33.47
C ALA A 643 -23.69 12.01 34.89
N ILE A 644 -23.35 11.05 35.78
CA ILE A 644 -23.70 11.12 37.18
C ILE A 644 -22.48 10.71 37.99
N ALA A 645 -21.97 11.63 38.82
CA ALA A 645 -20.77 11.38 39.61
C ALA A 645 -21.03 11.78 41.06
N PRO A 646 -20.75 10.90 42.03
CA PRO A 646 -20.96 11.25 43.43
C PRO A 646 -19.90 12.22 43.92
N PHE A 647 -20.34 13.29 44.59
CA PHE A 647 -19.46 14.33 45.12
C PHE A 647 -19.62 14.38 46.63
N GLN A 648 -18.95 13.43 47.31
CA GLN A 648 -18.95 13.33 48.77
C GLN A 648 -20.37 13.22 49.32
N GLY A 649 -20.91 14.32 49.84
CA GLY A 649 -22.21 14.30 50.47
C GLY A 649 -23.34 14.25 49.48
N ARG A 650 -23.33 15.18 48.53
CA ARG A 650 -24.38 15.24 47.51
C ARG A 650 -23.96 14.46 46.28
N VAL A 651 -24.38 14.89 45.10
CA VAL A 651 -24.03 14.21 43.85
C VAL A 651 -23.89 15.27 42.76
N LEU A 652 -23.27 14.88 41.65
CA LEU A 652 -23.09 15.75 40.50
C LEU A 652 -23.76 15.13 39.27
N ILE A 653 -24.48 15.94 38.50
CA ILE A 653 -25.22 15.46 37.34
C ILE A 653 -25.02 16.42 36.18
N GLY A 654 -24.77 15.85 35.00
CA GLY A 654 -24.63 16.63 33.79
C GLY A 654 -25.84 16.52 32.87
N VAL A 655 -26.71 17.52 32.93
CA VAL A 655 -27.92 17.56 32.11
C VAL A 655 -27.65 18.46 30.92
N GLY A 656 -27.48 17.85 29.75
CA GLY A 656 -27.20 18.63 28.55
C GLY A 656 -25.88 19.38 28.69
N LYS A 657 -25.95 20.70 28.52
CA LYS A 657 -24.78 21.56 28.67
C LYS A 657 -24.69 22.17 30.06
N LEU A 658 -25.45 21.66 31.02
CA LEU A 658 -25.47 22.17 32.38
C LEU A 658 -24.90 21.14 33.35
N LEU A 659 -24.11 21.61 34.31
CA LEU A 659 -23.50 20.76 35.32
C LEU A 659 -24.01 21.21 36.68
N ARG A 660 -24.76 20.36 37.36
CA ARG A 660 -25.43 20.74 38.60
C ARG A 660 -25.02 19.81 39.74
N VAL A 661 -25.11 20.35 40.95
CA VAL A 661 -25.00 19.54 42.17
C VAL A 661 -26.41 19.29 42.70
N TYR A 662 -26.69 18.04 43.03
CA TYR A 662 -28.01 17.62 43.50
C TYR A 662 -27.88 17.02 44.88
N ASP A 663 -28.75 17.47 45.79
CA ASP A 663 -28.83 16.93 47.14
C ASP A 663 -30.04 16.01 47.23
N LEU A 664 -29.92 14.93 48.01
CA LEU A 664 -30.98 13.95 48.13
C LEU A 664 -32.09 14.49 49.02
N GLY A 665 -33.29 14.64 48.45
CA GLY A 665 -34.46 15.00 49.22
C GLY A 665 -35.40 13.83 49.36
N LYS A 666 -36.27 13.85 50.37
CA LYS A 666 -37.19 12.75 50.57
C LYS A 666 -38.22 12.65 49.45
N LYS A 667 -38.51 13.76 48.77
CA LYS A 667 -39.47 13.79 47.68
C LYS A 667 -38.81 13.65 46.31
N LYS A 668 -37.77 14.44 46.05
CA LYS A 668 -37.08 14.38 44.77
C LYS A 668 -35.62 14.79 44.94
N LEU A 669 -35.01 15.30 43.87
CA LEU A 669 -33.62 15.73 43.89
C LEU A 669 -33.59 17.24 43.64
N LEU A 670 -32.99 17.97 44.58
CA LEU A 670 -32.97 19.42 44.54
C LEU A 670 -31.63 19.92 44.00
N ARG A 671 -31.68 20.95 43.16
CA ARG A 671 -30.49 21.55 42.58
C ARG A 671 -30.02 22.68 43.48
N LYS A 672 -28.98 22.41 44.28
CA LYS A 672 -28.45 23.43 45.18
C LYS A 672 -27.56 24.43 44.44
N CYS A 673 -26.95 24.03 43.33
CA CYS A 673 -26.08 24.91 42.57
C CYS A 673 -25.86 24.32 41.19
N GLU A 674 -25.50 25.19 40.24
CA GLU A 674 -25.34 24.75 38.86
C GLU A 674 -24.40 25.69 38.13
N ASN A 675 -23.90 25.21 36.99
CA ASN A 675 -23.11 25.98 36.04
C ASN A 675 -23.61 25.67 34.64
N LYS A 676 -23.62 26.68 33.78
CA LYS A 676 -24.22 26.55 32.45
C LYS A 676 -23.32 27.13 31.36
N HIS A 677 -22.00 27.11 31.59
CA HIS A 677 -21.06 27.65 30.63
C HIS A 677 -20.29 26.58 29.86
N ILE A 678 -20.68 25.31 30.02
CA ILE A 678 -20.13 24.26 29.17
C ILE A 678 -20.62 24.48 27.75
N ALA A 679 -19.69 24.47 26.80
CA ALA A 679 -20.03 24.87 25.43
C ALA A 679 -21.03 23.92 24.78
N ASN A 680 -20.87 22.62 24.99
CA ASN A 680 -21.69 21.64 24.29
C ASN A 680 -22.13 20.56 25.28
N TYR A 681 -22.59 19.44 24.73
CA TYR A 681 -23.17 18.35 25.50
C TYR A 681 -22.12 17.68 26.38
N ILE A 682 -22.47 17.46 27.65
CA ILE A 682 -21.59 16.75 28.58
C ILE A 682 -21.75 15.25 28.37
N SER A 683 -20.63 14.53 28.27
CA SER A 683 -20.64 13.09 28.09
C SER A 683 -20.15 12.31 29.29
N GLY A 684 -19.21 12.86 30.05
CA GLY A 684 -18.71 12.18 31.24
C GLY A 684 -18.28 13.19 32.27
N ILE A 685 -18.36 12.78 33.54
CA ILE A 685 -18.03 13.66 34.66
C ILE A 685 -17.26 12.83 35.68
N GLN A 686 -16.06 13.29 36.04
CA GLN A 686 -15.23 12.63 37.03
C GLN A 686 -14.67 13.68 37.97
N THR A 687 -14.73 13.40 39.28
CA THR A 687 -14.32 14.36 40.29
C THR A 687 -13.19 13.78 41.14
N ILE A 688 -12.31 14.67 41.61
CA ILE A 688 -11.25 14.31 42.54
C ILE A 688 -11.05 15.48 43.51
N GLY A 689 -11.18 15.21 44.81
CA GLY A 689 -11.06 16.28 45.79
C GLY A 689 -12.19 17.29 45.62
N HIS A 690 -11.83 18.57 45.59
CA HIS A 690 -12.80 19.64 45.37
C HIS A 690 -12.84 20.08 43.91
N ARG A 691 -12.33 19.25 42.99
CA ARG A 691 -12.35 19.53 41.57
C ARG A 691 -13.24 18.54 40.85
N VAL A 692 -13.67 18.92 39.65
CA VAL A 692 -14.51 18.08 38.80
C VAL A 692 -14.11 18.31 37.34
N ILE A 693 -14.01 17.20 36.60
CA ILE A 693 -13.57 17.23 35.20
C ILE A 693 -14.78 16.94 34.33
N VAL A 694 -15.16 17.91 33.51
CA VAL A 694 -16.26 17.77 32.57
C VAL A 694 -15.70 17.36 31.22
N SER A 695 -16.30 16.34 30.62
CA SER A 695 -15.88 15.83 29.31
C SER A 695 -16.90 16.27 28.27
N ASP A 696 -16.57 17.32 27.53
CA ASP A 696 -17.45 17.77 26.46
C ASP A 696 -17.45 16.77 25.31
N VAL A 697 -18.58 16.73 24.58
CA VAL A 697 -18.69 15.78 23.48
C VAL A 697 -17.73 16.15 22.35
N GLN A 698 -17.59 17.45 22.08
CA GLN A 698 -16.71 17.94 21.02
C GLN A 698 -15.47 18.63 21.57
N GLU A 699 -15.63 19.52 22.55
CA GLU A 699 -14.48 20.13 23.19
C GLU A 699 -13.82 19.12 24.12
N SER A 700 -12.62 19.45 24.58
CA SER A 700 -11.87 18.54 25.42
C SER A 700 -12.35 18.61 26.87
N PHE A 701 -11.44 18.39 27.82
CA PHE A 701 -11.81 18.42 29.23
C PHE A 701 -11.86 19.85 29.75
N ILE A 702 -12.77 20.07 30.70
CA ILE A 702 -12.91 21.36 31.37
C ILE A 702 -12.79 21.13 32.87
N TRP A 703 -12.04 22.01 33.54
CA TRP A 703 -11.78 21.91 34.96
C TRP A 703 -12.70 22.87 35.72
N VAL A 704 -13.45 22.33 36.69
CA VAL A 704 -14.35 23.14 37.50
C VAL A 704 -14.01 22.93 38.96
N ARG A 705 -14.00 24.02 39.72
CA ARG A 705 -13.75 23.99 41.17
C ARG A 705 -14.97 24.50 41.90
N TYR A 706 -15.33 23.81 42.99
CA TYR A 706 -16.53 24.14 43.76
C TYR A 706 -16.12 24.34 45.21
N LYS A 707 -16.25 25.57 45.70
CA LYS A 707 -16.01 25.86 47.11
C LYS A 707 -17.24 25.45 47.92
N ARG A 708 -16.98 24.85 49.09
CA ARG A 708 -18.09 24.47 49.97
C ARG A 708 -18.93 25.68 50.36
N ASN A 709 -18.27 26.78 50.70
CA ASN A 709 -18.96 28.04 50.93
C ASN A 709 -19.33 28.69 49.59
N GLU A 710 -20.22 29.68 49.66
CA GLU A 710 -20.70 30.42 48.50
C GLU A 710 -21.51 29.56 47.54
N ASN A 711 -21.20 28.26 47.46
CA ASN A 711 -21.98 27.27 46.71
C ASN A 711 -22.10 27.67 45.24
N GLN A 712 -20.97 27.58 44.54
CA GLN A 712 -20.94 27.93 43.12
C GLN A 712 -19.79 27.19 42.46
N LEU A 713 -20.07 26.61 41.29
CA LEU A 713 -19.05 25.96 40.47
C LEU A 713 -18.45 26.99 39.52
N ILE A 714 -17.12 27.06 39.48
CA ILE A 714 -16.41 28.03 38.66
C ILE A 714 -15.48 27.28 37.71
N ILE A 715 -15.50 27.68 36.44
CA ILE A 715 -14.61 27.09 35.44
C ILE A 715 -13.27 27.82 35.49
N PHE A 716 -12.19 27.06 35.62
CA PHE A 716 -10.87 27.66 35.75
C PHE A 716 -9.82 27.13 34.78
N ALA A 717 -10.16 26.18 33.92
CA ALA A 717 -9.20 25.64 32.97
C ALA A 717 -9.91 24.91 31.85
N ASP A 718 -9.37 25.03 30.63
CA ASP A 718 -9.87 24.29 29.49
C ASP A 718 -8.65 23.87 28.65
N ASP A 719 -8.90 23.46 27.41
CA ASP A 719 -7.86 22.94 26.54
C ASP A 719 -7.68 23.86 25.32
N THR A 720 -6.58 23.65 24.61
CA THR A 720 -6.31 24.35 23.36
C THR A 720 -6.70 23.56 22.12
N TYR A 721 -6.93 22.26 22.25
CA TYR A 721 -7.39 21.43 21.17
C TYR A 721 -8.76 20.83 21.49
N PRO A 722 -9.66 20.75 20.52
CA PRO A 722 -10.92 20.04 20.76
C PRO A 722 -10.75 18.54 20.60
N ARG A 723 -11.52 17.79 21.39
CA ARG A 723 -11.40 16.35 21.42
C ARG A 723 -12.76 15.71 21.60
N TRP A 724 -13.08 14.74 20.74
CA TRP A 724 -14.32 13.97 20.84
C TRP A 724 -14.11 12.87 21.88
N VAL A 725 -14.29 13.24 23.15
CA VAL A 725 -13.98 12.34 24.24
C VAL A 725 -15.03 11.23 24.34
N THR A 726 -14.57 10.03 24.65
CA THR A 726 -15.43 8.89 24.92
C THR A 726 -15.32 8.39 26.35
N THR A 727 -14.13 8.42 26.93
CA THR A 727 -13.92 8.03 28.32
C THR A 727 -12.69 8.76 28.85
N ALA A 728 -12.50 8.69 30.16
CA ALA A 728 -11.39 9.37 30.80
C ALA A 728 -11.02 8.66 32.09
N SER A 729 -9.87 9.05 32.63
CA SER A 729 -9.38 8.47 33.89
C SER A 729 -8.31 9.40 34.44
N LEU A 730 -8.59 10.06 35.57
CA LEU A 730 -7.63 10.94 36.18
C LEU A 730 -6.46 10.14 36.74
N LEU A 731 -5.25 10.50 36.33
CA LEU A 731 -4.05 9.79 36.75
C LEU A 731 -3.51 10.33 38.06
N ASP A 732 -3.56 11.66 38.25
CA ASP A 732 -3.25 12.26 39.54
C ASP A 732 -4.01 13.57 39.64
N TYR A 733 -3.60 14.44 40.56
CA TYR A 733 -4.35 15.66 40.84
C TYR A 733 -4.30 16.64 39.67
N ASP A 734 -3.16 16.73 39.00
CA ASP A 734 -2.94 17.74 37.97
C ASP A 734 -2.92 17.16 36.56
N THR A 735 -3.28 15.90 36.38
CA THR A 735 -3.24 15.26 35.07
C THR A 735 -4.57 14.58 34.78
N VAL A 736 -4.80 14.29 33.49
CA VAL A 736 -5.94 13.50 33.07
C VAL A 736 -5.60 12.83 31.75
N ALA A 737 -6.23 11.68 31.50
CA ALA A 737 -6.01 10.90 30.29
C ALA A 737 -7.38 10.63 29.65
N GLY A 738 -7.45 10.80 28.34
CA GLY A 738 -8.71 10.69 27.63
C GLY A 738 -8.58 9.91 26.35
N ALA A 739 -9.70 9.31 25.95
CA ALA A 739 -9.80 8.54 24.72
C ALA A 739 -10.69 9.28 23.73
N ASP A 740 -10.27 9.28 22.47
CA ASP A 740 -10.95 10.00 21.40
C ASP A 740 -11.93 9.09 20.66
N LYS A 741 -12.87 9.72 19.96
CA LYS A 741 -13.77 8.97 19.10
C LYS A 741 -13.06 8.41 17.88
N PHE A 742 -11.90 8.95 17.54
CA PHE A 742 -11.18 8.58 16.33
C PHE A 742 -10.00 7.66 16.61
N GLY A 743 -10.02 6.92 17.72
CA GLY A 743 -8.96 5.99 18.03
C GLY A 743 -7.68 6.64 18.52
N ASN A 744 -7.78 7.65 19.37
CA ASN A 744 -6.63 8.33 19.94
C ASN A 744 -6.66 8.26 21.46
N ILE A 745 -5.48 8.45 22.04
CA ILE A 745 -5.30 8.55 23.49
C ILE A 745 -4.44 9.78 23.77
N CYS A 746 -4.95 10.66 24.63
CA CYS A 746 -4.22 11.85 25.02
C CYS A 746 -4.03 11.88 26.53
N VAL A 747 -3.00 12.59 26.95
CA VAL A 747 -2.73 12.84 28.37
C VAL A 747 -2.36 14.31 28.50
N VAL A 748 -3.20 15.07 29.22
CA VAL A 748 -2.98 16.49 29.42
C VAL A 748 -2.79 16.76 30.91
N ARG A 749 -2.27 17.94 31.21
CA ARG A 749 -1.87 18.29 32.56
C ARG A 749 -1.92 19.80 32.72
N LEU A 750 -2.44 20.26 33.86
CA LEU A 750 -2.49 21.68 34.14
C LEU A 750 -1.08 22.21 34.39
N PRO A 751 -0.80 23.45 33.99
CA PRO A 751 0.55 24.00 34.16
C PRO A 751 0.92 24.11 35.63
N PRO A 752 2.22 24.17 35.94
CA PRO A 752 2.62 24.32 37.34
C PRO A 752 2.16 25.66 37.92
N ASN A 753 1.94 25.66 39.24
CA ASN A 753 1.47 26.83 39.97
C ASN A 753 0.12 27.30 39.42
N THR A 754 -0.86 26.40 39.48
CA THR A 754 -2.20 26.65 38.96
C THR A 754 -3.17 26.72 40.15
N ASN A 755 -3.69 27.92 40.41
CA ASN A 755 -4.68 28.10 41.45
C ASN A 755 -6.08 27.92 40.88
N ASP A 756 -7.04 27.67 41.77
CA ASP A 756 -8.41 27.42 41.37
C ASP A 756 -9.27 28.68 41.35
N GLU A 757 -8.78 29.79 41.88
CA GLU A 757 -9.52 31.05 41.91
C GLU A 757 -9.16 31.96 40.73
N VAL A 758 -8.70 31.37 39.63
CA VAL A 758 -8.40 32.11 38.41
C VAL A 758 -9.38 31.68 37.34
N ASP A 759 -9.57 32.56 36.33
CA ASP A 759 -10.59 32.31 35.33
C ASP A 759 -10.07 31.52 34.14
N SER A 760 -8.93 31.91 33.57
CA SER A 760 -8.45 31.35 32.32
C SER A 760 -7.15 30.58 32.55
N GLN A 761 -7.19 29.28 32.24
CA GLN A 761 -6.01 28.43 32.21
C GLN A 761 -6.14 27.45 31.05
N LYS A 762 -5.05 27.21 30.35
CA LYS A 762 -5.03 26.27 29.23
C LYS A 762 -4.14 25.08 29.61
N ALA A 763 -4.69 23.88 29.46
CA ALA A 763 -3.99 22.67 29.85
C ALA A 763 -2.96 22.26 28.79
N GLU A 764 -1.79 21.85 29.26
CA GLU A 764 -0.73 21.43 28.37
C GLU A 764 -0.90 19.95 28.01
N VAL A 765 -0.82 19.64 26.73
CA VAL A 765 -0.91 18.26 26.26
C VAL A 765 0.49 17.65 26.33
N ILE A 766 0.66 16.65 27.19
CA ILE A 766 1.97 16.01 27.38
C ILE A 766 2.06 14.63 26.72
N MET A 767 0.96 14.08 26.22
CA MET A 767 1.03 12.82 25.49
C MET A 767 -0.06 12.75 24.44
N ASN A 768 0.31 12.35 23.22
CA ASN A 768 -0.61 12.10 22.12
C ASN A 768 -0.25 10.79 21.46
N TYR A 769 -1.27 9.98 21.14
CA TYR A 769 -1.00 8.69 20.51
C TYR A 769 -2.24 8.25 19.74
N HIS A 770 -2.02 7.53 18.65
CA HIS A 770 -3.10 6.99 17.83
C HIS A 770 -3.03 5.46 17.89
N VAL A 771 -4.08 4.84 18.44
CA VAL A 771 -4.11 3.39 18.56
C VAL A 771 -4.66 2.71 17.31
N GLY A 772 -5.43 3.42 16.50
CA GLY A 772 -6.09 2.82 15.36
C GLY A 772 -7.41 2.17 15.67
N GLU A 773 -7.84 2.19 16.93
CA GLU A 773 -9.12 1.63 17.36
C GLU A 773 -9.70 2.56 18.41
N THR A 774 -11.00 2.83 18.31
CA THR A 774 -11.66 3.79 19.20
C THR A 774 -11.72 3.21 20.61
N VAL A 775 -10.92 3.78 21.52
CA VAL A 775 -10.86 3.31 22.90
C VAL A 775 -12.09 3.82 23.65
N LEU A 776 -12.74 2.93 24.39
CA LEU A 776 -13.92 3.30 25.17
C LEU A 776 -13.76 3.12 26.67
N SER A 777 -12.68 2.52 27.15
CA SER A 777 -12.45 2.44 28.59
C SER A 777 -10.98 2.63 28.88
N LEU A 778 -10.67 3.50 29.84
CA LEU A 778 -9.31 3.74 30.31
C LEU A 778 -9.29 3.63 31.82
N GLN A 779 -8.25 2.98 32.35
CA GLN A 779 -8.16 2.80 33.80
C GLN A 779 -6.71 2.58 34.19
N LYS A 780 -6.25 3.33 35.20
CA LYS A 780 -4.91 3.17 35.74
C LYS A 780 -4.94 2.11 36.83
N THR A 781 -4.19 1.02 36.64
CA THR A 781 -4.22 -0.08 37.59
C THR A 781 -2.93 -0.90 37.45
N THR A 782 -2.88 -1.99 38.22
CA THR A 782 -1.75 -2.91 38.21
C THR A 782 -2.30 -4.32 38.06
N LEU A 783 -1.98 -4.95 36.93
CA LEU A 783 -2.49 -6.30 36.64
C LEU A 783 -1.95 -7.32 37.63
N ILE A 784 -0.66 -7.59 37.56
CA ILE A 784 -0.01 -8.53 38.46
C ILE A 784 0.45 -7.78 39.70
N PRO A 785 0.12 -8.25 40.91
CA PRO A 785 0.57 -7.55 42.12
C PRO A 785 2.09 -7.51 42.21
N GLY A 786 2.61 -6.37 42.66
CA GLY A 786 4.03 -6.16 42.75
C GLY A 786 4.67 -5.59 41.49
N GLY A 787 3.96 -5.60 40.36
CA GLY A 787 4.49 -5.02 39.15
C GLY A 787 4.29 -3.51 39.10
N SER A 788 4.83 -2.91 38.04
CA SER A 788 4.71 -1.47 37.87
C SER A 788 3.27 -1.09 37.53
N GLU A 789 2.86 0.07 38.03
CA GLU A 789 1.55 0.60 37.69
C GLU A 789 1.49 0.94 36.21
N SER A 790 0.39 0.57 35.56
CA SER A 790 0.22 0.79 34.13
C SER A 790 -1.16 1.39 33.87
N LEU A 791 -1.41 1.72 32.61
CA LEU A 791 -2.68 2.32 32.18
C LEU A 791 -3.30 1.41 31.12
N VAL A 792 -4.37 0.70 31.49
CA VAL A 792 -5.00 -0.26 30.60
C VAL A 792 -6.15 0.40 29.87
N TYR A 793 -6.23 0.15 28.56
CA TYR A 793 -7.31 0.65 27.73
C TYR A 793 -7.99 -0.51 27.02
N THR A 794 -9.29 -0.36 26.80
CA THR A 794 -10.09 -1.34 26.07
C THR A 794 -10.93 -0.60 25.05
N THR A 795 -10.88 -1.08 23.80
CA THR A 795 -11.39 -0.37 22.65
C THR A 795 -12.63 -1.05 22.10
N LEU A 796 -13.29 -0.34 21.17
CA LEU A 796 -14.54 -0.80 20.59
C LEU A 796 -14.33 -1.96 19.61
N SER A 797 -13.11 -2.16 19.12
CA SER A 797 -12.84 -3.19 18.13
C SER A 797 -12.57 -4.55 18.75
N GLY A 798 -12.60 -4.67 20.08
CA GLY A 798 -12.37 -5.93 20.75
C GLY A 798 -11.00 -6.09 21.36
N GLY A 799 -10.11 -5.12 21.19
CA GLY A 799 -8.76 -5.26 21.70
C GLY A 799 -8.58 -4.70 23.11
N ILE A 800 -7.55 -5.20 23.77
CA ILE A 800 -7.14 -4.73 25.09
C ILE A 800 -5.66 -4.39 25.01
N GLY A 801 -5.29 -3.19 25.45
CA GLY A 801 -3.91 -2.76 25.43
C GLY A 801 -3.52 -2.14 26.76
N ILE A 802 -2.21 -1.92 26.92
CA ILE A 802 -1.66 -1.30 28.11
C ILE A 802 -0.58 -0.31 27.72
N LEU A 803 -0.40 0.69 28.57
CA LEU A 803 0.68 1.67 28.47
C LEU A 803 1.50 1.58 29.75
N VAL A 804 2.78 1.33 29.60
CA VAL A 804 3.71 1.15 30.72
C VAL A 804 4.65 2.35 30.77
N PRO A 805 4.80 3.02 31.90
CA PRO A 805 5.74 4.14 31.97
C PRO A 805 7.18 3.68 32.09
N PHE A 806 8.08 4.54 31.62
CA PHE A 806 9.51 4.27 31.68
C PHE A 806 10.10 4.74 33.00
N THR A 807 11.17 4.09 33.42
CA THR A 807 11.83 4.40 34.68
C THR A 807 13.13 5.18 34.46
N SER A 808 14.04 4.64 33.65
CA SER A 808 15.32 5.27 33.38
C SER A 808 15.37 5.77 31.94
N HIS A 809 16.18 6.80 31.71
CA HIS A 809 16.33 7.35 30.37
C HIS A 809 17.11 6.43 29.45
N GLU A 810 17.92 5.52 30.01
CA GLU A 810 18.66 4.58 29.19
C GLU A 810 17.71 3.64 28.44
N ASP A 811 16.76 3.04 29.16
CA ASP A 811 15.78 2.17 28.53
C ASP A 811 14.94 2.93 27.52
N HIS A 812 14.57 4.17 27.85
CA HIS A 812 13.77 4.97 26.93
C HIS A 812 14.52 5.22 25.63
N ASP A 813 15.79 5.62 25.72
CA ASP A 813 16.58 5.86 24.52
C ASP A 813 16.80 4.57 23.73
N PHE A 814 16.99 3.46 24.43
CA PHE A 814 17.15 2.17 23.74
C PHE A 814 15.91 1.81 22.95
N PHE A 815 14.74 1.86 23.58
CA PHE A 815 13.51 1.51 22.88
C PHE A 815 13.17 2.54 21.80
N GLN A 816 13.56 3.80 21.99
CA GLN A 816 13.34 4.80 20.95
C GLN A 816 14.19 4.49 19.72
N HIS A 817 15.44 4.09 19.92
CA HIS A 817 16.28 3.70 18.79
C HIS A 817 15.74 2.43 18.14
N VAL A 818 15.22 1.50 18.94
CA VAL A 818 14.60 0.30 18.39
C VAL A 818 13.44 0.68 17.48
N GLU A 819 12.60 1.60 17.95
CA GLU A 819 11.46 2.05 17.14
C GLU A 819 11.92 2.72 15.86
N MET A 820 12.93 3.59 15.96
CA MET A 820 13.46 4.27 14.78
C MET A 820 13.94 3.26 13.74
N HIS A 821 14.69 2.25 14.17
CA HIS A 821 15.25 1.30 13.21
C HIS A 821 14.19 0.33 12.68
N LEU A 822 13.18 0.01 13.48
CA LEU A 822 12.10 -0.82 12.99
C LEU A 822 11.24 -0.08 11.98
N ARG A 823 11.10 1.24 12.13
CA ARG A 823 10.31 2.01 11.17
C ARG A 823 10.94 1.98 9.78
N SER A 824 12.26 1.86 9.69
CA SER A 824 12.94 1.89 8.40
C SER A 824 13.27 0.50 7.86
N GLU A 825 13.66 -0.43 8.71
CA GLU A 825 14.07 -1.76 8.23
C GLU A 825 12.90 -2.73 8.11
N HIS A 826 11.85 -2.55 8.91
CA HIS A 826 10.67 -3.42 8.90
C HIS A 826 9.42 -2.55 8.79
N PRO A 827 9.17 -1.97 7.61
CA PRO A 827 8.06 -1.03 7.48
C PRO A 827 6.72 -1.75 7.56
N PRO A 828 5.64 -1.02 7.86
CA PRO A 828 4.30 -1.65 7.91
C PRO A 828 3.97 -2.42 6.64
N LEU A 829 3.06 -3.38 6.77
CA LEU A 829 2.85 -4.36 5.70
C LEU A 829 2.09 -3.77 4.53
N CYS A 830 1.16 -2.86 4.77
CA CYS A 830 0.28 -2.34 3.73
C CYS A 830 0.71 -0.96 3.23
N GLY A 831 2.01 -0.70 3.22
CA GLY A 831 2.54 0.54 2.66
C GLY A 831 2.39 1.76 3.53
N ARG A 832 1.68 1.66 4.65
CA ARG A 832 1.51 2.82 5.53
C ARG A 832 2.83 3.19 6.19
N ASP A 833 2.95 4.45 6.57
CA ASP A 833 4.10 4.93 7.33
C ASP A 833 3.75 4.88 8.82
N HIS A 834 4.57 4.15 9.58
CA HIS A 834 4.28 3.93 11.00
C HIS A 834 4.22 5.25 11.76
N LEU A 835 5.21 6.12 11.55
CA LEU A 835 5.21 7.42 12.23
C LEU A 835 4.01 8.27 11.81
N SER A 836 3.58 8.15 10.56
CA SER A 836 2.39 8.87 10.12
C SER A 836 1.12 8.24 10.67
N PHE A 837 1.09 6.91 10.76
CA PHE A 837 -0.10 6.23 11.27
C PHE A 837 -0.32 6.55 12.74
N ARG A 838 0.73 6.50 13.54
CA ARG A 838 0.61 6.88 14.94
C ARG A 838 0.40 8.37 15.12
N SER A 839 0.55 9.16 14.06
CA SER A 839 0.24 10.59 14.09
C SER A 839 -0.97 10.89 13.22
N TYR A 840 -2.02 10.08 13.34
CA TYR A 840 -3.15 10.19 12.42
C TYR A 840 -3.85 11.54 12.57
N TYR A 841 -4.15 11.93 13.80
CA TYR A 841 -4.83 13.19 14.06
C TYR A 841 -4.00 14.18 14.88
N PHE A 842 -3.09 13.69 15.71
CA PHE A 842 -2.15 14.52 16.45
C PHE A 842 -0.78 13.85 16.41
N PRO A 843 0.29 14.63 16.38
CA PRO A 843 1.63 14.02 16.33
C PRO A 843 1.92 13.22 17.58
N VAL A 844 2.69 12.15 17.41
CA VAL A 844 3.06 11.31 18.54
C VAL A 844 3.85 12.15 19.54
N LYS A 845 3.54 11.95 20.83
CA LYS A 845 4.24 12.65 21.90
C LYS A 845 4.55 11.64 22.99
N ASN A 846 5.81 11.19 23.04
CA ASN A 846 6.34 10.41 24.16
C ASN A 846 5.62 9.06 24.32
N VAL A 847 5.44 8.36 23.21
CA VAL A 847 4.92 6.99 23.23
C VAL A 847 5.74 6.15 22.27
N ILE A 848 6.21 5.00 22.75
CA ILE A 848 6.94 4.04 21.94
C ILE A 848 5.99 2.88 21.63
N ASP A 849 5.87 2.55 20.34
CA ASP A 849 4.97 1.48 19.92
C ASP A 849 5.66 0.14 20.13
N GLY A 850 5.22 -0.60 21.15
CA GLY A 850 5.79 -1.91 21.42
C GLY A 850 5.33 -2.99 20.46
N ASP A 851 4.17 -2.81 19.83
CA ASP A 851 3.74 -3.79 18.84
C ASP A 851 4.64 -3.78 17.62
N LEU A 852 5.28 -2.64 17.33
CA LEU A 852 6.28 -2.59 16.27
C LEU A 852 7.63 -3.11 16.74
N CYS A 853 8.00 -2.83 18.00
CA CYS A 853 9.27 -3.30 18.51
C CYS A 853 9.31 -4.82 18.62
N GLU A 854 8.23 -5.44 19.11
CA GLU A 854 8.19 -6.88 19.26
C GLU A 854 8.27 -7.61 17.93
N GLN A 855 8.07 -6.91 16.81
CA GLN A 855 8.27 -7.51 15.48
C GLN A 855 9.74 -7.70 15.16
N PHE A 856 10.63 -7.42 16.11
CA PHE A 856 12.05 -7.68 15.90
C PHE A 856 12.31 -9.17 15.73
N ASN A 857 11.55 -10.01 16.45
CA ASN A 857 11.71 -11.45 16.34
C ASN A 857 11.17 -12.00 15.02
N SER A 858 10.44 -11.21 14.25
CA SER A 858 9.85 -11.66 13.00
C SER A 858 10.70 -11.32 11.78
N MET A 859 11.75 -10.53 11.94
CA MET A 859 12.59 -10.16 10.80
C MET A 859 13.52 -11.31 10.41
N GLU A 860 14.23 -11.10 9.31
CA GLU A 860 15.24 -12.06 8.89
C GLU A 860 16.48 -11.95 9.79
N PRO A 861 17.25 -13.03 9.93
CA PRO A 861 18.43 -12.98 10.80
C PRO A 861 19.44 -11.90 10.42
N ASN A 862 19.56 -11.57 9.13
CA ASN A 862 20.52 -10.56 8.71
C ASN A 862 20.15 -9.18 9.26
N LYS A 863 18.89 -8.78 9.09
CA LYS A 863 18.45 -7.48 9.60
C LYS A 863 18.51 -7.42 11.11
N GLN A 864 18.14 -8.52 11.79
CA GLN A 864 18.25 -8.58 13.24
C GLN A 864 19.69 -8.36 13.69
N LYS A 865 20.64 -9.06 13.04
CA LYS A 865 22.04 -8.92 13.39
C LYS A 865 22.53 -7.49 13.14
N ASN A 866 22.12 -6.90 12.02
CA ASN A 866 22.56 -5.54 11.69
C ASN A 866 22.04 -4.53 12.71
N VAL A 867 20.74 -4.60 13.03
CA VAL A 867 20.17 -3.65 13.98
C VAL A 867 20.73 -3.87 15.38
N SER A 868 21.02 -5.11 15.76
CA SER A 868 21.60 -5.36 17.07
C SER A 868 23.03 -4.83 17.14
N GLU A 869 23.81 -4.98 16.07
CA GLU A 869 25.14 -4.40 16.04
C GLU A 869 25.08 -2.87 16.04
N GLU A 870 23.99 -2.30 15.51
CA GLU A 870 23.82 -0.86 15.59
C GLU A 870 23.60 -0.39 17.03
N LEU A 871 23.03 -1.24 17.87
CA LEU A 871 22.75 -0.91 19.27
C LEU A 871 23.76 -1.52 20.23
N ASP A 872 24.82 -2.14 19.71
CA ASP A 872 25.91 -2.69 20.52
C ASP A 872 25.41 -3.79 21.46
N ARG A 873 24.68 -4.75 20.89
CA ARG A 873 24.22 -5.93 21.64
C ARG A 873 23.88 -7.02 20.62
N THR A 874 23.30 -8.12 21.12
CA THR A 874 22.98 -9.29 20.31
C THR A 874 21.46 -9.47 20.17
N PRO A 875 21.01 -10.11 19.10
CA PRO A 875 19.56 -10.33 18.90
C PRO A 875 18.90 -11.03 20.08
N PRO A 876 19.52 -12.09 20.66
CA PRO A 876 18.87 -12.71 21.82
C PRO A 876 18.76 -11.78 23.01
N GLU A 877 19.70 -10.85 23.19
CA GLU A 877 19.59 -9.89 24.29
C GLU A 877 18.43 -8.93 24.08
N VAL A 878 18.21 -8.50 22.84
CA VAL A 878 17.06 -7.64 22.55
C VAL A 878 15.75 -8.39 22.73
N SER A 879 15.72 -9.65 22.30
CA SER A 879 14.52 -10.47 22.53
C SER A 879 14.27 -10.64 24.02
N LYS A 880 15.34 -10.83 24.81
CA LYS A 880 15.17 -10.97 26.25
C LYS A 880 14.70 -9.68 26.89
N LYS A 881 15.15 -8.53 26.37
CA LYS A 881 14.68 -7.26 26.90
C LYS A 881 13.20 -7.06 26.61
N LEU A 882 12.77 -7.38 25.38
CA LEU A 882 11.35 -7.30 25.05
C LEU A 882 10.53 -8.25 25.92
N GLU A 883 11.05 -9.45 26.17
CA GLU A 883 10.33 -10.40 27.02
C GLU A 883 10.30 -9.94 28.48
N ASP A 884 11.35 -9.25 28.92
CA ASP A 884 11.33 -8.65 30.27
C ASP A 884 10.23 -7.62 30.38
N ILE A 885 10.11 -6.75 29.38
CA ILE A 885 9.03 -5.77 29.37
C ILE A 885 7.68 -6.47 29.34
N ARG A 886 7.58 -7.58 28.61
CA ARG A 886 6.32 -8.33 28.55
C ARG A 886 5.95 -8.89 29.91
N THR A 887 6.93 -9.49 30.61
CA THR A 887 6.64 -10.10 31.90
C THR A 887 6.45 -9.06 33.00
N ARG A 888 6.96 -7.84 32.80
CA ARG A 888 6.81 -6.80 33.81
C ARG A 888 5.36 -6.32 33.90
N TYR A 889 4.79 -5.90 32.77
CA TYR A 889 3.45 -5.31 32.71
C TYR A 889 3.37 -4.09 33.62
N GLN B 15 -7.98 24.19 -9.08
CA GLN B 15 -7.47 22.90 -8.64
C GLN B 15 -8.59 21.86 -8.54
N SER B 16 -9.03 21.37 -9.70
CA SER B 16 -10.01 20.29 -9.71
C SER B 16 -9.40 18.93 -9.43
N LYS B 17 -8.06 18.84 -9.38
CA LYS B 17 -7.42 17.60 -8.98
C LYS B 17 -7.76 17.25 -7.53
N TYR B 18 -7.81 18.27 -6.67
CA TYR B 18 -8.18 18.11 -5.27
C TYR B 18 -9.55 18.74 -5.07
N ILE B 19 -10.53 17.93 -4.69
CA ILE B 19 -11.91 18.39 -4.69
C ILE B 19 -12.16 19.41 -3.58
N GLY B 20 -11.61 19.17 -2.39
CA GLY B 20 -11.91 20.01 -1.26
C GLY B 20 -11.21 21.35 -1.22
N THR B 21 -10.28 21.60 -2.15
CA THR B 21 -9.55 22.87 -2.17
C THR B 21 -10.53 24.03 -2.40
N GLY B 22 -10.08 25.24 -2.08
CA GLY B 22 -10.95 26.39 -2.13
C GLY B 22 -10.25 27.61 -2.69
N HIS B 23 -11.06 28.64 -2.96
CA HIS B 23 -10.61 29.93 -3.45
C HIS B 23 -11.28 31.03 -2.62
N ALA B 24 -10.94 32.28 -2.94
CA ALA B 24 -11.52 33.41 -2.22
C ALA B 24 -13.02 33.56 -2.45
N ASP B 25 -13.58 32.87 -3.44
CA ASP B 25 -15.00 32.92 -3.73
C ASP B 25 -15.70 31.61 -3.35
N THR B 26 -15.10 30.82 -2.47
CA THR B 26 -15.72 29.59 -2.01
C THR B 26 -16.75 29.91 -0.93
N THR B 27 -18.00 29.51 -1.17
CA THR B 27 -19.07 29.83 -0.25
C THR B 27 -19.03 28.93 0.98
N LYS B 28 -19.78 29.33 2.00
CA LYS B 28 -19.90 28.53 3.22
C LYS B 28 -20.56 27.18 2.94
N TRP B 29 -21.61 27.20 2.09
CA TRP B 29 -22.30 25.96 1.76
C TRP B 29 -21.38 24.98 1.06
N GLU B 30 -20.55 25.47 0.13
CA GLU B 30 -19.64 24.60 -0.60
C GLU B 30 -18.63 23.95 0.35
N TRP B 31 -18.00 24.76 1.20
CA TRP B 31 -17.02 24.22 2.14
C TRP B 31 -17.67 23.22 3.10
N LEU B 32 -18.91 23.49 3.52
CA LEU B 32 -19.53 22.58 4.49
C LEU B 32 -20.00 21.29 3.85
N VAL B 33 -20.49 21.33 2.61
CA VAL B 33 -20.83 20.07 1.96
C VAL B 33 -19.57 19.28 1.64
N ASN B 34 -18.47 19.97 1.31
CA ASN B 34 -17.19 19.28 1.12
C ASN B 34 -16.75 18.57 2.40
N GLN B 35 -16.80 19.27 3.53
CA GLN B 35 -16.38 18.64 4.78
C GLN B 35 -17.35 17.55 5.22
N HIS B 36 -18.63 17.68 4.88
CA HIS B 36 -19.59 16.63 5.21
C HIS B 36 -19.31 15.36 4.40
N ARG B 37 -19.00 15.51 3.11
CA ARG B 37 -18.65 14.35 2.30
C ARG B 37 -17.34 13.73 2.76
N ASP B 38 -16.36 14.57 3.13
CA ASP B 38 -15.13 14.06 3.72
C ASP B 38 -15.42 13.22 4.95
N SER B 39 -16.25 13.75 5.86
CA SER B 39 -16.57 13.04 7.08
C SER B 39 -17.29 11.73 6.79
N TYR B 40 -18.22 11.73 5.83
CA TYR B 40 -18.93 10.50 5.50
C TYR B 40 -17.98 9.44 4.96
N CYS B 41 -17.07 9.84 4.07
CA CYS B 41 -16.11 8.88 3.54
C CYS B 41 -15.14 8.39 4.62
N SER B 42 -14.83 9.24 5.60
CA SER B 42 -13.99 8.80 6.71
C SER B 42 -14.73 7.79 7.58
N TYR B 43 -16.02 8.03 7.84
CA TYR B 43 -16.83 7.04 8.54
C TYR B 43 -16.81 5.72 7.79
N MET B 44 -16.94 5.77 6.46
CA MET B 44 -16.86 4.56 5.65
C MET B 44 -15.51 3.88 5.81
N GLY B 45 -14.44 4.66 5.95
CA GLY B 45 -13.10 4.11 6.04
C GLY B 45 -12.75 3.50 7.39
N HIS B 46 -12.75 4.33 8.44
CA HIS B 46 -12.38 3.88 9.77
C HIS B 46 -13.44 2.92 10.31
N PHE B 47 -13.00 1.70 10.65
CA PHE B 47 -13.95 0.66 11.01
C PHE B 47 -14.63 0.96 12.35
N ASP B 48 -13.87 1.48 13.32
CA ASP B 48 -14.45 1.69 14.65
C ASP B 48 -15.42 2.86 14.67
N LEU B 49 -15.25 3.84 13.79
CA LEU B 49 -16.23 4.91 13.66
C LEU B 49 -17.58 4.34 13.22
N LEU B 50 -17.55 3.49 12.19
CA LEU B 50 -18.77 2.82 11.74
C LEU B 50 -19.33 1.93 12.83
N ASN B 51 -18.46 1.28 13.61
CA ASN B 51 -18.92 0.46 14.73
C ASN B 51 -19.70 1.31 15.74
N TYR B 52 -19.12 2.43 16.14
CA TYR B 52 -19.79 3.34 17.07
C TYR B 52 -21.13 3.78 16.53
N PHE B 53 -21.18 4.15 15.25
CA PHE B 53 -22.42 4.64 14.66
C PHE B 53 -23.47 3.54 14.57
N ALA B 54 -23.05 2.31 14.28
CA ALA B 54 -23.99 1.20 14.18
C ALA B 54 -24.47 0.75 15.55
N ILE B 55 -23.66 0.96 16.59
CA ILE B 55 -24.10 0.64 17.94
C ILE B 55 -25.11 1.67 18.42
N ALA B 56 -24.76 2.96 18.31
CA ALA B 56 -25.64 4.02 18.80
C ALA B 56 -26.96 4.03 18.05
N GLU B 57 -26.92 3.84 16.74
CA GLU B 57 -28.12 3.84 15.92
C GLU B 57 -28.83 2.49 15.91
N ASN B 58 -28.16 1.42 16.34
CA ASN B 58 -28.71 0.07 16.35
C ASN B 58 -29.14 -0.37 14.96
N GLU B 59 -28.22 -0.27 14.01
CA GLU B 59 -28.44 -0.65 12.62
C GLU B 59 -27.27 -1.50 12.15
N SER B 60 -27.55 -2.42 11.23
CA SER B 60 -26.48 -3.24 10.67
C SER B 60 -25.48 -2.36 9.93
N LYS B 61 -24.22 -2.81 9.92
CA LYS B 61 -23.16 -2.02 9.28
C LYS B 61 -23.48 -1.74 7.82
N ALA B 62 -24.05 -2.73 7.12
CA ALA B 62 -24.46 -2.53 5.74
C ALA B 62 -25.51 -1.42 5.64
N ARG B 63 -26.47 -1.40 6.56
CA ARG B 63 -27.51 -0.37 6.52
C ARG B 63 -26.93 1.00 6.82
N VAL B 64 -25.98 1.09 7.75
CA VAL B 64 -25.36 2.37 8.05
C VAL B 64 -24.57 2.88 6.85
N ARG B 65 -23.82 1.98 6.19
CA ARG B 65 -23.08 2.38 5.00
C ARG B 65 -24.01 2.82 3.88
N PHE B 66 -25.13 2.12 3.70
CA PHE B 66 -26.10 2.50 2.68
C PHE B 66 -26.71 3.86 2.99
N ASN B 67 -27.04 4.11 4.26
CA ASN B 67 -27.60 5.40 4.63
C ASN B 67 -26.59 6.52 4.41
N LEU B 68 -25.32 6.27 4.73
CA LEU B 68 -24.29 7.29 4.51
C LEU B 68 -24.11 7.58 3.03
N MET B 69 -24.04 6.54 2.21
CA MET B 69 -23.92 6.75 0.76
C MET B 69 -25.14 7.47 0.21
N GLU B 70 -26.33 7.23 0.78
CA GLU B 70 -27.51 7.97 0.36
C GLU B 70 -27.41 9.44 0.75
N LYS B 71 -26.92 9.71 1.96
CA LYS B 71 -26.71 11.09 2.39
C LYS B 71 -25.64 11.80 1.58
N MET B 72 -24.72 11.06 0.96
CA MET B 72 -23.63 11.65 0.20
C MET B 72 -24.10 12.49 -0.99
N LEU B 73 -25.36 12.37 -1.40
CA LEU B 73 -25.85 13.16 -2.54
C LEU B 73 -25.97 14.63 -2.18
N GLN B 74 -26.84 14.95 -1.22
CA GLN B 74 -26.99 16.31 -0.69
C GLN B 74 -26.86 16.24 0.82
N PRO B 75 -25.63 16.25 1.33
CA PRO B 75 -25.45 16.16 2.79
C PRO B 75 -25.98 17.37 3.54
N CYS B 76 -25.96 18.56 2.94
CA CYS B 76 -26.41 19.77 3.60
C CYS B 76 -27.71 20.32 3.03
N GLY B 77 -28.23 19.76 1.96
CA GLY B 77 -29.45 20.23 1.35
C GLY B 77 -29.19 21.06 0.11
N PRO B 78 -30.25 21.60 -0.48
CA PRO B 78 -30.08 22.41 -1.69
C PRO B 78 -29.47 23.76 -1.35
N PRO B 79 -28.68 24.33 -2.27
CA PRO B 79 -28.05 25.65 -2.05
C PRO B 79 -29.06 26.80 -2.10
N ASN C 11 1.18 32.17 -33.86
CA ASN C 11 1.40 32.04 -35.28
C ASN C 11 1.70 30.59 -35.66
N LEU C 12 2.62 30.41 -36.61
CA LEU C 12 3.06 29.08 -37.04
C LEU C 12 4.39 28.73 -36.40
N PRO C 13 4.61 27.46 -36.08
CA PRO C 13 5.88 27.08 -35.43
C PRO C 13 7.04 27.05 -36.41
N PHE C 14 8.22 26.69 -35.91
CA PHE C 14 9.40 26.60 -36.75
C PHE C 14 9.31 25.40 -37.69
N LEU C 15 9.91 25.53 -38.87
CA LEU C 15 9.89 24.50 -39.88
C LEU C 15 11.30 24.04 -40.19
N LYS C 16 11.54 22.74 -40.11
CA LYS C 16 12.78 22.15 -40.55
C LYS C 16 12.82 22.07 -42.08
N PRO C 17 14.01 21.91 -42.68
CA PRO C 17 14.08 21.75 -44.14
C PRO C 17 13.19 20.63 -44.66
N ASP C 18 13.38 19.42 -44.12
CA ASP C 18 12.60 18.27 -44.57
C ASP C 18 11.10 18.44 -44.31
N ASP C 19 10.69 19.43 -43.52
CA ASP C 19 9.27 19.68 -43.33
C ASP C 19 8.64 20.44 -44.49
N ILE C 20 9.45 21.20 -45.24
CA ILE C 20 8.91 22.02 -46.33
C ILE C 20 8.11 21.17 -47.30
N GLN C 21 8.67 20.02 -47.69
CA GLN C 21 7.99 19.12 -48.63
C GLN C 21 6.57 18.78 -48.19
N TYR C 22 6.31 18.76 -46.89
CA TYR C 22 5.01 18.38 -46.36
C TYR C 22 4.18 19.57 -45.91
N PHE C 23 4.73 20.79 -45.94
CA PHE C 23 3.99 21.95 -45.47
C PHE C 23 4.28 23.18 -46.32
N ASP C 24 4.54 22.98 -47.61
CA ASP C 24 4.85 24.11 -48.48
C ASP C 24 3.66 25.05 -48.64
N LYS C 25 2.45 24.50 -48.74
CA LYS C 25 1.27 25.31 -48.98
C LYS C 25 0.96 26.26 -47.83
N LEU C 26 1.45 25.98 -46.62
CA LEU C 26 1.19 26.84 -45.48
C LEU C 26 2.11 28.05 -45.42
N LEU C 27 3.17 28.08 -46.22
CA LEU C 27 4.10 29.22 -46.19
C LEU C 27 3.43 30.48 -46.72
N VAL C 28 2.73 30.36 -47.85
CA VAL C 28 2.01 31.50 -48.43
C VAL C 28 0.71 31.71 -47.66
N ASP C 29 0.45 32.96 -47.27
CA ASP C 29 -0.72 33.29 -46.46
C ASP C 29 -1.88 33.61 -47.39
N VAL C 30 -2.45 32.56 -47.97
CA VAL C 30 -3.58 32.69 -48.89
C VAL C 30 -4.84 32.99 -48.08
N ASP C 31 -5.93 33.29 -48.78
CA ASP C 31 -7.22 33.56 -48.14
C ASP C 31 -8.18 32.43 -48.44
N GLU C 32 -9.04 32.11 -47.47
CA GLU C 32 -10.01 31.05 -47.61
C GLU C 32 -11.08 31.43 -48.65
N SER C 33 -11.92 30.45 -48.98
CA SER C 33 -13.03 30.59 -49.93
C SER C 33 -12.54 30.85 -51.35
N THR C 34 -11.32 31.35 -51.51
CA THR C 34 -10.75 31.50 -52.85
C THR C 34 -10.42 30.14 -53.45
N LEU C 35 -9.91 29.22 -52.63
CA LEU C 35 -9.55 27.89 -53.05
C LEU C 35 -10.73 26.93 -52.89
N SER C 36 -10.59 25.75 -53.49
CA SER C 36 -11.64 24.75 -53.43
C SER C 36 -11.92 24.34 -51.99
N PRO C 37 -13.17 23.98 -51.67
CA PRO C 37 -13.47 23.50 -50.31
C PRO C 37 -12.73 22.22 -49.96
N GLU C 38 -12.43 21.38 -50.95
CA GLU C 38 -11.57 20.23 -50.70
C GLU C 38 -10.14 20.66 -50.37
N GLU C 39 -9.68 21.76 -50.96
CA GLU C 39 -8.36 22.28 -50.62
C GLU C 39 -8.34 22.89 -49.23
N GLN C 40 -9.46 23.47 -48.79
CA GLN C 40 -9.53 24.03 -47.43
C GLN C 40 -9.41 22.93 -46.38
N LYS C 41 -9.90 21.72 -46.69
CA LYS C 41 -9.72 20.60 -45.77
C LYS C 41 -8.25 20.23 -45.63
N GLU C 42 -7.56 20.11 -46.76
CA GLU C 42 -6.14 19.80 -46.73
C GLU C 42 -5.35 20.87 -45.99
N ARG C 43 -5.77 22.13 -46.12
CA ARG C 43 -5.09 23.22 -45.44
C ARG C 43 -5.18 23.06 -43.92
N LYS C 44 -6.39 22.78 -43.42
CA LYS C 44 -6.55 22.61 -41.97
C LYS C 44 -5.86 21.34 -41.49
N ILE C 45 -5.86 20.28 -42.29
CA ILE C 45 -5.13 19.07 -41.89
C ILE C 45 -3.64 19.38 -41.77
N MET C 46 -3.10 20.14 -42.74
CA MET C 46 -1.69 20.55 -42.67
C MET C 46 -1.43 21.36 -41.42
N LYS C 47 -2.30 22.33 -41.12
CA LYS C 47 -2.11 23.16 -39.94
C LYS C 47 -2.11 22.31 -38.66
N LEU C 48 -3.07 21.38 -38.55
CA LEU C 48 -3.17 20.55 -37.37
C LEU C 48 -1.94 19.65 -37.22
N LEU C 49 -1.48 19.04 -38.32
CA LEU C 49 -0.33 18.17 -38.24
C LEU C 49 0.94 18.94 -37.93
N LEU C 50 1.06 20.17 -38.44
CA LEU C 50 2.23 20.99 -38.13
C LEU C 50 2.23 21.41 -36.67
N LYS C 51 1.06 21.75 -36.13
CA LYS C 51 0.98 22.08 -34.71
C LYS C 51 1.26 20.87 -33.84
N ILE C 52 0.93 19.66 -34.31
CA ILE C 52 1.22 18.46 -33.54
C ILE C 52 2.70 18.13 -33.57
N LYS C 53 3.31 18.17 -34.76
CA LYS C 53 4.66 17.63 -34.93
C LYS C 53 5.74 18.54 -34.37
N ASN C 54 5.59 19.86 -34.51
CA ASN C 54 6.64 20.78 -34.11
C ASN C 54 6.08 21.88 -33.22
N GLY C 55 5.19 21.52 -32.29
CA GLY C 55 4.54 22.48 -31.43
C GLY C 55 4.91 22.27 -29.97
N THR C 56 4.56 23.28 -29.16
CA THR C 56 4.72 23.20 -27.72
C THR C 56 3.68 22.24 -27.14
N PRO C 57 3.87 21.78 -25.91
CA PRO C 57 2.91 20.83 -25.30
C PRO C 57 1.47 21.34 -25.34
N PRO C 58 1.21 22.62 -24.99
CA PRO C 58 -0.18 23.09 -25.11
C PRO C 58 -0.69 23.10 -26.54
N MET C 59 0.15 23.52 -27.50
CA MET C 59 -0.24 23.46 -28.90
C MET C 59 -0.54 22.04 -29.33
N ARG C 60 0.29 21.08 -28.91
CA ARG C 60 0.07 19.69 -29.28
C ARG C 60 -1.23 19.16 -28.69
N LYS C 61 -1.52 19.49 -27.43
CA LYS C 61 -2.76 19.02 -26.82
C LYS C 61 -3.98 19.63 -27.52
N ALA C 62 -3.93 20.93 -27.80
CA ALA C 62 -5.05 21.58 -28.48
C ALA C 62 -5.26 21.01 -29.87
N ALA C 63 -4.17 20.78 -30.60
CA ALA C 63 -4.29 20.25 -31.96
C ALA C 63 -4.78 18.81 -31.95
N LEU C 64 -4.37 18.02 -30.95
CA LEU C 64 -4.87 16.66 -30.84
C LEU C 64 -6.37 16.66 -30.56
N ARG C 65 -6.81 17.49 -29.61
CA ARG C 65 -8.24 17.57 -29.33
C ARG C 65 -9.02 18.03 -30.56
N GLN C 66 -8.47 18.98 -31.31
CA GLN C 66 -9.16 19.48 -32.50
C GLN C 66 -9.24 18.42 -33.59
N ILE C 67 -8.13 17.69 -33.83
CA ILE C 67 -8.12 16.69 -34.88
C ILE C 67 -8.93 15.47 -34.49
N THR C 68 -9.17 15.24 -33.20
CA THR C 68 -10.03 14.14 -32.80
C THR C 68 -11.51 14.54 -32.86
N ASP C 69 -11.84 15.76 -32.44
CA ASP C 69 -13.22 16.20 -32.45
C ASP C 69 -13.75 16.50 -33.84
N LYS C 70 -12.90 16.45 -34.87
CA LYS C 70 -13.33 16.67 -36.24
C LYS C 70 -12.85 15.59 -37.19
N ALA C 71 -12.43 14.44 -36.66
CA ALA C 71 -11.92 13.36 -37.51
C ALA C 71 -13.01 12.81 -38.42
N ARG C 72 -14.25 12.73 -37.92
CA ARG C 72 -15.35 12.26 -38.75
C ARG C 72 -15.67 13.26 -39.86
N GLU C 73 -15.66 14.55 -39.53
CA GLU C 73 -15.90 15.58 -40.54
C GLU C 73 -14.79 15.59 -41.59
N PHE C 74 -13.54 15.43 -41.16
CA PHE C 74 -12.42 15.46 -42.10
C PHE C 74 -12.43 14.24 -43.02
N GLY C 75 -12.83 13.09 -42.50
CA GLY C 75 -12.85 11.88 -43.31
C GLY C 75 -11.51 11.16 -43.32
N ALA C 76 -11.58 9.84 -43.51
CA ALA C 76 -10.37 9.03 -43.47
C ALA C 76 -9.45 9.33 -44.65
N GLY C 77 -10.03 9.61 -45.82
CA GLY C 77 -9.30 9.79 -47.04
C GLY C 77 -8.17 10.80 -46.95
N PRO C 78 -8.51 12.09 -46.87
CA PRO C 78 -7.46 13.12 -46.83
C PRO C 78 -6.63 13.05 -45.55
N LEU C 79 -7.24 12.69 -44.43
CA LEU C 79 -6.51 12.55 -43.17
C LEU C 79 -5.32 11.61 -43.33
N PHE C 80 -5.58 10.39 -43.79
CA PHE C 80 -4.50 9.43 -43.95
C PHE C 80 -3.61 9.76 -45.14
N ASN C 81 -4.17 10.34 -46.21
CA ASN C 81 -3.34 10.74 -47.34
C ASN C 81 -2.34 11.82 -46.98
N GLN C 82 -2.62 12.60 -45.94
CA GLN C 82 -1.64 13.56 -45.42
C GLN C 82 -0.76 12.96 -44.34
N ILE C 83 -1.28 12.04 -43.52
CA ILE C 83 -0.51 11.51 -42.40
C ILE C 83 0.55 10.51 -42.87
N LEU C 84 0.15 9.55 -43.72
CA LEU C 84 1.06 8.46 -44.10
C LEU C 84 2.35 8.93 -44.76
N PRO C 85 2.35 9.92 -45.67
CA PRO C 85 3.65 10.39 -46.18
C PRO C 85 4.57 10.94 -45.10
N LEU C 86 4.01 11.67 -44.13
CA LEU C 86 4.83 12.20 -43.04
C LEU C 86 5.39 11.08 -42.17
N LEU C 87 4.64 10.00 -41.98
CA LEU C 87 5.08 8.92 -41.12
C LEU C 87 6.29 8.19 -41.70
N MET C 88 6.41 8.12 -43.03
CA MET C 88 7.50 7.41 -43.68
C MET C 88 8.52 8.37 -44.28
N SER C 89 8.71 9.52 -43.66
CA SER C 89 9.78 10.42 -44.07
C SER C 89 11.11 9.86 -43.60
N PRO C 90 12.12 9.74 -44.46
CA PRO C 90 13.41 9.16 -44.04
C PRO C 90 14.11 9.95 -42.95
N THR C 91 13.72 11.22 -42.73
CA THR C 91 14.34 12.07 -41.73
C THR C 91 13.44 12.31 -40.53
N LEU C 92 12.47 11.44 -40.29
CA LEU C 92 11.54 11.61 -39.18
C LEU C 92 12.19 11.16 -37.88
N GLU C 93 12.06 11.99 -36.85
CA GLU C 93 12.56 11.64 -35.53
C GLU C 93 11.69 10.54 -34.91
N ASP C 94 12.24 9.87 -33.91
CA ASP C 94 11.50 8.79 -33.26
C ASP C 94 10.33 9.32 -32.44
N GLN C 95 10.51 10.47 -31.78
CA GLN C 95 9.42 11.05 -31.01
C GLN C 95 8.33 11.62 -31.93
N GLU C 96 8.72 12.17 -33.07
CA GLU C 96 7.72 12.56 -34.07
C GLU C 96 6.94 11.34 -34.55
N ARG C 97 7.63 10.22 -34.74
CA ARG C 97 6.93 8.98 -35.12
C ARG C 97 5.96 8.54 -34.04
N HIS C 98 6.35 8.69 -32.77
CA HIS C 98 5.46 8.32 -31.67
C HIS C 98 4.23 9.22 -31.62
N LEU C 99 4.42 10.52 -31.82
CA LEU C 99 3.29 11.44 -31.86
C LEU C 99 2.34 11.11 -33.01
N LEU C 100 2.90 10.76 -34.17
CA LEU C 100 2.06 10.38 -35.30
C LEU C 100 1.32 9.08 -35.02
N VAL C 101 1.97 8.13 -34.35
CA VAL C 101 1.29 6.90 -33.96
C VAL C 101 0.12 7.21 -33.03
N LYS C 102 0.31 8.15 -32.11
CA LYS C 102 -0.75 8.49 -31.17
C LYS C 102 -1.92 9.16 -31.87
N VAL C 103 -1.65 10.10 -32.77
CA VAL C 103 -2.75 10.74 -33.50
C VAL C 103 -3.45 9.73 -34.40
N ILE C 104 -2.71 8.75 -34.93
CA ILE C 104 -3.33 7.70 -35.73
C ILE C 104 -4.25 6.86 -34.87
N ASP C 105 -3.81 6.48 -33.66
CA ASP C 105 -4.67 5.74 -32.75
C ASP C 105 -5.95 6.50 -32.45
N ARG C 106 -5.83 7.80 -32.18
CA ARG C 106 -7.00 8.59 -31.82
C ARG C 106 -7.98 8.72 -32.99
N ILE C 107 -7.47 9.00 -34.19
CA ILE C 107 -8.38 9.12 -35.34
C ILE C 107 -8.98 7.77 -35.69
N LEU C 108 -8.25 6.67 -35.50
CA LEU C 108 -8.81 5.35 -35.76
C LEU C 108 -9.93 5.03 -34.78
N TYR C 109 -9.77 5.41 -33.51
CA TYR C 109 -10.86 5.24 -32.56
C TYR C 109 -12.07 6.07 -32.97
N LYS C 110 -11.84 7.31 -33.44
CA LYS C 110 -12.97 8.15 -33.83
C LYS C 110 -13.59 7.68 -35.14
N LEU C 111 -12.77 7.26 -36.10
CA LEU C 111 -13.28 6.94 -37.43
C LEU C 111 -14.09 5.66 -37.44
N ASP C 112 -13.61 4.62 -36.74
CA ASP C 112 -14.28 3.32 -36.63
C ASP C 112 -14.38 2.69 -38.02
N ASP C 113 -15.57 2.36 -38.52
CA ASP C 113 -15.73 1.59 -39.75
C ASP C 113 -15.47 2.41 -41.01
N LEU C 114 -15.17 3.69 -40.90
CA LEU C 114 -14.90 4.49 -42.09
C LEU C 114 -13.55 4.15 -42.74
N VAL C 115 -12.68 3.42 -42.04
CA VAL C 115 -11.36 3.10 -42.55
C VAL C 115 -11.33 1.81 -43.35
N ARG C 116 -12.45 1.08 -43.43
CA ARG C 116 -12.48 -0.18 -44.14
C ARG C 116 -11.97 -0.09 -45.58
N PRO C 117 -12.36 0.91 -46.39
CA PRO C 117 -11.81 0.99 -47.75
C PRO C 117 -10.33 1.32 -47.80
N TYR C 118 -9.75 1.86 -46.73
CA TYR C 118 -8.36 2.31 -46.73
C TYR C 118 -7.42 1.34 -46.04
N VAL C 119 -7.94 0.25 -45.46
CA VAL C 119 -7.13 -0.67 -44.66
C VAL C 119 -5.89 -1.10 -45.44
N HIS C 120 -6.09 -1.66 -46.64
CA HIS C 120 -4.96 -2.09 -47.46
C HIS C 120 -3.97 -0.95 -47.66
N LYS C 121 -4.47 0.23 -48.03
CA LYS C 121 -3.59 1.37 -48.29
C LYS C 121 -2.72 1.68 -47.08
N ILE C 122 -3.22 1.40 -45.88
CA ILE C 122 -2.43 1.65 -44.67
C ILE C 122 -1.44 0.52 -44.43
N LEU C 123 -1.84 -0.73 -44.67
CA LEU C 123 -1.01 -1.87 -44.32
C LEU C 123 0.31 -1.83 -45.08
N VAL C 124 0.26 -1.62 -46.40
CA VAL C 124 1.46 -1.56 -47.21
C VAL C 124 2.42 -0.49 -46.74
N VAL C 125 1.97 0.44 -45.91
CA VAL C 125 2.85 1.44 -45.34
C VAL C 125 3.39 1.01 -43.99
N ILE C 126 2.57 0.37 -43.17
CA ILE C 126 2.93 0.13 -41.77
C ILE C 126 3.80 -1.11 -41.62
N GLU C 127 3.54 -2.15 -42.41
CA GLU C 127 4.22 -3.42 -42.26
C GLU C 127 5.75 -3.33 -42.24
N PRO C 128 6.41 -2.44 -42.99
CA PRO C 128 7.88 -2.34 -42.87
C PRO C 128 8.35 -2.07 -41.44
N LEU C 129 7.60 -1.27 -40.67
CA LEU C 129 7.99 -0.99 -39.29
C LEU C 129 8.12 -2.24 -38.45
N LEU C 130 7.40 -3.32 -38.80
CA LEU C 130 7.47 -4.57 -38.07
C LEU C 130 8.79 -5.31 -38.26
N ILE C 131 9.59 -4.95 -39.27
CA ILE C 131 10.87 -5.59 -39.49
C ILE C 131 12.04 -4.61 -39.33
N ASP C 132 11.77 -3.42 -38.83
CA ASP C 132 12.84 -2.45 -38.59
C ASP C 132 13.69 -2.90 -37.41
N GLU C 133 14.99 -2.55 -37.48
CA GLU C 133 15.89 -2.90 -36.38
C GLU C 133 15.53 -2.20 -35.08
N ASP C 134 14.84 -1.06 -35.15
CA ASP C 134 14.46 -0.32 -33.96
C ASP C 134 13.32 -1.05 -33.25
N TYR C 135 13.55 -1.39 -31.98
CA TYR C 135 12.53 -2.09 -31.21
C TYR C 135 11.27 -1.25 -31.06
N TYR C 136 11.43 0.05 -30.79
CA TYR C 136 10.27 0.91 -30.61
C TYR C 136 9.54 1.16 -31.92
N ALA C 137 10.24 1.10 -33.04
CA ALA C 137 9.57 1.17 -34.34
C ALA C 137 8.64 -0.02 -34.53
N ARG C 138 9.10 -1.22 -34.17
CA ARG C 138 8.25 -2.41 -34.25
C ARG C 138 7.08 -2.30 -33.28
N VAL C 139 7.33 -1.78 -32.07
CA VAL C 139 6.26 -1.59 -31.11
C VAL C 139 5.19 -0.65 -31.65
N GLU C 140 5.62 0.45 -32.28
CA GLU C 140 4.67 1.41 -32.84
C GLU C 140 3.91 0.81 -34.02
N GLY C 141 4.58 0.02 -34.86
CA GLY C 141 3.89 -0.64 -35.95
C GLY C 141 2.83 -1.60 -35.44
N ARG C 142 3.17 -2.41 -34.45
CA ARG C 142 2.20 -3.32 -33.85
C ARG C 142 1.04 -2.56 -33.23
N GLU C 143 1.32 -1.42 -32.58
CA GLU C 143 0.25 -0.62 -31.99
C GLU C 143 -0.68 -0.07 -33.06
N ILE C 144 -0.12 0.40 -34.18
CA ILE C 144 -0.94 0.92 -35.27
C ILE C 144 -1.82 -0.18 -35.83
N ILE C 145 -1.25 -1.37 -36.05
CA ILE C 145 -2.02 -2.48 -36.60
C ILE C 145 -3.11 -2.91 -35.63
N SER C 146 -2.82 -2.87 -34.33
CA SER C 146 -3.82 -3.22 -33.33
C SER C 146 -5.00 -2.25 -33.36
N ASN C 147 -4.71 -0.94 -33.38
CA ASN C 147 -5.78 0.04 -33.45
C ASN C 147 -6.57 -0.07 -34.75
N LEU C 148 -5.87 -0.36 -35.85
CA LEU C 148 -6.57 -0.52 -37.13
C LEU C 148 -7.50 -1.72 -37.09
N ALA C 149 -7.03 -2.85 -36.54
CA ALA C 149 -7.87 -4.03 -36.45
C ALA C 149 -9.07 -3.79 -35.53
N LYS C 150 -8.88 -3.04 -34.45
CA LYS C 150 -10.01 -2.72 -33.58
C LYS C 150 -10.99 -1.77 -34.26
N ALA C 151 -10.50 -0.94 -35.18
CA ALA C 151 -11.39 0.03 -35.81
C ALA C 151 -12.10 -0.57 -37.03
N ALA C 152 -11.41 -1.38 -37.83
CA ALA C 152 -11.97 -1.95 -39.04
C ALA C 152 -12.79 -3.21 -38.79
N GLY C 153 -12.41 -4.04 -37.84
CA GLY C 153 -13.11 -5.28 -37.59
C GLY C 153 -12.33 -6.50 -38.09
N LEU C 154 -12.65 -7.65 -37.52
CA LEU C 154 -11.94 -8.88 -37.86
C LEU C 154 -12.19 -9.28 -39.32
N ALA C 155 -13.44 -9.15 -39.78
CA ALA C 155 -13.77 -9.56 -41.14
C ALA C 155 -13.02 -8.73 -42.17
N THR C 156 -12.93 -7.41 -41.94
CA THR C 156 -12.20 -6.55 -42.87
C THR C 156 -10.72 -6.95 -42.94
N MET C 157 -10.11 -7.18 -41.78
CA MET C 157 -8.69 -7.54 -41.76
C MET C 157 -8.46 -8.88 -42.47
N ILE C 158 -9.33 -9.86 -42.21
CA ILE C 158 -9.18 -11.16 -42.86
C ILE C 158 -9.35 -11.03 -44.37
N SER C 159 -10.36 -10.27 -44.80
CA SER C 159 -10.61 -10.10 -46.22
C SER C 159 -9.49 -9.34 -46.92
N THR C 160 -8.84 -8.42 -46.21
CA THR C 160 -7.78 -7.63 -46.82
C THR C 160 -6.44 -8.35 -46.82
N MET C 161 -6.17 -9.19 -45.82
CA MET C 161 -4.87 -9.84 -45.69
C MET C 161 -4.84 -11.27 -46.21
N ARG C 162 -5.98 -11.85 -46.56
CA ARG C 162 -6.03 -13.23 -47.05
C ARG C 162 -5.30 -13.45 -48.37
N PRO C 163 -5.42 -12.57 -49.38
CA PRO C 163 -4.79 -12.87 -50.68
C PRO C 163 -3.28 -13.06 -50.64
N ASP C 164 -2.61 -12.58 -49.60
CA ASP C 164 -1.16 -12.70 -49.49
C ASP C 164 -0.73 -13.97 -48.76
N ILE C 165 -1.67 -14.85 -48.43
CA ILE C 165 -1.32 -16.05 -47.67
C ILE C 165 -0.55 -17.04 -48.53
N ASP C 166 -1.03 -17.29 -49.75
CA ASP C 166 -0.46 -18.28 -50.65
C ASP C 166 0.56 -17.69 -51.62
N ASN C 167 1.13 -16.53 -51.30
CA ASN C 167 2.16 -15.95 -52.13
C ASN C 167 3.45 -16.77 -52.06
N MET C 168 4.17 -16.83 -53.19
CA MET C 168 5.41 -17.60 -53.28
C MET C 168 6.63 -16.71 -53.12
N ASP C 169 6.55 -15.71 -52.24
CA ASP C 169 7.69 -14.85 -51.96
C ASP C 169 8.47 -15.29 -50.73
N GLU C 170 7.80 -15.96 -49.78
CA GLU C 170 8.40 -16.47 -48.54
C GLU C 170 8.78 -15.33 -47.60
N TYR C 171 8.80 -14.10 -48.11
CA TYR C 171 9.05 -12.90 -47.31
C TYR C 171 7.76 -12.16 -46.99
N VAL C 172 6.92 -11.93 -47.99
CA VAL C 172 5.59 -11.38 -47.71
C VAL C 172 4.77 -12.36 -46.89
N ARG C 173 5.08 -13.66 -46.98
CA ARG C 173 4.43 -14.63 -46.13
C ARG C 173 4.78 -14.39 -44.67
N ASN C 174 6.07 -14.20 -44.37
CA ASN C 174 6.47 -13.89 -43.00
C ASN C 174 5.87 -12.57 -42.53
N THR C 175 5.82 -11.57 -43.42
CA THR C 175 5.22 -10.29 -43.06
C THR C 175 3.75 -10.44 -42.70
N THR C 176 3.00 -11.18 -43.53
CA THR C 176 1.58 -11.41 -43.28
C THR C 176 1.36 -12.22 -42.01
N ALA C 177 2.26 -13.19 -41.74
CA ALA C 177 2.15 -13.96 -40.51
C ALA C 177 2.35 -13.08 -39.29
N ARG C 178 3.37 -12.21 -39.32
CA ARG C 178 3.59 -11.29 -38.21
C ARG C 178 2.40 -10.37 -38.01
N ALA C 179 1.86 -9.82 -39.10
CA ALA C 179 0.72 -8.90 -38.95
C ALA C 179 -0.52 -9.63 -38.45
N PHE C 180 -0.71 -10.90 -38.85
CA PHE C 180 -1.84 -11.67 -38.34
C PHE C 180 -1.67 -11.96 -36.85
N ALA C 181 -0.44 -12.26 -36.42
CA ALA C 181 -0.20 -12.40 -34.98
C ALA C 181 -0.52 -11.12 -34.24
N VAL C 182 -0.20 -9.97 -34.85
CA VAL C 182 -0.49 -8.69 -34.21
C VAL C 182 -2.00 -8.51 -34.06
N VAL C 183 -2.76 -8.78 -35.12
CA VAL C 183 -4.20 -8.60 -35.02
C VAL C 183 -4.80 -9.63 -34.07
N ALA C 184 -4.17 -10.80 -33.92
CA ALA C 184 -4.65 -11.78 -32.96
C ALA C 184 -4.44 -11.28 -31.53
N SER C 185 -3.27 -10.70 -31.25
CA SER C 185 -3.04 -10.11 -29.94
C SER C 185 -3.94 -8.91 -29.70
N ALA C 186 -4.38 -8.25 -30.77
CA ALA C 186 -5.24 -7.07 -30.63
C ALA C 186 -6.68 -7.46 -30.32
N LEU C 187 -7.22 -8.41 -31.07
CA LEU C 187 -8.63 -8.78 -30.96
C LEU C 187 -8.87 -10.06 -30.17
N GLY C 188 -7.83 -10.74 -29.73
CA GLY C 188 -7.99 -11.94 -28.94
C GLY C 188 -7.82 -13.19 -29.77
N ILE C 189 -7.29 -14.24 -29.14
CA ILE C 189 -7.09 -15.50 -29.85
C ILE C 189 -8.40 -16.12 -30.31
N PRO C 190 -9.46 -16.20 -29.49
CA PRO C 190 -10.69 -16.89 -29.96
C PRO C 190 -11.28 -16.32 -31.23
N SER C 191 -11.16 -15.01 -31.46
CA SER C 191 -11.73 -14.42 -32.66
C SER C 191 -11.06 -14.98 -33.92
N LEU C 192 -9.75 -15.18 -33.87
CA LEU C 192 -8.99 -15.67 -35.01
C LEU C 192 -8.83 -17.19 -34.99
N LEU C 193 -9.33 -17.87 -33.96
CA LEU C 193 -9.24 -19.32 -33.92
C LEU C 193 -9.90 -20.02 -35.11
N PRO C 194 -11.12 -19.66 -35.56
CA PRO C 194 -11.69 -20.37 -36.71
C PRO C 194 -10.91 -20.17 -38.00
N PHE C 195 -10.46 -18.94 -38.26
CA PHE C 195 -9.66 -18.69 -39.44
C PHE C 195 -8.39 -19.54 -39.44
N LEU C 196 -7.74 -19.65 -38.28
CA LEU C 196 -6.51 -20.45 -38.20
C LEU C 196 -6.80 -21.93 -38.37
N LYS C 197 -7.88 -22.44 -37.75
CA LYS C 197 -8.24 -23.83 -37.90
C LYS C 197 -8.59 -24.17 -39.34
N ALA C 198 -9.14 -23.20 -40.08
CA ALA C 198 -9.45 -23.42 -41.49
C ALA C 198 -8.20 -23.36 -42.36
N VAL C 199 -7.33 -22.37 -42.12
CA VAL C 199 -6.19 -22.15 -43.00
C VAL C 199 -5.11 -23.21 -42.78
N CYS C 200 -4.88 -23.62 -41.54
CA CYS C 200 -3.82 -24.60 -41.26
C CYS C 200 -4.11 -25.95 -41.90
N LYS C 201 -5.36 -26.21 -42.29
CA LYS C 201 -5.75 -27.44 -42.97
C LYS C 201 -6.13 -27.17 -44.42
N SER C 202 -5.42 -26.25 -45.07
CA SER C 202 -5.76 -25.87 -46.43
C SER C 202 -5.34 -26.96 -47.41
N LYS C 203 -6.21 -27.24 -48.38
CA LYS C 203 -5.93 -28.21 -49.42
C LYS C 203 -5.35 -27.60 -50.68
N LYS C 204 -5.48 -26.28 -50.86
CA LYS C 204 -5.00 -25.63 -52.08
C LYS C 204 -3.49 -25.78 -52.23
N SER C 205 -2.73 -25.30 -51.25
CA SER C 205 -1.28 -25.33 -51.32
C SER C 205 -0.72 -25.46 -49.92
N TRP C 206 0.59 -25.79 -49.85
CA TRP C 206 1.28 -25.86 -48.58
C TRP C 206 1.73 -24.49 -48.08
N GLN C 207 1.73 -23.48 -48.96
CA GLN C 207 2.09 -22.13 -48.51
C GLN C 207 1.11 -21.60 -47.50
N ALA C 208 -0.18 -21.94 -47.66
CA ALA C 208 -1.19 -21.49 -46.69
C ALA C 208 -0.98 -22.14 -45.33
N ARG C 209 -0.68 -23.45 -45.32
CA ARG C 209 -0.40 -24.13 -44.06
C ARG C 209 0.84 -23.57 -43.39
N HIS C 210 1.91 -23.34 -44.18
CA HIS C 210 3.12 -22.74 -43.63
C HIS C 210 2.84 -21.37 -43.03
N THR C 211 2.04 -20.55 -43.73
CA THR C 211 1.74 -19.22 -43.22
C THR C 211 0.90 -19.28 -41.95
N GLY C 212 -0.07 -20.19 -41.89
CA GLY C 212 -0.87 -20.30 -40.67
C GLY C 212 -0.05 -20.77 -39.48
N ILE C 213 0.86 -21.71 -39.71
CA ILE C 213 1.71 -22.18 -38.61
C ILE C 213 2.68 -21.09 -38.18
N LYS C 214 3.20 -20.30 -39.12
CA LYS C 214 4.01 -19.15 -38.76
C LYS C 214 3.19 -18.12 -37.99
N ILE C 215 1.91 -17.99 -38.30
CA ILE C 215 1.04 -17.11 -37.53
C ILE C 215 0.96 -17.60 -36.09
N VAL C 216 0.80 -18.91 -35.89
CA VAL C 216 0.77 -19.45 -34.53
C VAL C 216 2.10 -19.19 -33.81
N GLN C 217 3.22 -19.40 -34.51
CA GLN C 217 4.53 -19.16 -33.90
C GLN C 217 4.68 -17.70 -33.47
N GLN C 218 4.32 -16.78 -34.36
CA GLN C 218 4.45 -15.36 -34.04
C GLN C 218 3.47 -14.94 -32.95
N ILE C 219 2.30 -15.55 -32.89
CA ILE C 219 1.37 -15.31 -31.79
C ILE C 219 2.01 -15.68 -30.46
N ALA C 220 2.60 -16.88 -30.41
CA ALA C 220 3.33 -17.28 -29.19
C ALA C 220 4.41 -16.27 -28.86
N ILE C 221 5.28 -15.97 -29.83
CA ILE C 221 6.43 -15.10 -29.59
C ILE C 221 5.98 -13.74 -29.09
N LEU C 222 4.83 -13.26 -29.58
CA LEU C 222 4.38 -11.91 -29.25
C LEU C 222 3.65 -11.86 -27.92
N MET C 223 2.87 -12.89 -27.59
CA MET C 223 1.99 -12.80 -26.44
C MET C 223 2.53 -13.49 -25.19
N GLY C 224 3.48 -14.42 -25.33
CA GLY C 224 4.10 -14.99 -24.14
C GLY C 224 3.10 -15.78 -23.29
N CYS C 225 3.11 -15.51 -21.99
CA CYS C 225 2.30 -16.25 -21.04
C CYS C 225 0.80 -16.08 -21.24
N ALA C 226 0.37 -15.09 -22.04
CA ALA C 226 -1.05 -14.83 -22.22
C ALA C 226 -1.75 -15.89 -23.06
N ILE C 227 -1.00 -16.79 -23.72
CA ILE C 227 -1.61 -17.80 -24.58
C ILE C 227 -1.97 -19.08 -23.83
N LEU C 228 -1.69 -19.13 -22.52
CA LEU C 228 -1.98 -20.35 -21.76
C LEU C 228 -3.46 -20.74 -21.77
N PRO C 229 -4.43 -19.82 -21.71
CA PRO C 229 -5.84 -20.25 -21.80
C PRO C 229 -6.19 -20.97 -23.09
N HIS C 230 -5.57 -20.59 -24.22
CA HIS C 230 -5.89 -21.18 -25.52
C HIS C 230 -4.76 -22.04 -26.06
N LEU C 231 -3.87 -22.51 -25.18
CA LEU C 231 -2.75 -23.34 -25.62
C LEU C 231 -3.25 -24.66 -26.20
N ARG C 232 -4.26 -25.27 -25.58
CA ARG C 232 -4.82 -26.50 -26.10
C ARG C 232 -5.39 -26.30 -27.49
N SER C 233 -6.13 -25.22 -27.70
CA SER C 233 -6.70 -24.95 -29.02
C SER C 233 -5.61 -24.72 -30.06
N LEU C 234 -4.59 -23.95 -29.72
CA LEU C 234 -3.50 -23.71 -30.65
C LEU C 234 -2.78 -25.00 -31.02
N VAL C 235 -2.50 -25.84 -30.02
CA VAL C 235 -1.81 -27.10 -30.29
C VAL C 235 -2.67 -28.02 -31.13
N GLU C 236 -3.97 -28.09 -30.85
CA GLU C 236 -4.84 -28.96 -31.64
C GLU C 236 -5.01 -28.45 -33.06
N ILE C 237 -4.94 -27.14 -33.28
CA ILE C 237 -5.02 -26.60 -34.63
C ILE C 237 -3.72 -26.85 -35.39
N ILE C 238 -2.59 -26.83 -34.69
CA ILE C 238 -1.29 -26.85 -35.37
C ILE C 238 -0.66 -28.24 -35.44
N GLU C 239 -1.17 -29.22 -34.69
CA GLU C 239 -0.46 -30.49 -34.56
C GLU C 239 -0.39 -31.28 -35.86
N HIS C 240 -1.40 -31.14 -36.73
CA HIS C 240 -1.46 -31.96 -37.93
C HIS C 240 -0.30 -31.71 -38.90
N GLY C 241 0.38 -30.56 -38.77
CA GLY C 241 1.48 -30.24 -39.65
C GLY C 241 2.76 -31.02 -39.43
N LEU C 242 2.86 -31.75 -38.33
CA LEU C 242 4.08 -32.52 -38.04
C LEU C 242 4.25 -33.71 -38.97
N VAL C 243 3.17 -34.20 -39.56
CA VAL C 243 3.21 -35.37 -40.43
C VAL C 243 2.90 -35.00 -41.87
N ASP C 244 2.98 -33.72 -42.22
CA ASP C 244 2.72 -33.27 -43.57
C ASP C 244 3.85 -33.68 -44.51
N GLU C 245 3.56 -33.65 -45.81
CA GLU C 245 4.53 -34.10 -46.80
C GLU C 245 5.63 -33.07 -47.05
N GLN C 246 5.32 -31.78 -46.89
CA GLN C 246 6.31 -30.74 -47.06
C GLN C 246 7.25 -30.67 -45.86
N GLN C 247 8.55 -30.53 -46.13
CA GLN C 247 9.51 -30.46 -45.03
C GLN C 247 9.51 -29.09 -44.38
N LYS C 248 9.29 -28.03 -45.15
CA LYS C 248 9.26 -26.68 -44.59
C LYS C 248 8.11 -26.52 -43.61
N VAL C 249 6.96 -27.12 -43.92
CA VAL C 249 5.82 -26.99 -43.01
C VAL C 249 6.03 -27.82 -41.75
N ARG C 250 6.71 -28.96 -41.85
CA ARG C 250 7.06 -29.70 -40.63
C ARG C 250 8.05 -28.91 -39.77
N THR C 251 9.03 -28.29 -40.40
CA THR C 251 9.99 -27.48 -39.66
C THR C 251 9.30 -26.32 -38.95
N ILE C 252 8.41 -25.61 -39.65
CA ILE C 252 7.73 -24.50 -38.99
C ILE C 252 6.76 -24.99 -37.92
N SER C 253 6.19 -26.19 -38.09
CA SER C 253 5.36 -26.76 -37.04
C SER C 253 6.19 -27.00 -35.78
N ALA C 254 7.37 -27.59 -35.93
CA ALA C 254 8.22 -27.82 -34.77
C ALA C 254 8.67 -26.51 -34.13
N LEU C 255 9.01 -25.52 -34.95
CA LEU C 255 9.45 -24.24 -34.40
C LEU C 255 8.33 -23.53 -33.66
N ALA C 256 7.11 -23.61 -34.18
CA ALA C 256 5.97 -23.01 -33.49
C ALA C 256 5.61 -23.78 -32.22
N ILE C 257 5.80 -25.11 -32.22
CA ILE C 257 5.62 -25.87 -30.99
C ILE C 257 6.63 -25.41 -29.94
N ALA C 258 7.88 -25.20 -30.37
CA ALA C 258 8.90 -24.70 -29.44
C ALA C 258 8.54 -23.32 -28.92
N ALA C 259 7.99 -22.46 -29.79
CA ALA C 259 7.59 -21.12 -29.36
C ALA C 259 6.44 -21.19 -28.35
N LEU C 260 5.45 -22.05 -28.61
CA LEU C 260 4.35 -22.23 -27.67
C LEU C 260 4.86 -22.75 -26.33
N ALA C 261 5.83 -23.67 -26.35
CA ALA C 261 6.38 -24.20 -25.11
C ALA C 261 7.14 -23.11 -24.35
N GLU C 262 7.96 -22.33 -25.06
CA GLU C 262 8.72 -21.26 -24.41
C GLU C 262 7.80 -20.22 -23.80
N ALA C 263 6.69 -19.91 -24.48
CA ALA C 263 5.77 -18.91 -23.97
C ALA C 263 4.91 -19.44 -22.82
N ALA C 264 4.81 -20.76 -22.65
CA ALA C 264 3.98 -21.35 -21.62
C ALA C 264 4.80 -21.88 -20.44
N THR C 265 6.10 -21.64 -20.42
CA THR C 265 6.93 -22.15 -19.34
C THR C 265 6.50 -21.55 -18.02
N PRO C 266 6.31 -22.35 -16.96
CA PRO C 266 6.45 -23.81 -16.96
C PRO C 266 5.13 -24.56 -16.91
N TYR C 267 4.04 -23.89 -17.27
CA TYR C 267 2.70 -24.45 -17.13
C TYR C 267 2.23 -25.11 -18.43
N GLY C 268 1.20 -25.93 -18.30
CA GLY C 268 0.52 -26.51 -19.45
C GLY C 268 1.31 -27.53 -20.23
N ILE C 269 1.67 -28.65 -19.60
CA ILE C 269 2.29 -29.76 -20.32
C ILE C 269 1.23 -30.69 -20.91
N GLU C 270 0.07 -30.80 -20.26
CA GLU C 270 -1.01 -31.65 -20.76
C GLU C 270 -1.53 -31.19 -22.10
N SER C 271 -1.29 -29.93 -22.47
CA SER C 271 -1.73 -29.44 -23.77
C SER C 271 -0.91 -30.04 -24.90
N PHE C 272 0.36 -30.37 -24.65
CA PHE C 272 1.23 -30.97 -25.65
C PHE C 272 1.19 -32.50 -25.61
N ASP C 273 0.11 -33.08 -25.08
CA ASP C 273 0.04 -34.54 -24.97
C ASP C 273 0.01 -35.20 -26.33
N SER C 274 -0.69 -34.59 -27.30
CA SER C 274 -0.80 -35.14 -28.64
C SER C 274 0.41 -34.83 -29.51
N VAL C 275 1.49 -34.31 -28.93
CA VAL C 275 2.68 -33.95 -29.68
C VAL C 275 3.90 -34.75 -29.26
N LEU C 276 3.86 -35.45 -28.12
CA LEU C 276 5.06 -36.10 -27.59
C LEU C 276 5.52 -37.22 -28.51
N LYS C 277 4.62 -38.15 -28.85
CA LYS C 277 4.98 -39.30 -29.68
C LYS C 277 5.31 -38.91 -31.12
N PRO C 278 4.59 -37.97 -31.74
CA PRO C 278 5.04 -37.50 -33.07
C PRO C 278 6.46 -36.98 -33.07
N LEU C 279 6.81 -36.14 -32.09
CA LEU C 279 8.18 -35.63 -32.00
C LEU C 279 9.16 -36.77 -31.74
N TRP C 280 8.79 -37.69 -30.85
CA TRP C 280 9.69 -38.81 -30.51
C TRP C 280 9.99 -39.67 -31.73
N LYS C 281 9.00 -39.86 -32.61
CA LYS C 281 9.24 -40.64 -33.82
C LYS C 281 10.01 -39.83 -34.86
N GLY C 282 9.68 -38.54 -35.01
CA GLY C 282 10.42 -37.71 -35.94
C GLY C 282 11.88 -37.58 -35.58
N ILE C 283 12.21 -37.73 -34.29
CA ILE C 283 13.60 -37.71 -33.86
C ILE C 283 14.39 -38.79 -34.58
N ARG C 284 13.83 -40.00 -34.66
CA ARG C 284 14.49 -41.10 -35.35
C ARG C 284 14.26 -41.06 -36.85
N GLN C 285 13.25 -40.35 -37.32
CA GLN C 285 12.92 -40.33 -38.75
C GLN C 285 13.67 -39.22 -39.49
N HIS C 286 13.41 -37.96 -39.13
CA HIS C 286 13.87 -36.84 -39.93
C HIS C 286 15.37 -36.57 -39.75
N ARG C 287 15.91 -35.78 -40.66
CA ARG C 287 17.29 -35.33 -40.61
C ARG C 287 17.34 -33.88 -41.09
N GLY C 288 18.47 -33.23 -40.84
CA GLY C 288 18.68 -31.88 -41.32
C GLY C 288 18.01 -30.80 -40.48
N LYS C 289 17.49 -29.76 -41.16
CA LYS C 289 16.88 -28.64 -40.43
C LYS C 289 15.61 -29.07 -39.70
N GLY C 290 14.85 -30.00 -40.28
CA GLY C 290 13.69 -30.54 -39.59
C GLY C 290 14.08 -31.26 -38.31
N LEU C 291 15.20 -31.98 -38.34
CA LEU C 291 15.70 -32.62 -37.13
C LEU C 291 16.04 -31.59 -36.06
N ALA C 292 16.70 -30.50 -36.46
CA ALA C 292 17.05 -29.45 -35.49
C ALA C 292 15.80 -28.81 -34.90
N ALA C 293 14.77 -28.59 -35.74
CA ALA C 293 13.54 -28.00 -35.23
C ALA C 293 12.84 -28.94 -34.25
N PHE C 294 12.78 -30.24 -34.58
CA PHE C 294 12.21 -31.20 -33.65
C PHE C 294 12.97 -31.21 -32.33
N LEU C 295 14.31 -31.19 -32.40
CA LEU C 295 15.11 -31.19 -31.19
C LEU C 295 14.86 -29.94 -30.35
N LYS C 296 14.75 -28.77 -31.01
CA LYS C 296 14.49 -27.54 -30.28
C LYS C 296 13.13 -27.59 -29.60
N ALA C 297 12.11 -28.10 -30.29
CA ALA C 297 10.80 -28.22 -29.68
C ALA C 297 10.83 -29.15 -28.47
N ILE C 298 11.54 -30.27 -28.58
CA ILE C 298 11.62 -31.20 -27.46
C ILE C 298 12.37 -30.56 -26.29
N GLY C 299 13.44 -29.83 -26.59
CA GLY C 299 14.21 -29.20 -25.53
C GLY C 299 13.43 -28.14 -24.79
N TYR C 300 12.57 -27.40 -25.50
CA TYR C 300 11.72 -26.43 -24.83
C TYR C 300 10.51 -27.08 -24.17
N LEU C 301 10.14 -28.30 -24.58
CA LEU C 301 9.01 -28.98 -23.96
C LEU C 301 9.40 -29.70 -22.67
N ILE C 302 10.65 -30.17 -22.58
CA ILE C 302 11.05 -30.99 -21.43
C ILE C 302 10.86 -30.27 -20.09
N PRO C 303 11.25 -28.99 -19.92
CA PRO C 303 11.10 -28.35 -18.60
C PRO C 303 9.67 -28.20 -18.10
N LEU C 304 8.70 -28.77 -18.83
CA LEU C 304 7.31 -28.70 -18.43
C LEU C 304 6.78 -30.01 -17.84
N MET C 305 7.58 -31.07 -17.89
CA MET C 305 7.13 -32.42 -17.54
C MET C 305 7.47 -32.77 -16.09
N ASP C 306 6.78 -33.80 -15.60
CA ASP C 306 7.08 -34.34 -14.27
C ASP C 306 8.45 -34.99 -14.26
N ALA C 307 8.94 -35.28 -13.05
CA ALA C 307 10.30 -35.80 -12.90
C ALA C 307 10.47 -37.14 -13.60
N GLU C 308 9.59 -38.09 -13.32
CA GLU C 308 9.72 -39.43 -13.91
C GLU C 308 9.53 -39.39 -15.42
N TYR C 309 8.55 -38.62 -15.90
CA TYR C 309 8.36 -38.54 -17.35
C TYR C 309 9.46 -37.73 -18.01
N ALA C 310 10.01 -36.73 -17.32
CA ALA C 310 11.18 -36.04 -17.85
C ALA C 310 12.35 -37.01 -18.02
N ASN C 311 12.57 -37.87 -17.01
CA ASN C 311 13.61 -38.88 -17.11
C ASN C 311 13.36 -39.81 -18.29
N TYR C 312 12.11 -40.26 -18.44
CA TYR C 312 11.77 -41.18 -19.52
C TYR C 312 12.02 -40.54 -20.90
N TYR C 313 11.48 -39.34 -21.11
CA TYR C 313 11.64 -38.67 -22.40
C TYR C 313 13.10 -38.35 -22.68
N THR C 314 13.84 -37.92 -21.66
CA THR C 314 15.25 -37.60 -21.86
C THR C 314 16.05 -38.85 -22.21
N ARG C 315 15.77 -39.98 -21.54
CA ARG C 315 16.44 -41.22 -21.91
C ARG C 315 16.05 -41.66 -23.32
N GLU C 316 14.84 -41.30 -23.76
CA GLU C 316 14.43 -41.69 -25.10
C GLU C 316 15.14 -40.87 -26.17
N VAL C 317 15.33 -39.57 -25.92
CA VAL C 317 15.91 -38.69 -26.94
C VAL C 317 17.43 -38.54 -26.82
N MET C 318 18.02 -39.00 -25.72
CA MET C 318 19.44 -38.77 -25.51
C MET C 318 20.32 -39.51 -26.51
N LEU C 319 19.84 -40.64 -27.03
CA LEU C 319 20.61 -41.35 -28.06
C LEU C 319 20.86 -40.45 -29.26
N ILE C 320 19.79 -39.87 -29.81
CA ILE C 320 19.94 -39.00 -30.98
C ILE C 320 20.62 -37.71 -30.60
N LEU C 321 20.46 -37.25 -29.36
CA LEU C 321 21.20 -36.06 -28.92
C LEU C 321 22.70 -36.30 -28.96
N ILE C 322 23.15 -37.41 -28.38
CA ILE C 322 24.58 -37.75 -28.41
C ILE C 322 25.04 -37.95 -29.85
N ARG C 323 24.19 -38.54 -30.69
CA ARG C 323 24.56 -38.75 -32.08
C ARG C 323 24.79 -37.41 -32.79
N GLU C 324 23.90 -36.46 -32.58
CA GLU C 324 23.99 -35.15 -33.22
C GLU C 324 24.98 -34.22 -32.53
N PHE C 325 25.55 -34.64 -31.40
CA PHE C 325 26.63 -33.87 -30.78
C PHE C 325 27.71 -33.50 -31.78
N GLN C 326 28.08 -34.42 -32.66
CA GLN C 326 29.12 -34.18 -33.67
C GLN C 326 28.49 -33.88 -35.02
N SER C 327 27.72 -32.79 -35.07
CA SER C 327 27.05 -32.39 -36.30
C SER C 327 27.76 -31.23 -36.96
N PRO C 328 27.85 -31.23 -38.29
CA PRO C 328 28.56 -30.14 -38.99
C PRO C 328 27.81 -28.82 -38.97
N ASP C 329 26.48 -28.84 -38.90
CA ASP C 329 25.71 -27.61 -38.93
C ASP C 329 25.87 -26.86 -37.61
N GLU C 330 26.29 -25.60 -37.68
CA GLU C 330 26.48 -24.81 -36.47
C GLU C 330 25.15 -24.51 -35.78
N GLU C 331 24.09 -24.29 -36.56
CA GLU C 331 22.77 -24.14 -35.98
C GLU C 331 22.36 -25.39 -35.22
N MET C 332 22.70 -26.56 -35.77
CA MET C 332 22.41 -27.81 -35.07
C MET C 332 23.18 -27.90 -33.76
N LYS C 333 24.45 -27.48 -33.76
CA LYS C 333 25.22 -27.51 -32.52
C LYS C 333 24.62 -26.58 -31.48
N LYS C 334 24.22 -25.37 -31.89
CA LYS C 334 23.56 -24.45 -30.96
C LYS C 334 22.27 -25.05 -30.40
N ILE C 335 21.48 -25.69 -31.28
CA ILE C 335 20.22 -26.28 -30.84
C ILE C 335 20.47 -27.38 -29.82
N VAL C 336 21.41 -28.28 -30.11
CA VAL C 336 21.63 -29.39 -29.19
C VAL C 336 22.26 -28.91 -27.89
N LEU C 337 23.06 -27.84 -27.94
CA LEU C 337 23.63 -27.31 -26.70
C LEU C 337 22.54 -26.70 -25.82
N LYS C 338 21.63 -25.93 -26.42
CA LYS C 338 20.50 -25.40 -25.66
C LYS C 338 19.64 -26.53 -25.10
N VAL C 339 19.44 -27.59 -25.89
CA VAL C 339 18.61 -28.70 -25.44
C VAL C 339 19.27 -29.43 -24.27
N VAL C 340 20.59 -29.60 -24.32
CA VAL C 340 21.30 -30.23 -23.21
C VAL C 340 21.20 -29.37 -21.95
N LYS C 341 21.38 -28.05 -22.10
CA LYS C 341 21.27 -27.17 -20.96
C LYS C 341 19.87 -27.21 -20.37
N GLN C 342 18.84 -27.36 -21.22
CA GLN C 342 17.47 -27.43 -20.72
C GLN C 342 17.21 -28.76 -20.02
N CYS C 343 17.73 -29.86 -20.57
CA CYS C 343 17.51 -31.17 -19.97
C CYS C 343 18.19 -31.27 -18.61
N CYS C 344 19.48 -30.97 -18.55
CA CYS C 344 20.23 -31.12 -17.31
C CYS C 344 19.88 -30.06 -16.27
N GLY C 345 18.94 -29.16 -16.56
CA GLY C 345 18.46 -28.21 -15.60
C GLY C 345 17.07 -28.50 -15.06
N THR C 346 16.54 -29.70 -15.29
CA THR C 346 15.20 -30.07 -14.86
C THR C 346 15.27 -31.19 -13.83
N ASP C 347 14.26 -31.25 -12.97
CA ASP C 347 14.16 -32.31 -11.97
C ASP C 347 13.69 -33.58 -12.64
N GLY C 348 14.49 -34.65 -12.53
CA GLY C 348 14.17 -35.91 -13.16
C GLY C 348 15.37 -36.51 -13.85
N VAL C 349 16.22 -35.65 -14.42
CA VAL C 349 17.46 -36.08 -15.05
C VAL C 349 18.51 -36.21 -13.93
N GLU C 350 18.78 -37.45 -13.53
CA GLU C 350 19.68 -37.68 -12.40
C GLU C 350 21.10 -37.22 -12.71
N ALA C 351 21.78 -36.74 -11.67
CA ALA C 351 23.15 -36.26 -11.85
C ALA C 351 24.08 -37.41 -12.26
N ASN C 352 23.84 -38.61 -11.73
CA ASN C 352 24.64 -39.76 -12.12
C ASN C 352 24.43 -40.09 -13.59
N TYR C 353 23.19 -39.95 -14.08
CA TYR C 353 22.92 -40.23 -15.49
C TYR C 353 23.65 -39.24 -16.40
N ILE C 354 23.66 -37.96 -16.03
CA ILE C 354 24.39 -36.96 -16.80
C ILE C 354 25.89 -37.23 -16.74
N LYS C 355 26.39 -37.62 -15.57
CA LYS C 355 27.82 -37.90 -15.42
C LYS C 355 28.24 -39.11 -16.26
N THR C 356 27.35 -40.10 -16.37
CA THR C 356 27.69 -41.32 -17.10
C THR C 356 27.56 -41.14 -18.61
N GLU C 357 26.39 -40.70 -19.07
CA GLU C 357 26.08 -40.75 -20.49
C GLU C 357 26.29 -39.42 -21.22
N ILE C 358 26.17 -38.30 -20.53
CA ILE C 358 26.19 -36.99 -21.18
C ILE C 358 27.57 -36.35 -21.11
N LEU C 359 28.23 -36.41 -19.95
CA LEU C 359 29.47 -35.65 -19.76
C LEU C 359 30.61 -36.09 -20.67
N PRO C 360 30.91 -37.38 -20.85
CA PRO C 360 32.05 -37.76 -21.71
C PRO C 360 31.90 -37.23 -23.13
N PRO C 361 30.77 -37.48 -23.82
CA PRO C 361 30.66 -36.93 -25.18
C PRO C 361 30.55 -35.42 -25.21
N PHE C 362 29.93 -34.83 -24.18
CA PHE C 362 29.86 -33.38 -24.10
C PHE C 362 31.26 -32.76 -24.10
N PHE C 363 32.12 -33.22 -23.18
CA PHE C 363 33.46 -32.67 -23.10
C PHE C 363 34.36 -33.16 -24.23
N LYS C 364 33.97 -34.23 -24.93
CA LYS C 364 34.77 -34.70 -26.06
C LYS C 364 34.52 -33.87 -27.31
N HIS C 365 33.26 -33.59 -27.62
CA HIS C 365 32.92 -32.95 -28.89
C HIS C 365 32.69 -31.45 -28.78
N PHE C 366 32.20 -30.95 -27.64
CA PHE C 366 31.94 -29.52 -27.50
C PHE C 366 33.16 -28.73 -27.07
N TRP C 367 33.84 -29.18 -26.01
CA TRP C 367 35.00 -28.46 -25.48
C TRP C 367 36.18 -28.67 -26.42
N GLN C 368 36.13 -27.98 -27.55
CA GLN C 368 37.20 -27.96 -28.54
C GLN C 368 37.66 -26.52 -28.71
N HIS C 369 38.91 -26.36 -29.16
CA HIS C 369 39.51 -25.03 -29.22
C HIS C 369 38.72 -24.08 -30.11
N ARG C 370 38.19 -24.59 -31.23
CA ARG C 370 37.50 -23.73 -32.19
C ARG C 370 36.36 -22.95 -31.55
N MET C 371 35.63 -23.59 -30.62
CA MET C 371 34.49 -22.92 -29.99
C MET C 371 34.90 -21.67 -29.22
N ALA C 372 36.16 -21.56 -28.82
CA ALA C 372 36.62 -20.39 -28.07
C ALA C 372 36.85 -19.18 -28.95
N LEU C 373 36.63 -19.28 -30.26
CA LEU C 373 36.82 -18.18 -31.20
C LEU C 373 35.54 -17.40 -31.47
N ASP C 374 34.44 -18.08 -31.76
CA ASP C 374 33.17 -17.43 -31.97
C ASP C 374 32.58 -17.03 -30.62
N ARG C 375 32.14 -15.77 -30.52
CA ARG C 375 31.69 -15.25 -29.23
C ARG C 375 30.36 -15.86 -28.81
N ARG C 376 29.45 -16.09 -29.75
CA ARG C 376 28.17 -16.68 -29.41
C ARG C 376 28.33 -18.10 -28.90
N ASN C 377 29.10 -18.92 -29.62
CA ASN C 377 29.38 -20.28 -29.15
C ASN C 377 30.14 -20.26 -27.83
N TYR C 378 31.05 -19.30 -27.66
CA TYR C 378 31.74 -19.11 -26.40
C TYR C 378 30.76 -18.97 -25.25
N ARG C 379 29.87 -17.97 -25.35
CA ARG C 379 28.92 -17.72 -24.27
C ARG C 379 27.99 -18.91 -24.05
N GLN C 380 27.51 -19.51 -25.14
CA GLN C 380 26.57 -20.62 -25.01
C GLN C 380 27.22 -21.80 -24.29
N LEU C 381 28.43 -22.18 -24.70
CA LEU C 381 29.09 -23.32 -24.09
C LEU C 381 29.47 -23.03 -22.65
N VAL C 382 29.88 -21.80 -22.35
CA VAL C 382 30.23 -21.44 -20.97
C VAL C 382 28.99 -21.56 -20.07
N ASP C 383 27.87 -20.99 -20.51
CA ASP C 383 26.66 -21.05 -19.69
C ASP C 383 26.17 -22.49 -19.54
N THR C 384 26.25 -23.28 -20.62
CA THR C 384 25.81 -24.67 -20.54
C THR C 384 26.68 -25.47 -19.58
N THR C 385 28.00 -25.25 -19.61
CA THR C 385 28.89 -25.99 -18.72
C THR C 385 28.68 -25.57 -17.27
N VAL C 386 28.45 -24.28 -17.02
CA VAL C 386 28.16 -23.84 -15.66
C VAL C 386 26.85 -24.46 -15.16
N GLU C 387 25.85 -24.52 -16.04
CA GLU C 387 24.59 -25.15 -15.66
C GLU C 387 24.78 -26.64 -15.39
N LEU C 388 25.66 -27.30 -16.15
CA LEU C 388 25.97 -28.69 -15.90
C LEU C 388 26.60 -28.88 -14.53
N ALA C 389 27.57 -28.02 -14.19
CA ALA C 389 28.20 -28.09 -12.88
C ALA C 389 27.21 -27.80 -11.77
N ASN C 390 26.19 -26.97 -12.03
CA ASN C 390 25.20 -26.65 -11.02
C ASN C 390 24.40 -27.87 -10.56
N LYS C 391 24.42 -28.95 -11.34
CA LYS C 391 23.67 -30.16 -10.98
C LYS C 391 24.59 -31.35 -10.72
N VAL C 392 25.56 -31.60 -11.61
CA VAL C 392 26.40 -32.79 -11.47
C VAL C 392 27.54 -32.60 -10.49
N GLY C 393 27.82 -31.36 -10.07
CA GLY C 393 28.90 -31.12 -9.13
C GLY C 393 30.01 -30.26 -9.70
N ALA C 394 30.70 -29.52 -8.83
CA ALA C 394 31.74 -28.61 -9.29
C ALA C 394 33.01 -29.35 -9.67
N ALA C 395 33.43 -30.32 -8.85
CA ALA C 395 34.68 -31.04 -9.13
C ALA C 395 34.54 -31.94 -10.35
N GLU C 396 33.35 -32.47 -10.60
CA GLU C 396 33.15 -33.34 -11.75
C GLU C 396 33.30 -32.59 -13.07
N ILE C 397 33.08 -31.27 -13.07
CA ILE C 397 33.18 -30.47 -14.27
C ILE C 397 34.54 -29.77 -14.36
N ILE C 398 35.04 -29.23 -13.25
CA ILE C 398 36.30 -28.50 -13.27
C ILE C 398 37.46 -29.43 -13.61
N SER C 399 37.43 -30.65 -13.09
CA SER C 399 38.53 -31.58 -13.32
C SER C 399 38.70 -31.94 -14.79
N ARG C 400 37.66 -31.79 -15.60
CA ARG C 400 37.74 -32.13 -17.02
C ARG C 400 38.29 -31.00 -17.87
N ILE C 401 38.42 -29.79 -17.33
CA ILE C 401 38.90 -28.64 -18.08
C ILE C 401 40.00 -27.88 -17.35
N VAL C 402 40.45 -28.35 -16.18
CA VAL C 402 41.43 -27.59 -15.43
C VAL C 402 42.81 -27.67 -16.09
N ASP C 403 43.18 -28.84 -16.60
CA ASP C 403 44.47 -29.00 -17.25
C ASP C 403 44.60 -28.15 -18.50
N ASP C 404 43.48 -27.70 -19.07
CA ASP C 404 43.48 -26.82 -20.22
C ASP C 404 43.82 -25.37 -19.85
N LEU C 405 44.00 -25.08 -18.56
CA LEU C 405 44.40 -23.74 -18.14
C LEU C 405 45.81 -23.38 -18.59
N LYS C 406 46.59 -24.35 -19.05
CA LYS C 406 47.94 -24.11 -19.54
C LYS C 406 48.04 -24.30 -21.05
N ASP C 407 46.96 -23.99 -21.76
CA ASP C 407 46.93 -24.14 -23.21
C ASP C 407 47.67 -23.00 -23.89
N GLU C 408 48.03 -23.22 -25.15
CA GLU C 408 48.75 -22.20 -25.91
C GLU C 408 47.81 -21.18 -26.52
N ALA C 409 46.58 -21.57 -26.85
CA ALA C 409 45.58 -20.64 -27.35
C ALA C 409 45.00 -19.84 -26.18
N GLU C 410 45.13 -18.52 -26.24
CA GLU C 410 44.68 -17.69 -25.13
C GLU C 410 43.16 -17.69 -25.00
N GLN C 411 42.44 -17.84 -26.11
CA GLN C 411 40.99 -17.84 -26.04
C GLN C 411 40.47 -19.06 -25.28
N TYR C 412 41.09 -20.22 -25.48
CA TYR C 412 40.69 -21.41 -24.74
C TYR C 412 40.97 -21.27 -23.25
N ARG C 413 42.12 -20.66 -22.91
CA ARG C 413 42.42 -20.40 -21.50
C ARG C 413 41.40 -19.45 -20.90
N LYS C 414 41.04 -18.40 -21.63
CA LYS C 414 40.01 -17.47 -21.16
C LYS C 414 38.68 -18.18 -20.95
N MET C 415 38.31 -19.07 -21.87
CA MET C 415 37.06 -19.80 -21.75
C MET C 415 37.05 -20.68 -20.50
N VAL C 416 38.09 -21.50 -20.33
CA VAL C 416 38.12 -22.40 -19.18
C VAL C 416 38.21 -21.61 -17.88
N MET C 417 38.90 -20.47 -17.89
CA MET C 417 39.00 -19.66 -16.68
C MET C 417 37.64 -19.08 -16.30
N GLU C 418 36.92 -18.52 -17.28
CA GLU C 418 35.59 -17.98 -16.99
C GLU C 418 34.66 -19.08 -16.49
N THR C 419 34.73 -20.26 -17.11
CA THR C 419 33.89 -21.37 -16.67
C THR C 419 34.19 -21.75 -15.22
N ILE C 420 35.47 -21.92 -14.89
CA ILE C 420 35.84 -22.28 -13.52
C ILE C 420 35.42 -21.19 -12.55
N GLU C 421 35.58 -19.93 -12.94
CA GLU C 421 35.21 -18.81 -12.08
C GLU C 421 33.72 -18.85 -11.76
N LYS C 422 32.88 -18.99 -12.79
CA LYS C 422 31.44 -19.01 -12.56
C LYS C 422 31.03 -20.23 -11.75
N ILE C 423 31.64 -21.38 -12.03
CA ILE C 423 31.31 -22.60 -11.29
C ILE C 423 31.62 -22.43 -9.81
N MET C 424 32.83 -21.96 -9.50
CA MET C 424 33.22 -21.82 -8.10
C MET C 424 32.55 -20.64 -7.42
N GLY C 425 32.07 -19.65 -8.17
CA GLY C 425 31.31 -18.57 -7.57
C GLY C 425 29.88 -18.96 -7.29
N ASN C 426 29.32 -19.87 -8.07
CA ASN C 426 27.95 -20.34 -7.82
C ASN C 426 27.90 -21.48 -6.81
N LEU C 427 28.94 -22.31 -6.74
CA LEU C 427 28.95 -23.47 -5.85
C LEU C 427 29.94 -23.28 -4.71
N GLY C 428 31.24 -23.29 -5.00
CA GLY C 428 32.24 -23.12 -3.96
C GLY C 428 33.48 -23.96 -4.18
N ALA C 429 34.10 -24.41 -3.09
CA ALA C 429 35.31 -25.21 -3.16
C ALA C 429 35.28 -26.43 -2.26
N ALA C 430 34.13 -26.70 -1.62
CA ALA C 430 34.05 -27.85 -0.71
C ALA C 430 34.14 -29.18 -1.45
N ASP C 431 33.86 -29.21 -2.74
CA ASP C 431 33.91 -30.43 -3.53
C ASP C 431 35.30 -30.70 -4.11
N ILE C 432 36.23 -29.76 -3.98
CA ILE C 432 37.53 -29.85 -4.63
C ILE C 432 38.49 -30.60 -3.71
N ASP C 433 39.17 -31.60 -4.28
CA ASP C 433 40.14 -32.38 -3.53
C ASP C 433 41.49 -31.66 -3.56
N HIS C 434 42.53 -32.32 -3.02
CA HIS C 434 43.84 -31.70 -2.93
C HIS C 434 44.52 -31.63 -4.30
N LYS C 435 44.46 -32.71 -5.07
CA LYS C 435 45.08 -32.72 -6.39
C LYS C 435 44.44 -31.69 -7.31
N LEU C 436 43.11 -31.61 -7.30
CA LEU C 436 42.43 -30.60 -8.11
C LEU C 436 42.77 -29.19 -7.65
N GLU C 437 42.96 -29.01 -6.34
CA GLU C 437 43.35 -27.69 -5.82
C GLU C 437 44.73 -27.30 -6.33
N GLU C 438 45.68 -28.23 -6.29
CA GLU C 438 47.02 -27.95 -6.83
C GLU C 438 46.96 -27.67 -8.32
N GLN C 439 46.14 -28.43 -9.05
CA GLN C 439 45.98 -28.19 -10.49
C GLN C 439 45.40 -26.81 -10.75
N LEU C 440 44.41 -26.40 -9.96
CA LEU C 440 43.82 -25.08 -10.11
C LEU C 440 44.85 -23.99 -9.86
N ILE C 441 45.64 -24.13 -8.78
CA ILE C 441 46.64 -23.12 -8.47
C ILE C 441 47.66 -23.02 -9.59
N ASP C 442 48.17 -24.16 -10.05
CA ASP C 442 49.18 -24.16 -11.11
C ASP C 442 48.63 -23.55 -12.39
N GLY C 443 47.42 -23.95 -12.79
CA GLY C 443 46.84 -23.43 -14.01
C GLY C 443 46.55 -21.94 -13.93
N ILE C 444 46.06 -21.48 -12.78
CA ILE C 444 45.79 -20.06 -12.61
C ILE C 444 47.09 -19.25 -12.69
N LEU C 445 48.15 -19.75 -12.04
CA LEU C 445 49.42 -19.04 -12.10
C LEU C 445 49.96 -19.00 -13.52
N TYR C 446 49.85 -20.12 -14.26
CA TYR C 446 50.35 -20.14 -15.63
C TYR C 446 49.53 -19.22 -16.53
N ALA C 447 48.22 -19.19 -16.35
CA ALA C 447 47.37 -18.34 -17.19
C ALA C 447 47.55 -16.87 -16.85
N PHE C 448 47.86 -16.54 -15.60
CA PHE C 448 48.06 -15.14 -15.24
C PHE C 448 49.44 -14.66 -15.69
N GLN C 449 50.47 -15.51 -15.55
CA GLN C 449 51.80 -15.12 -16.02
C GLN C 449 51.89 -15.03 -17.53
N GLU C 450 50.99 -15.72 -18.25
CA GLU C 450 51.01 -15.74 -19.71
C GLU C 450 49.78 -15.01 -20.24
N GLN C 451 49.75 -13.69 -20.03
CA GLN C 451 48.68 -12.83 -20.50
C GLN C 451 49.24 -11.85 -21.52
N THR C 452 48.63 -11.82 -22.71
CA THR C 452 49.05 -10.85 -23.73
C THR C 452 48.46 -9.48 -23.44
N THR C 453 47.17 -9.42 -23.14
CA THR C 453 46.49 -8.20 -22.74
C THR C 453 46.20 -8.25 -21.25
N GLU C 454 45.22 -7.46 -20.80
CA GLU C 454 44.81 -7.43 -19.40
C GLU C 454 43.40 -7.99 -19.34
N ASP C 455 43.30 -9.32 -19.41
CA ASP C 455 42.02 -10.02 -19.41
C ASP C 455 41.39 -9.91 -18.03
N SER C 456 40.30 -9.16 -17.91
CA SER C 456 39.61 -9.03 -16.64
C SER C 456 39.03 -10.36 -16.17
N VAL C 457 38.75 -11.27 -17.09
CA VAL C 457 38.23 -12.59 -16.71
C VAL C 457 39.27 -13.35 -15.91
N MET C 458 40.55 -13.20 -16.25
CA MET C 458 41.61 -13.85 -15.47
C MET C 458 41.66 -13.30 -14.06
N LEU C 459 41.54 -11.98 -13.91
CA LEU C 459 41.50 -11.38 -12.57
C LEU C 459 40.31 -11.88 -11.77
N ASN C 460 39.14 -11.91 -12.40
CA ASN C 460 37.94 -12.38 -11.71
C ASN C 460 38.08 -13.84 -11.30
N GLY C 461 38.64 -14.68 -12.16
CA GLY C 461 38.82 -16.08 -11.83
C GLY C 461 39.82 -16.29 -10.70
N PHE C 462 40.94 -15.57 -10.76
CA PHE C 462 41.92 -15.64 -9.67
C PHE C 462 41.28 -15.25 -8.34
N GLY C 463 40.59 -14.12 -8.31
CA GLY C 463 39.95 -13.69 -7.07
C GLY C 463 38.91 -14.68 -6.58
N THR C 464 38.07 -15.18 -7.49
CA THR C 464 37.02 -16.11 -7.09
C THR C 464 37.60 -17.40 -6.53
N VAL C 465 38.60 -17.96 -7.20
CA VAL C 465 39.19 -19.23 -6.74
C VAL C 465 39.91 -19.02 -5.41
N VAL C 466 40.60 -17.89 -5.25
CA VAL C 466 41.29 -17.62 -3.99
C VAL C 466 40.30 -17.49 -2.84
N ASN C 467 39.24 -16.70 -3.04
CA ASN C 467 38.27 -16.50 -1.98
C ASN C 467 37.46 -17.76 -1.70
N ALA C 468 37.33 -18.65 -2.69
CA ALA C 468 36.63 -19.90 -2.46
C ALA C 468 37.50 -20.89 -1.71
N LEU C 469 38.80 -20.93 -2.01
CA LEU C 469 39.71 -21.77 -1.26
C LEU C 469 39.85 -21.29 0.18
N GLY C 470 39.85 -19.98 0.38
CA GLY C 470 39.94 -19.45 1.73
C GLY C 470 41.31 -19.74 2.33
N LYS C 471 41.32 -20.31 3.54
CA LYS C 471 42.57 -20.60 4.22
C LYS C 471 43.37 -21.72 3.55
N ARG C 472 42.77 -22.44 2.60
CA ARG C 472 43.48 -23.51 1.90
C ARG C 472 44.54 -22.98 0.93
N VAL C 473 44.52 -21.67 0.63
CA VAL C 473 45.50 -21.09 -0.29
C VAL C 473 46.80 -20.72 0.42
N LYS C 474 46.86 -20.89 1.74
CA LYS C 474 48.05 -20.49 2.48
C LYS C 474 49.33 -21.15 1.97
N PRO C 475 49.37 -22.45 1.69
CA PRO C 475 50.64 -23.04 1.19
C PRO C 475 51.11 -22.42 -0.13
N TYR C 476 50.20 -21.87 -0.93
CA TYR C 476 50.56 -21.24 -2.19
C TYR C 476 50.68 -19.73 -2.10
N LEU C 477 50.46 -19.16 -0.92
CA LEU C 477 50.54 -17.70 -0.77
C LEU C 477 51.92 -17.13 -1.11
N PRO C 478 53.05 -17.74 -0.74
CA PRO C 478 54.34 -17.18 -1.18
C PRO C 478 54.46 -17.12 -2.69
N GLN C 479 54.01 -18.16 -3.41
CA GLN C 479 54.10 -18.17 -4.86
C GLN C 479 53.22 -17.09 -5.48
N ILE C 480 51.98 -16.97 -4.98
CA ILE C 480 51.06 -15.95 -5.51
C ILE C 480 51.61 -14.55 -5.23
N CYS C 481 52.16 -14.33 -4.04
CA CYS C 481 52.72 -13.03 -3.70
C CYS C 481 53.94 -12.72 -4.56
N GLY C 482 54.78 -13.72 -4.84
CA GLY C 482 55.90 -13.50 -5.73
C GLY C 482 55.46 -13.15 -7.14
N THR C 483 54.43 -13.82 -7.64
CA THR C 483 53.90 -13.49 -8.96
C THR C 483 53.32 -12.09 -8.99
N VAL C 484 52.61 -11.69 -7.94
CA VAL C 484 52.05 -10.35 -7.88
C VAL C 484 53.15 -9.30 -7.79
N LEU C 485 54.23 -9.62 -7.07
CA LEU C 485 55.41 -8.74 -7.04
C LEU C 485 55.99 -8.57 -8.44
N TRP C 486 56.19 -9.69 -9.14
CA TRP C 486 56.80 -9.63 -10.47
C TRP C 486 55.92 -8.85 -11.44
N ARG C 487 54.60 -8.98 -11.32
CA ARG C 487 53.69 -8.24 -12.19
C ARG C 487 53.52 -6.78 -11.77
N LEU C 488 53.78 -6.46 -10.50
CA LEU C 488 53.68 -5.08 -10.05
C LEU C 488 54.84 -4.24 -10.59
N ASN C 489 56.01 -4.85 -10.73
CA ASN C 489 57.19 -4.17 -11.26
C ASN C 489 57.18 -4.07 -12.78
N ASN C 490 56.14 -4.59 -13.44
CA ASN C 490 56.10 -4.61 -14.89
C ASN C 490 56.10 -3.19 -15.46
N LYS C 491 56.70 -3.04 -16.64
CA LYS C 491 56.76 -1.74 -17.29
C LYS C 491 55.37 -1.23 -17.65
N SER C 492 54.52 -2.12 -18.18
CA SER C 492 53.17 -1.73 -18.53
C SER C 492 52.38 -1.34 -17.28
N ALA C 493 51.61 -0.26 -17.39
CA ALA C 493 50.86 0.24 -16.25
C ALA C 493 49.58 -0.55 -16.00
N LYS C 494 48.95 -1.05 -17.05
CA LYS C 494 47.71 -1.80 -16.88
C LYS C 494 47.94 -3.11 -16.14
N VAL C 495 49.09 -3.75 -16.35
CA VAL C 495 49.43 -4.95 -15.59
C VAL C 495 49.58 -4.61 -14.11
N ARG C 496 50.22 -3.47 -13.81
CA ARG C 496 50.32 -3.00 -12.44
C ARG C 496 48.95 -2.77 -11.83
N GLN C 497 48.03 -2.18 -12.59
CA GLN C 497 46.67 -1.94 -12.11
C GLN C 497 45.94 -3.26 -11.84
N GLN C 498 46.10 -4.24 -12.73
CA GLN C 498 45.47 -5.54 -12.53
C GLN C 498 46.02 -6.23 -11.28
N ALA C 499 47.34 -6.15 -11.07
CA ALA C 499 47.92 -6.72 -9.85
C ALA C 499 47.38 -6.03 -8.61
N ALA C 500 47.23 -4.70 -8.65
CA ALA C 500 46.68 -3.98 -7.52
C ALA C 500 45.24 -4.40 -7.24
N ASP C 501 44.45 -4.60 -8.29
CA ASP C 501 43.07 -5.06 -8.10
C ASP C 501 43.03 -6.47 -7.53
N LEU C 502 43.97 -7.33 -7.94
CA LEU C 502 44.03 -8.67 -7.37
C LEU C 502 44.38 -8.61 -5.88
N ILE C 503 45.29 -7.71 -5.51
CA ILE C 503 45.59 -7.51 -4.09
C ILE C 503 44.35 -7.04 -3.35
N SER C 504 43.62 -6.08 -3.94
CA SER C 504 42.41 -5.57 -3.31
C SER C 504 41.37 -6.67 -3.10
N ARG C 505 41.31 -7.63 -4.02
CA ARG C 505 40.32 -8.70 -3.92
C ARG C 505 40.77 -9.85 -3.03
N THR C 506 42.07 -10.04 -2.82
CA THR C 506 42.57 -11.15 -2.02
C THR C 506 43.13 -10.72 -0.67
N ALA C 507 42.99 -9.44 -0.30
CA ALA C 507 43.51 -8.97 0.99
C ALA C 507 42.92 -9.74 2.16
N VAL C 508 41.59 -9.92 2.17
CA VAL C 508 40.94 -10.58 3.30
C VAL C 508 41.39 -12.04 3.41
N VAL C 509 41.51 -12.72 2.27
CA VAL C 509 41.93 -14.12 2.29
C VAL C 509 43.38 -14.24 2.78
N MET C 510 44.24 -13.31 2.35
CA MET C 510 45.62 -13.33 2.82
C MET C 510 45.71 -13.02 4.31
N LYS C 511 44.81 -12.19 4.82
CA LYS C 511 44.83 -11.89 6.26
C LYS C 511 44.34 -13.07 7.07
N THR C 512 43.30 -13.77 6.59
CA THR C 512 42.80 -14.93 7.33
C THR C 512 43.83 -16.05 7.39
N CYS C 513 44.69 -16.16 6.38
CA CYS C 513 45.70 -17.21 6.34
C CYS C 513 46.86 -16.97 7.29
N GLN C 514 46.89 -15.83 7.99
CA GLN C 514 47.96 -15.49 8.92
C GLN C 514 49.31 -15.45 8.22
N GLU C 515 49.42 -14.53 7.27
CA GLU C 515 50.66 -14.28 6.53
C GLU C 515 50.86 -12.77 6.41
N GLU C 516 50.99 -12.11 7.56
CA GLU C 516 51.04 -10.65 7.59
C GLU C 516 52.32 -10.08 7.02
N LYS C 517 53.41 -10.85 7.01
CA LYS C 517 54.67 -10.33 6.48
C LYS C 517 54.59 -10.11 4.97
N LEU C 518 53.98 -11.06 4.25
CA LEU C 518 53.80 -10.88 2.81
C LEU C 518 52.91 -9.68 2.52
N MET C 519 51.85 -9.50 3.31
CA MET C 519 50.97 -8.35 3.12
C MET C 519 51.69 -7.05 3.40
N GLY C 520 52.53 -7.02 4.43
CA GLY C 520 53.31 -5.81 4.70
C GLY C 520 54.30 -5.50 3.60
N HIS C 521 54.89 -6.54 3.00
CA HIS C 521 55.77 -6.32 1.86
C HIS C 521 54.99 -5.77 0.67
N LEU C 522 53.82 -6.34 0.39
CA LEU C 522 52.96 -5.79 -0.65
C LEU C 522 52.62 -4.33 -0.37
N GLY C 523 52.33 -4.00 0.88
CA GLY C 523 51.98 -2.63 1.22
C GLY C 523 53.14 -1.67 1.05
N VAL C 524 54.35 -2.09 1.40
CA VAL C 524 55.48 -1.20 1.22
C VAL C 524 55.82 -1.04 -0.27
N VAL C 525 55.60 -2.09 -1.07
CA VAL C 525 55.78 -1.93 -2.51
C VAL C 525 54.74 -0.98 -3.10
N LEU C 526 53.50 -1.05 -2.61
CA LEU C 526 52.48 -0.11 -3.04
C LEU C 526 52.82 1.31 -2.62
N TYR C 527 53.39 1.48 -1.42
CA TYR C 527 53.87 2.79 -1.00
C TYR C 527 54.94 3.31 -1.95
N GLU C 528 55.89 2.45 -2.31
CA GLU C 528 56.94 2.84 -3.25
C GLU C 528 56.34 3.27 -4.60
N TYR C 529 55.35 2.52 -5.08
CA TYR C 529 54.74 2.84 -6.37
C TYR C 529 53.70 3.95 -6.29
N LEU C 530 53.36 4.43 -5.08
CA LEU C 530 52.48 5.59 -4.93
C LEU C 530 52.99 6.78 -5.73
N GLY C 531 52.09 7.70 -6.08
CA GLY C 531 52.49 8.82 -6.92
C GLY C 531 52.63 8.47 -8.38
N GLU C 532 52.07 7.35 -8.82
CA GLU C 532 52.11 6.99 -10.23
C GLU C 532 51.35 8.01 -11.06
N GLU C 533 51.91 8.37 -12.23
CA GLU C 533 51.30 9.41 -13.05
C GLU C 533 49.94 8.97 -13.58
N TYR C 534 49.82 7.72 -14.00
CA TYR C 534 48.56 7.23 -14.58
C TYR C 534 47.46 7.21 -13.53
N PRO C 535 46.35 7.92 -13.73
CA PRO C 535 45.33 8.02 -12.66
C PRO C 535 44.68 6.69 -12.30
N GLU C 536 44.39 5.85 -13.28
CA GLU C 536 43.71 4.59 -12.97
C GLU C 536 44.61 3.67 -12.16
N VAL C 537 45.89 3.58 -12.52
CA VAL C 537 46.83 2.76 -11.75
C VAL C 537 46.98 3.33 -10.34
N LEU C 538 47.02 4.65 -10.21
CA LEU C 538 47.12 5.27 -8.90
C LEU C 538 45.90 4.95 -8.04
N GLY C 539 44.71 5.02 -8.63
CA GLY C 539 43.51 4.68 -7.90
C GLY C 539 43.49 3.22 -7.48
N SER C 540 43.96 2.34 -8.36
CA SER C 540 43.97 0.91 -8.02
C SER C 540 44.96 0.61 -6.90
N ILE C 541 46.15 1.22 -6.94
CA ILE C 541 47.10 0.98 -5.86
C ILE C 541 46.62 1.63 -4.57
N LEU C 542 45.90 2.75 -4.66
CA LEU C 542 45.31 3.34 -3.46
C LEU C 542 44.26 2.42 -2.86
N GLY C 543 43.42 1.81 -3.70
CA GLY C 543 42.46 0.85 -3.20
C GLY C 543 43.11 -0.37 -2.58
N ALA C 544 44.20 -0.83 -3.19
CA ALA C 544 44.94 -1.96 -2.62
C ALA C 544 45.52 -1.61 -1.26
N LEU C 545 46.11 -0.42 -1.14
CA LEU C 545 46.62 0.04 0.15
C LEU C 545 45.50 0.16 1.18
N LYS C 546 44.33 0.65 0.75
CA LYS C 546 43.19 0.75 1.64
C LYS C 546 42.77 -0.62 2.16
N ALA C 547 42.71 -1.61 1.26
CA ALA C 547 42.33 -2.96 1.67
C ALA C 547 43.34 -3.54 2.65
N ILE C 548 44.64 -3.38 2.34
CA ILE C 548 45.68 -3.92 3.22
C ILE C 548 45.62 -3.26 4.59
N VAL C 549 45.46 -1.94 4.64
CA VAL C 549 45.38 -1.25 5.92
C VAL C 549 44.12 -1.66 6.67
N ASN C 550 43.02 -1.89 5.96
CA ASN C 550 41.79 -2.28 6.64
C ASN C 550 41.87 -3.69 7.22
N VAL C 551 42.60 -4.59 6.56
CA VAL C 551 42.65 -5.96 7.06
C VAL C 551 43.79 -6.19 8.05
N ILE C 552 44.85 -5.38 7.99
CA ILE C 552 45.99 -5.56 8.87
C ILE C 552 45.91 -4.54 10.00
N GLY C 553 46.66 -4.79 11.06
CA GLY C 553 46.67 -3.87 12.20
C GLY C 553 47.41 -2.60 11.86
N MET C 554 46.88 -1.47 12.35
CA MET C 554 47.52 -0.19 12.12
C MET C 554 48.86 -0.09 12.85
N HIS C 555 49.01 -0.78 13.97
CA HIS C 555 50.25 -0.70 14.73
C HIS C 555 51.38 -1.42 14.01
N LYS C 556 51.11 -2.62 13.47
CA LYS C 556 52.11 -3.41 12.77
C LYS C 556 52.07 -3.19 11.27
N MET C 557 51.42 -2.12 10.80
CA MET C 557 51.33 -1.84 9.38
C MET C 557 52.62 -1.25 8.86
N THR C 558 53.17 -1.85 7.81
CA THR C 558 54.36 -1.35 7.14
C THR C 558 54.00 -0.89 5.74
N PRO C 559 54.23 0.38 5.37
CA PRO C 559 54.88 1.44 6.14
C PRO C 559 54.01 1.97 7.28
N PRO C 560 54.64 2.62 8.27
CA PRO C 560 53.86 3.20 9.38
C PRO C 560 52.93 4.29 8.88
N ILE C 561 51.79 4.41 9.55
CA ILE C 561 50.82 5.45 9.21
C ILE C 561 51.44 6.83 9.35
N LYS C 562 52.34 6.99 10.33
CA LYS C 562 53.03 8.26 10.55
C LYS C 562 53.68 8.77 9.27
N ASP C 563 54.28 7.86 8.50
CA ASP C 563 54.91 8.23 7.24
C ASP C 563 53.97 8.08 6.05
N LEU C 564 52.84 7.40 6.24
CA LEU C 564 51.94 7.12 5.12
C LEU C 564 50.97 8.27 4.88
N LEU C 565 50.38 8.82 5.93
CA LEU C 565 49.34 9.84 5.75
C LEU C 565 49.88 11.12 5.11
N PRO C 566 51.04 11.65 5.52
CA PRO C 566 51.57 12.83 4.82
C PRO C 566 51.81 12.59 3.34
N ARG C 567 52.09 11.35 2.93
CA ARG C 567 52.20 11.05 1.50
C ARG C 567 50.83 11.13 0.83
N LEU C 568 49.77 10.77 1.55
CA LEU C 568 48.42 10.82 0.99
C LEU C 568 47.85 12.23 0.96
N THR C 569 48.35 13.13 1.81
CA THR C 569 47.80 14.48 1.89
C THR C 569 47.75 15.22 0.56
N PRO C 570 48.84 15.30 -0.24
CA PRO C 570 48.75 16.08 -1.48
C PRO C 570 47.99 15.40 -2.60
N ILE C 571 47.69 14.10 -2.48
CA ILE C 571 47.02 13.38 -3.56
C ILE C 571 45.56 13.81 -3.69
N LEU C 572 44.98 14.40 -2.64
CA LEU C 572 43.60 14.87 -2.73
C LEU C 572 43.42 15.98 -3.76
N LYS C 573 44.50 16.68 -4.12
CA LYS C 573 44.43 17.73 -5.12
C LYS C 573 44.34 17.21 -6.54
N ASN C 574 44.35 15.88 -6.73
CA ASN C 574 44.24 15.32 -8.07
C ASN C 574 42.83 15.52 -8.61
N ARG C 575 42.74 15.66 -9.94
CA ARG C 575 41.47 15.93 -10.59
C ARG C 575 40.68 14.67 -10.93
N HIS C 576 41.33 13.51 -10.99
CA HIS C 576 40.66 12.28 -11.37
C HIS C 576 39.78 11.78 -10.23
N GLU C 577 38.54 11.41 -10.56
CA GLU C 577 37.56 11.06 -9.54
C GLU C 577 37.91 9.74 -8.85
N LYS C 578 38.47 8.78 -9.59
CA LYS C 578 38.84 7.51 -8.98
C LYS C 578 39.93 7.69 -7.93
N VAL C 579 40.98 8.45 -8.27
CA VAL C 579 42.04 8.75 -7.32
C VAL C 579 41.48 9.48 -6.11
N GLN C 580 40.60 10.46 -6.35
CA GLN C 580 39.97 11.19 -5.27
C GLN C 580 39.26 10.25 -4.30
N GLU C 581 38.37 9.41 -4.84
CA GLU C 581 37.58 8.52 -3.99
C GLU C 581 38.47 7.55 -3.21
N ASN C 582 39.46 6.96 -3.88
CA ASN C 582 40.32 5.99 -3.21
C ASN C 582 41.16 6.64 -2.12
N CYS C 583 41.74 7.80 -2.43
CA CYS C 583 42.54 8.52 -1.44
C CYS C 583 41.68 8.91 -0.24
N ILE C 584 40.46 9.39 -0.49
CA ILE C 584 39.57 9.76 0.60
C ILE C 584 39.25 8.55 1.48
N ASP C 585 38.94 7.42 0.85
CA ASP C 585 38.59 6.23 1.63
C ASP C 585 39.78 5.75 2.47
N LEU C 586 40.99 5.78 1.91
CA LEU C 586 42.16 5.37 2.67
C LEU C 586 42.41 6.31 3.85
N VAL C 587 42.33 7.62 3.61
CA VAL C 587 42.50 8.59 4.68
C VAL C 587 41.45 8.38 5.76
N GLY C 588 40.22 8.03 5.37
CA GLY C 588 39.17 7.80 6.34
C GLY C 588 39.41 6.56 7.19
N ARG C 589 39.87 5.48 6.56
CA ARG C 589 40.23 4.30 7.34
C ARG C 589 41.34 4.61 8.34
N ILE C 590 42.36 5.36 7.89
CA ILE C 590 43.45 5.76 8.76
C ILE C 590 42.93 6.57 9.94
N ALA C 591 42.04 7.53 9.66
CA ALA C 591 41.48 8.35 10.73
C ALA C 591 40.62 7.53 11.68
N ASP C 592 39.94 6.51 11.17
CA ASP C 592 39.06 5.72 12.02
C ASP C 592 39.86 4.86 12.99
N ARG C 593 40.77 4.03 12.47
CA ARG C 593 41.44 3.05 13.32
C ARG C 593 42.91 3.32 13.55
N GLY C 594 43.40 4.53 13.25
CA GLY C 594 44.80 4.82 13.47
C GLY C 594 45.10 6.30 13.65
N ALA C 595 44.20 7.02 14.30
CA ALA C 595 44.38 8.46 14.49
C ALA C 595 45.50 8.79 15.46
N GLU C 596 45.88 7.83 16.32
CA GLU C 596 46.90 8.10 17.34
C GLU C 596 48.28 8.29 16.73
N TYR C 597 48.51 7.86 15.50
CA TYR C 597 49.81 7.95 14.85
C TYR C 597 49.97 9.22 14.03
N VAL C 598 49.06 10.17 14.16
CA VAL C 598 49.07 11.39 13.35
C VAL C 598 48.82 12.58 14.26
N SER C 599 49.60 13.64 14.06
CA SER C 599 49.44 14.86 14.83
C SER C 599 48.17 15.59 14.42
N ALA C 600 47.71 16.51 15.28
CA ALA C 600 46.50 17.25 15.00
C ALA C 600 46.70 18.26 13.88
N ARG C 601 47.93 18.74 13.67
CA ARG C 601 48.18 19.69 12.60
C ARG C 601 48.02 19.03 11.24
N GLU C 602 48.51 17.80 11.08
CA GLU C 602 48.31 17.06 9.84
C GLU C 602 46.83 16.85 9.57
N TRP C 603 46.06 16.51 10.61
CA TRP C 603 44.63 16.32 10.44
C TRP C 603 43.94 17.62 10.04
N MET C 604 44.36 18.74 10.63
CA MET C 604 43.77 20.03 10.28
C MET C 604 44.07 20.38 8.82
N ARG C 605 45.30 20.12 8.38
CA ARG C 605 45.64 20.38 6.98
C ARG C 605 44.84 19.46 6.05
N ILE C 606 44.64 18.20 6.45
CA ILE C 606 43.83 17.29 5.67
C ILE C 606 42.40 17.80 5.56
N CYS C 607 41.83 18.26 6.68
CA CYS C 607 40.47 18.79 6.67
C CYS C 607 40.37 20.00 5.75
N PHE C 608 41.35 20.90 5.81
CA PHE C 608 41.30 22.10 4.97
C PHE C 608 41.49 21.77 3.50
N GLU C 609 42.24 20.71 3.19
CA GLU C 609 42.34 20.24 1.81
C GLU C 609 41.14 19.38 1.42
N LEU C 610 40.30 18.99 2.38
CA LEU C 610 39.15 18.13 2.13
C LEU C 610 37.86 18.91 1.93
N LEU C 611 37.88 20.23 2.15
CA LEU C 611 36.64 21.01 2.10
C LEU C 611 36.12 21.15 0.67
N GLU C 612 37.02 21.16 -0.32
CA GLU C 612 36.59 21.30 -1.71
C GLU C 612 35.77 20.09 -2.15
N LEU C 613 36.21 18.89 -1.81
CA LEU C 613 35.56 17.65 -2.24
C LEU C 613 34.14 17.50 -1.71
N LEU C 614 33.63 18.43 -0.90
CA LEU C 614 32.23 18.42 -0.50
C LEU C 614 31.31 18.94 -1.59
N LYS C 615 31.85 19.64 -2.59
CA LYS C 615 31.05 20.17 -3.68
C LYS C 615 31.26 19.38 -4.97
N ALA C 616 31.81 18.18 -4.87
CA ALA C 616 32.01 17.35 -6.05
C ALA C 616 30.67 16.92 -6.64
N HIS C 617 30.67 16.63 -7.94
CA HIS C 617 29.45 16.15 -8.59
C HIS C 617 29.19 14.68 -8.30
N LYS C 618 30.24 13.88 -8.17
CA LYS C 618 30.10 12.45 -7.89
C LYS C 618 29.61 12.24 -6.47
N LYS C 619 28.43 11.63 -6.32
CA LYS C 619 27.86 11.40 -5.00
C LYS C 619 28.74 10.50 -4.15
N ALA C 620 29.44 9.54 -4.76
CA ALA C 620 30.33 8.67 -4.01
C ALA C 620 31.45 9.48 -3.35
N ILE C 621 32.01 10.45 -4.08
CA ILE C 621 33.05 11.30 -3.52
C ILE C 621 32.51 12.12 -2.36
N ARG C 622 31.29 12.65 -2.51
CA ARG C 622 30.66 13.41 -1.43
C ARG C 622 30.48 12.57 -0.18
N ARG C 623 29.93 11.36 -0.36
CA ARG C 623 29.69 10.48 0.79
C ARG C 623 31.00 10.08 1.46
N ALA C 624 32.03 9.77 0.66
CA ALA C 624 33.31 9.42 1.23
C ALA C 624 33.92 10.58 2.00
N THR C 625 33.84 11.79 1.44
CA THR C 625 34.36 12.97 2.14
C THR C 625 33.61 13.20 3.45
N VAL C 626 32.29 13.05 3.44
CA VAL C 626 31.52 13.22 4.67
C VAL C 626 31.94 12.20 5.71
N ASN C 627 32.09 10.94 5.30
CA ASN C 627 32.48 9.89 6.25
C ASN C 627 33.86 10.16 6.85
N THR C 628 34.82 10.56 6.01
CA THR C 628 36.17 10.78 6.53
C THR C 628 36.23 12.03 7.40
N PHE C 629 35.46 13.07 7.06
CA PHE C 629 35.42 14.25 7.90
C PHE C 629 34.81 13.92 9.26
N GLY C 630 33.77 13.10 9.28
CA GLY C 630 33.21 12.65 10.55
C GLY C 630 34.22 11.85 11.35
N TYR C 631 34.99 10.99 10.69
CA TYR C 631 36.02 10.21 11.39
C TYR C 631 37.07 11.12 12.00
N ILE C 632 37.54 12.11 11.24
CA ILE C 632 38.57 13.02 11.75
C ILE C 632 38.01 13.87 12.90
N ALA C 633 36.76 14.29 12.80
CA ALA C 633 36.16 15.06 13.89
C ALA C 633 36.03 14.22 15.15
N LYS C 634 35.66 12.94 15.00
CA LYS C 634 35.65 12.04 16.15
C LYS C 634 37.05 11.85 16.72
N ALA C 635 38.06 11.88 15.86
CA ALA C 635 39.43 11.66 16.32
C ALA C 635 39.95 12.84 17.12
N ILE C 636 39.91 14.04 16.53
CA ILE C 636 40.47 15.22 17.19
C ILE C 636 39.51 15.76 18.25
N GLY C 637 38.35 16.22 17.81
CA GLY C 637 37.44 16.96 18.65
C GLY C 637 36.87 18.15 17.91
N PRO C 638 35.76 18.69 18.41
CA PRO C 638 35.05 19.72 17.64
C PRO C 638 35.63 21.12 17.73
N HIS C 639 36.45 21.41 18.74
CA HIS C 639 36.70 22.79 19.12
C HIS C 639 37.61 23.52 18.14
N ASP C 640 38.80 22.97 17.88
CA ASP C 640 39.76 23.65 17.01
C ASP C 640 39.24 23.73 15.58
N VAL C 641 38.75 22.61 15.06
CA VAL C 641 38.23 22.58 13.69
C VAL C 641 37.02 23.50 13.57
N LEU C 642 36.18 23.55 14.60
CA LEU C 642 35.00 24.42 14.53
C LEU C 642 35.40 25.89 14.56
N ALA C 643 36.41 26.24 15.36
CA ALA C 643 36.89 27.62 15.37
C ALA C 643 37.44 28.03 14.01
N THR C 644 38.26 27.15 13.42
CA THR C 644 38.82 27.46 12.11
C THR C 644 37.72 27.55 11.05
N LEU C 645 36.69 26.70 11.16
CA LEU C 645 35.60 26.72 10.19
C LEU C 645 34.76 27.98 10.34
N LEU C 646 34.57 28.45 11.56
CA LEU C 646 33.84 29.71 11.76
C LEU C 646 34.64 30.89 11.23
N ASN C 647 35.96 30.88 11.43
CA ASN C 647 36.79 31.91 10.82
C ASN C 647 36.67 31.89 9.29
N ASN C 648 36.70 30.69 8.70
CA ASN C 648 36.54 30.57 7.25
C ASN C 648 35.19 31.10 6.80
N LEU C 649 34.12 30.75 7.51
CA LEU C 649 32.79 31.24 7.17
C LEU C 649 32.74 32.76 7.24
N LYS C 650 33.41 33.35 8.23
CA LYS C 650 33.43 34.82 8.33
C LYS C 650 34.25 35.45 7.21
N VAL C 651 35.30 34.78 6.75
CA VAL C 651 36.23 35.39 5.81
C VAL C 651 35.88 35.07 4.36
N GLN C 652 35.60 33.79 4.06
CA GLN C 652 35.49 33.35 2.68
C GLN C 652 34.28 33.95 1.98
N GLU C 653 34.25 33.80 0.67
CA GLU C 653 33.18 34.31 -0.18
C GLU C 653 32.04 33.30 -0.26
N ARG C 654 30.88 33.78 -0.70
CA ARG C 654 29.64 33.00 -0.65
C ARG C 654 29.72 31.70 -1.45
N GLN C 655 30.70 31.56 -2.36
CA GLN C 655 30.77 30.37 -3.18
C GLN C 655 31.33 29.16 -2.42
N ASN C 656 32.24 29.39 -1.47
CA ASN C 656 32.84 28.31 -0.70
C ASN C 656 32.28 28.24 0.72
N ARG C 657 31.21 28.96 1.01
CA ARG C 657 30.63 28.93 2.35
C ARG C 657 29.70 27.74 2.55
N VAL C 658 29.18 27.15 1.47
CA VAL C 658 28.32 25.98 1.62
C VAL C 658 29.15 24.78 2.08
N CYS C 659 30.41 24.68 1.63
CA CYS C 659 31.30 23.65 2.14
C CYS C 659 31.53 23.82 3.64
N THR C 660 31.77 25.06 4.07
CA THR C 660 31.94 25.33 5.49
C THR C 660 30.68 24.97 6.28
N THR C 661 29.51 25.29 5.72
CA THR C 661 28.25 24.94 6.39
C THR C 661 28.11 23.43 6.54
N VAL C 662 28.42 22.68 5.48
CA VAL C 662 28.32 21.23 5.55
C VAL C 662 29.31 20.66 6.56
N ALA C 663 30.52 21.22 6.61
CA ALA C 663 31.50 20.76 7.60
C ALA C 663 31.04 21.06 9.02
N ILE C 664 30.43 22.22 9.23
CA ILE C 664 29.89 22.56 10.55
C ILE C 664 28.81 21.57 10.94
N ALA C 665 27.92 21.22 10.00
CA ALA C 665 26.89 20.24 10.28
C ALA C 665 27.48 18.87 10.61
N ILE C 666 28.52 18.48 9.88
CA ILE C 666 29.17 17.19 10.14
C ILE C 666 29.76 17.18 11.55
N VAL C 667 30.44 18.26 11.93
CA VAL C 667 31.04 18.34 13.26
C VAL C 667 29.94 18.30 14.33
N ALA C 668 28.84 19.02 14.11
CA ALA C 668 27.76 19.04 15.09
C ALA C 668 27.09 17.69 15.22
N GLU C 669 27.00 16.92 14.13
CA GLU C 669 26.38 15.60 14.21
C GLU C 669 27.32 14.58 14.83
N THR C 670 28.63 14.72 14.61
CA THR C 670 29.59 13.74 15.12
C THR C 670 29.88 13.96 16.60
N CYS C 671 30.11 15.20 17.02
CA CYS C 671 30.52 15.52 18.38
C CYS C 671 29.41 16.15 19.20
N SER C 672 28.15 15.91 18.84
CA SER C 672 26.95 16.43 19.50
C SER C 672 26.82 17.94 19.32
N PRO C 673 25.61 18.44 19.05
CA PRO C 673 25.45 19.86 18.69
C PRO C 673 25.71 20.84 19.83
N PHE C 674 25.74 20.39 21.09
CA PHE C 674 25.97 21.33 22.18
C PHE C 674 27.41 21.85 22.21
N THR C 675 28.30 21.31 21.39
CA THR C 675 29.65 21.84 21.23
C THR C 675 29.78 22.75 20.02
N VAL C 676 28.69 22.92 19.25
CA VAL C 676 28.72 23.69 18.02
C VAL C 676 27.70 24.82 18.03
N LEU C 677 26.49 24.55 18.50
CA LEU C 677 25.46 25.59 18.53
C LEU C 677 25.85 26.82 19.36
N PRO C 678 26.47 26.70 20.55
CA PRO C 678 26.84 27.92 21.27
C PRO C 678 27.75 28.86 20.49
N ALA C 679 28.83 28.34 19.90
CA ALA C 679 29.74 29.20 19.15
C ALA C 679 29.07 29.76 17.89
N LEU C 680 28.27 28.94 17.21
CA LEU C 680 27.59 29.40 16.01
C LEU C 680 26.61 30.53 16.32
N MET C 681 25.86 30.40 17.42
CA MET C 681 24.94 31.46 17.81
C MET C 681 25.69 32.68 18.31
N ASN C 682 26.85 32.48 18.94
CA ASN C 682 27.66 33.61 19.38
C ASN C 682 28.19 34.41 18.20
N GLU C 683 28.48 33.74 17.09
CA GLU C 683 28.94 34.44 15.89
C GLU C 683 27.91 35.38 15.29
N TYR C 684 26.72 35.48 15.88
CA TYR C 684 25.65 36.33 15.36
C TYR C 684 25.69 37.76 15.91
N ARG C 685 26.43 38.00 17.00
CA ARG C 685 26.37 39.29 17.67
C ARG C 685 27.01 40.40 16.84
N VAL C 686 27.96 40.07 15.98
CA VAL C 686 28.60 41.08 15.14
C VAL C 686 27.58 41.70 14.20
N PRO C 687 27.53 43.03 14.05
CA PRO C 687 26.43 43.65 13.28
C PRO C 687 26.61 43.57 11.77
N GLU C 688 27.49 42.70 11.29
CA GLU C 688 27.63 42.51 9.85
C GLU C 688 26.51 41.60 9.35
N LEU C 689 25.90 41.98 8.22
CA LEU C 689 24.70 41.29 7.75
C LEU C 689 25.05 39.97 7.07
N ASN C 690 26.16 39.93 6.32
CA ASN C 690 26.51 38.72 5.59
C ASN C 690 26.83 37.57 6.53
N VAL C 691 27.55 37.84 7.63
CA VAL C 691 27.89 36.78 8.57
C VAL C 691 26.65 36.32 9.33
N GLN C 692 25.69 37.23 9.57
CA GLN C 692 24.43 36.82 10.19
C GLN C 692 23.65 35.89 9.27
N ASN C 693 23.56 36.24 7.99
CA ASN C 693 22.93 35.35 7.02
C ASN C 693 23.67 34.01 6.96
N GLY C 694 24.99 34.04 7.06
CA GLY C 694 25.75 32.80 7.05
C GLY C 694 25.45 31.93 8.25
N VAL C 695 25.34 32.54 9.43
CA VAL C 695 24.97 31.79 10.62
C VAL C 695 23.58 31.19 10.47
N LEU C 696 22.64 31.96 9.89
CA LEU C 696 21.30 31.44 9.68
C LEU C 696 21.29 30.27 8.72
N LYS C 697 22.05 30.36 7.63
CA LYS C 697 22.14 29.25 6.68
C LYS C 697 22.80 28.03 7.31
N SER C 698 23.82 28.26 8.14
CA SER C 698 24.46 27.16 8.85
C SER C 698 23.47 26.46 9.77
N LEU C 699 22.67 27.21 10.51
CA LEU C 699 21.66 26.61 11.36
C LEU C 699 20.64 25.82 10.53
N SER C 700 20.20 26.41 9.42
CA SER C 700 19.23 25.75 8.54
C SER C 700 19.74 24.38 8.09
N PHE C 701 20.92 24.36 7.47
CA PHE C 701 21.46 23.10 6.99
C PHE C 701 21.79 22.16 8.14
N LEU C 702 22.24 22.68 9.28
CA LEU C 702 22.59 21.84 10.41
C LEU C 702 21.37 21.08 10.91
N PHE C 703 20.24 21.78 11.07
CA PHE C 703 19.04 21.10 11.55
C PHE C 703 18.49 20.15 10.50
N GLU C 704 18.51 20.55 9.22
CA GLU C 704 18.10 19.62 8.17
C GLU C 704 18.95 18.36 8.16
N TYR C 705 20.23 18.48 8.48
CA TYR C 705 21.13 17.35 8.46
C TYR C 705 20.95 16.45 9.67
N ILE C 706 20.80 17.03 10.86
CA ILE C 706 20.73 16.21 12.07
C ILE C 706 19.34 15.60 12.27
N GLY C 707 18.29 16.22 11.72
CA GLY C 707 16.96 15.64 11.81
C GLY C 707 16.48 15.42 13.23
N GLU C 708 16.38 14.14 13.63
CA GLU C 708 15.85 13.81 14.95
C GLU C 708 16.80 14.24 16.08
N MET C 709 18.11 14.34 15.80
CA MET C 709 19.07 14.70 16.83
C MET C 709 18.86 16.09 17.39
N GLY C 710 18.16 16.96 16.66
CA GLY C 710 17.94 18.32 17.11
C GLY C 710 16.71 18.49 17.97
N LYS C 711 16.21 17.39 18.53
CA LYS C 711 15.08 17.46 19.44
C LYS C 711 15.43 18.11 20.76
N ASP C 712 16.72 18.14 21.12
CA ASP C 712 17.18 18.73 22.37
C ASP C 712 17.82 20.10 22.16
N TYR C 713 17.54 20.76 21.03
CA TYR C 713 18.19 22.02 20.71
C TYR C 713 17.28 23.08 20.12
N ILE C 714 15.99 22.82 19.97
CA ILE C 714 15.09 23.84 19.42
C ILE C 714 14.96 25.01 20.38
N TYR C 715 14.86 24.72 21.69
CA TYR C 715 14.72 25.76 22.69
C TYR C 715 15.90 26.72 22.66
N ALA C 716 17.11 26.19 22.49
CA ALA C 716 18.30 27.04 22.52
C ALA C 716 18.34 28.01 21.36
N VAL C 717 17.93 27.57 20.17
CA VAL C 717 18.00 28.42 18.97
C VAL C 717 16.77 29.28 18.79
N THR C 718 15.67 28.98 19.50
CA THR C 718 14.45 29.78 19.38
C THR C 718 14.65 31.29 19.52
N PRO C 719 15.43 31.81 20.48
CA PRO C 719 15.59 33.26 20.55
C PRO C 719 16.29 33.86 19.35
N LEU C 720 17.33 33.19 18.84
CA LEU C 720 18.01 33.68 17.64
C LEU C 720 17.05 33.75 16.47
N LEU C 721 16.20 32.72 16.31
CA LEU C 721 15.21 32.74 15.26
C LEU C 721 14.23 33.90 15.45
N GLU C 722 13.56 33.95 16.60
CA GLU C 722 12.59 35.02 16.84
C GLU C 722 13.21 36.40 16.70
N ASP C 723 14.53 36.53 16.86
CA ASP C 723 15.19 37.78 16.55
C ASP C 723 15.35 37.96 15.05
N ALA C 724 15.59 36.87 14.33
CA ALA C 724 15.70 36.95 12.88
C ALA C 724 14.36 36.90 12.16
N LEU C 725 13.33 36.32 12.78
CA LEU C 725 12.02 36.26 12.15
C LEU C 725 11.43 37.65 11.92
N MET C 726 11.71 38.60 12.80
CA MET C 726 11.14 39.94 12.69
C MET C 726 12.19 41.01 12.38
N ASP C 727 13.42 40.62 12.08
CA ASP C 727 14.40 41.58 11.61
C ASP C 727 13.96 42.14 10.27
N ARG C 728 14.10 43.45 10.12
CA ARG C 728 13.64 44.13 8.90
C ARG C 728 14.62 43.90 7.75
N ASP C 729 14.83 42.62 7.45
CA ASP C 729 15.65 42.18 6.33
C ASP C 729 14.98 40.98 5.68
N LEU C 730 14.99 40.95 4.35
CA LEU C 730 14.28 39.89 3.63
C LEU C 730 15.02 38.57 3.72
N VAL C 731 16.34 38.58 3.50
CA VAL C 731 17.11 37.35 3.53
C VAL C 731 17.11 36.74 4.93
N HIS C 732 17.14 37.60 5.96
CA HIS C 732 17.09 37.11 7.33
C HIS C 732 15.81 36.30 7.58
N ARG C 733 14.66 36.89 7.26
CA ARG C 733 13.40 36.20 7.49
C ARG C 733 13.29 34.94 6.62
N GLN C 734 13.79 35.01 5.39
CA GLN C 734 13.76 33.85 4.50
C GLN C 734 14.56 32.68 5.09
N THR C 735 15.81 32.95 5.49
CA THR C 735 16.64 31.89 6.04
C THR C 735 16.11 31.41 7.38
N ALA C 736 15.50 32.30 8.17
CA ALA C 736 14.92 31.88 9.45
C ALA C 736 13.72 30.98 9.24
N SER C 737 12.89 31.27 8.23
CA SER C 737 11.79 30.38 7.89
C SER C 737 12.31 29.04 7.39
N ALA C 738 13.41 29.05 6.64
CA ALA C 738 14.03 27.80 6.23
C ALA C 738 14.48 26.99 7.44
N VAL C 739 15.08 27.67 8.43
CA VAL C 739 15.49 27.02 9.67
C VAL C 739 14.28 26.39 10.36
N VAL C 740 13.18 27.14 10.43
CA VAL C 740 11.98 26.63 11.10
C VAL C 740 11.44 25.40 10.36
N GLN C 741 11.44 25.44 9.03
CA GLN C 741 10.95 24.30 8.26
C GLN C 741 11.80 23.06 8.50
N HIS C 742 13.12 23.22 8.44
CA HIS C 742 14.00 22.07 8.64
C HIS C 742 13.91 21.54 10.07
N MET C 743 13.81 22.43 11.05
CA MET C 743 13.56 22.01 12.43
C MET C 743 12.30 21.16 12.52
N SER C 744 11.19 21.71 12.03
CA SER C 744 9.91 21.03 12.14
C SER C 744 9.94 19.65 11.49
N LEU C 745 10.54 19.55 10.30
CA LEU C 745 10.59 18.26 9.64
C LEU C 745 11.55 17.31 10.33
N GLY C 746 12.58 17.84 11.00
CA GLY C 746 13.55 17.00 11.68
C GLY C 746 13.06 16.41 12.99
N VAL C 747 12.47 17.24 13.84
CA VAL C 747 12.06 16.82 15.18
C VAL C 747 10.60 16.38 15.15
N TYR C 748 10.08 16.09 13.96
CA TYR C 748 8.70 15.67 13.78
C TYR C 748 8.40 14.42 14.61
N GLY C 749 7.55 14.57 15.63
CA GLY C 749 7.19 13.46 16.48
C GLY C 749 8.11 13.17 17.64
N PHE C 750 8.75 14.20 18.21
CA PHE C 750 9.69 13.98 19.31
C PHE C 750 9.48 14.95 20.46
N GLY C 751 8.29 15.54 20.59
CA GLY C 751 7.96 16.35 21.74
C GLY C 751 8.52 17.75 21.74
N CYS C 752 8.51 18.42 20.57
CA CYS C 752 8.94 19.80 20.48
C CYS C 752 7.78 20.75 20.20
N GLU C 753 6.57 20.34 20.54
CA GLU C 753 5.38 21.13 20.20
C GLU C 753 5.41 22.51 20.86
N ASP C 754 6.08 22.64 22.01
CA ASP C 754 6.14 23.93 22.70
C ASP C 754 6.95 24.94 21.91
N SER C 755 8.22 24.63 21.65
CA SER C 755 9.09 25.58 20.95
C SER C 755 8.60 25.83 19.53
N LEU C 756 8.06 24.81 18.88
CA LEU C 756 7.56 24.97 17.52
C LEU C 756 6.29 25.80 17.48
N ASN C 757 5.38 25.58 18.44
CA ASN C 757 4.18 26.40 18.52
C ASN C 757 4.52 27.84 18.90
N HIS C 758 5.65 28.05 19.59
CA HIS C 758 6.12 29.40 19.85
C HIS C 758 6.65 30.05 18.58
N LEU C 759 7.53 29.35 17.85
CA LEU C 759 8.07 29.87 16.60
C LEU C 759 7.00 30.11 15.55
N LEU C 760 5.87 29.40 15.64
CA LEU C 760 4.78 29.63 14.71
C LEU C 760 4.25 31.06 14.83
N ASN C 761 4.22 31.60 16.05
CA ASN C 761 3.73 32.96 16.25
C ASN C 761 4.67 34.01 15.68
N TYR C 762 5.93 33.68 15.47
CA TYR C 762 6.85 34.59 14.81
C TYR C 762 6.92 34.35 13.31
N VAL C 763 6.59 33.15 12.85
CA VAL C 763 6.55 32.87 11.42
C VAL C 763 5.28 33.46 10.79
N TRP C 764 4.18 33.42 11.52
CA TRP C 764 2.89 33.81 10.94
C TRP C 764 2.80 35.27 10.49
N PRO C 765 3.38 36.26 11.17
CA PRO C 765 3.26 37.64 10.67
C PRO C 765 3.89 37.85 9.30
N ASN C 766 4.77 36.96 8.86
CA ASN C 766 5.47 37.12 7.59
C ASN C 766 4.71 36.52 6.41
N VAL C 767 3.46 36.10 6.61
CA VAL C 767 2.71 35.51 5.51
C VAL C 767 2.17 36.59 4.57
N PHE C 768 1.93 37.79 5.09
CA PHE C 768 1.46 38.91 4.26
C PHE C 768 2.60 39.64 3.55
N GLU C 769 3.55 38.89 2.99
CA GLU C 769 4.68 39.47 2.29
C GLU C 769 4.51 39.32 0.79
N THR C 770 4.99 40.32 0.05
CA THR C 770 4.83 40.35 -1.40
C THR C 770 5.96 39.64 -2.13
N SER C 771 7.19 39.69 -1.61
CA SER C 771 8.31 39.09 -2.30
C SER C 771 8.12 37.57 -2.38
N PRO C 772 8.42 36.96 -3.55
CA PRO C 772 8.16 35.53 -3.69
C PRO C 772 9.18 34.64 -3.00
N HIS C 773 10.46 35.04 -3.06
CA HIS C 773 11.52 34.20 -2.51
C HIS C 773 11.38 33.99 -1.01
N VAL C 774 10.79 34.96 -0.31
CA VAL C 774 10.61 34.83 1.13
C VAL C 774 9.28 34.16 1.47
N ILE C 775 8.24 34.43 0.69
CA ILE C 775 6.95 33.80 0.97
C ILE C 775 7.02 32.31 0.67
N GLN C 776 7.90 31.90 -0.24
CA GLN C 776 8.08 30.48 -0.50
C GLN C 776 8.64 29.77 0.73
N ALA C 777 9.68 30.36 1.34
CA ALA C 777 10.23 29.79 2.57
C ALA C 777 9.22 29.86 3.72
N VAL C 778 8.38 30.91 3.74
CA VAL C 778 7.34 31.00 4.76
C VAL C 778 6.34 29.87 4.62
N MET C 779 5.92 29.59 3.39
CA MET C 779 4.98 28.49 3.15
C MET C 779 5.62 27.14 3.48
N GLY C 780 6.90 26.99 3.17
CA GLY C 780 7.60 25.77 3.55
C GLY C 780 7.65 25.59 5.05
N ALA C 781 7.95 26.66 5.78
CA ALA C 781 7.95 26.60 7.24
C ALA C 781 6.56 26.28 7.77
N LEU C 782 5.53 26.84 7.14
CA LEU C 782 4.16 26.57 7.59
C LEU C 782 3.79 25.11 7.38
N GLU C 783 4.18 24.53 6.24
CA GLU C 783 3.87 23.11 6.03
C GLU C 783 4.67 22.22 6.98
N GLY C 784 5.94 22.56 7.21
CA GLY C 784 6.72 21.82 8.20
C GLY C 784 6.10 21.89 9.59
N LEU C 785 5.63 23.07 9.98
CA LEU C 785 4.97 23.22 11.27
C LEU C 785 3.64 22.48 11.31
N ARG C 786 2.94 22.39 10.16
CA ARG C 786 1.74 21.57 10.11
C ARG C 786 2.07 20.11 10.36
N VAL C 787 3.17 19.63 9.78
CA VAL C 787 3.58 18.25 10.03
C VAL C 787 3.96 18.05 11.48
N ALA C 788 4.70 18.99 12.07
CA ALA C 788 5.29 18.77 13.39
C ALA C 788 4.29 19.00 14.51
N ILE C 789 3.51 20.08 14.44
CA ILE C 789 2.54 20.38 15.49
C ILE C 789 1.20 19.70 15.23
N GLY C 790 0.83 19.49 13.97
CA GLY C 790 -0.43 18.88 13.63
C GLY C 790 -1.31 19.83 12.85
N PRO C 791 -2.22 19.28 12.04
CA PRO C 791 -3.13 20.14 11.26
C PRO C 791 -4.15 20.89 12.12
N CYS C 792 -4.33 20.51 13.38
CA CYS C 792 -5.38 21.13 14.19
C CYS C 792 -5.04 22.59 14.49
N ARG C 793 -3.80 22.85 14.93
CA ARG C 793 -3.39 24.23 15.20
C ARG C 793 -3.40 25.07 13.93
N MET C 794 -3.00 24.48 12.80
CA MET C 794 -3.03 25.21 11.54
C MET C 794 -4.44 25.56 11.12
N LEU C 795 -5.38 24.63 11.30
CA LEU C 795 -6.78 24.95 11.01
C LEU C 795 -7.31 26.01 11.96
N GLN C 796 -6.89 25.96 13.22
CA GLN C 796 -7.30 26.99 14.18
C GLN C 796 -6.81 28.36 13.76
N TYR C 797 -5.59 28.44 13.24
CA TYR C 797 -5.07 29.73 12.77
C TYR C 797 -5.65 30.15 11.42
N CYS C 798 -6.13 29.20 10.62
CA CYS C 798 -6.69 29.53 9.31
C CYS C 798 -8.15 29.97 9.39
N LEU C 799 -8.91 29.42 10.34
CA LEU C 799 -10.34 29.70 10.39
C LEU C 799 -10.63 31.17 10.65
N GLN C 800 -9.75 31.85 11.39
CA GLN C 800 -9.99 33.26 11.71
C GLN C 800 -9.87 34.17 10.49
N GLY C 801 -9.37 33.67 9.37
CA GLY C 801 -9.23 34.48 8.17
C GLY C 801 -9.77 33.82 6.92
N LEU C 802 -10.33 32.61 7.07
CA LEU C 802 -10.91 31.93 5.91
C LEU C 802 -12.06 32.72 5.30
N PHE C 803 -12.84 33.42 6.13
CA PHE C 803 -14.00 34.19 5.67
C PHE C 803 -13.86 35.62 6.19
N HIS C 804 -13.04 36.41 5.49
CA HIS C 804 -12.78 37.79 5.86
C HIS C 804 -13.25 38.73 4.75
N PRO C 805 -13.77 39.91 5.10
CA PRO C 805 -14.20 40.85 4.04
C PRO C 805 -13.10 41.22 3.08
N ALA C 806 -11.86 41.36 3.56
CA ALA C 806 -10.75 41.67 2.69
C ALA C 806 -10.50 40.52 1.72
N ARG C 807 -10.31 40.85 0.44
CA ARG C 807 -10.17 39.81 -0.58
C ARG C 807 -8.77 39.21 -0.58
N LYS C 808 -7.74 40.01 -0.40
CA LYS C 808 -6.38 39.47 -0.38
C LYS C 808 -6.16 38.60 0.85
N VAL C 809 -6.74 39.01 1.99
CA VAL C 809 -6.68 38.18 3.19
C VAL C 809 -7.34 36.83 2.93
N ARG C 810 -8.49 36.84 2.25
CA ARG C 810 -9.16 35.58 1.93
C ARG C 810 -8.31 34.74 0.98
N ASP C 811 -7.67 35.38 -0.01
CA ASP C 811 -6.80 34.65 -0.92
C ASP C 811 -5.67 33.95 -0.17
N VAL C 812 -5.00 34.68 0.72
CA VAL C 812 -3.86 34.12 1.44
C VAL C 812 -4.30 33.00 2.38
N TYR C 813 -5.34 33.25 3.16
CA TYR C 813 -5.80 32.23 4.10
C TYR C 813 -6.32 31.00 3.38
N TRP C 814 -6.96 31.17 2.21
CA TRP C 814 -7.41 30.00 1.46
C TRP C 814 -6.25 29.26 0.82
N LYS C 815 -5.18 29.96 0.45
CA LYS C 815 -3.98 29.27 -0.01
C LYS C 815 -3.40 28.39 1.09
N ILE C 816 -3.29 28.94 2.31
CA ILE C 816 -2.79 28.15 3.43
C ILE C 816 -3.72 26.98 3.72
N TYR C 817 -5.03 27.21 3.67
CA TYR C 817 -5.99 26.14 3.92
C TYR C 817 -5.89 25.05 2.87
N ASN C 818 -5.64 25.43 1.61
CA ASN C 818 -5.47 24.43 0.56
C ASN C 818 -4.23 23.59 0.82
N SER C 819 -3.14 24.23 1.25
CA SER C 819 -1.93 23.47 1.58
C SER C 819 -2.21 22.48 2.70
N ILE C 820 -2.92 22.93 3.74
CA ILE C 820 -3.22 22.05 4.87
C ILE C 820 -4.15 20.91 4.44
N TYR C 821 -5.12 21.22 3.57
CA TYR C 821 -6.08 20.21 3.13
C TYR C 821 -5.42 19.14 2.28
N ILE C 822 -4.55 19.54 1.35
CA ILE C 822 -3.80 18.57 0.57
C ILE C 822 -2.89 17.76 1.48
N GLY C 823 -2.29 18.41 2.47
CA GLY C 823 -1.39 17.74 3.41
C GLY C 823 -2.03 16.62 4.19
N SER C 824 -3.11 16.91 4.91
CA SER C 824 -3.80 15.91 5.73
C SER C 824 -5.30 16.18 5.69
N GLN C 825 -6.00 15.48 4.80
CA GLN C 825 -7.44 15.66 4.62
C GLN C 825 -8.26 14.80 5.59
N ASP C 826 -7.78 13.60 5.91
CA ASP C 826 -8.54 12.72 6.78
C ASP C 826 -8.52 13.20 8.23
N ALA C 827 -7.45 13.90 8.63
CA ALA C 827 -7.34 14.36 10.01
C ALA C 827 -8.29 15.52 10.29
N LEU C 828 -8.46 16.41 9.31
CA LEU C 828 -9.27 17.61 9.50
C LEU C 828 -10.70 17.29 9.92
N ILE C 829 -11.19 16.09 9.62
CA ILE C 829 -12.54 15.71 10.01
C ILE C 829 -12.71 15.76 11.52
N ALA C 830 -11.66 15.38 12.26
CA ALA C 830 -11.72 15.44 13.71
C ALA C 830 -11.37 16.82 14.27
N HIS C 831 -11.14 17.80 13.41
CA HIS C 831 -10.73 19.13 13.84
C HIS C 831 -11.66 20.24 13.37
N TYR C 832 -12.66 19.93 12.54
CA TYR C 832 -13.56 20.97 12.06
C TYR C 832 -14.44 21.50 13.20
N PRO C 833 -14.68 22.80 13.25
CA PRO C 833 -15.48 23.38 14.34
C PRO C 833 -16.97 23.13 14.12
N ARG C 834 -17.77 23.64 15.05
CA ARG C 834 -19.21 23.53 14.99
C ARG C 834 -19.79 24.69 14.18
N ILE C 835 -20.71 24.37 13.28
CA ILE C 835 -21.46 25.37 12.53
C ILE C 835 -22.92 24.97 12.61
N TYR C 836 -23.70 25.71 13.41
CA TYR C 836 -25.09 25.35 13.66
C TYR C 836 -25.92 25.49 12.39
N ASN C 837 -27.03 24.76 12.36
CA ASN C 837 -27.92 24.78 11.21
C ASN C 837 -28.66 26.12 11.14
N ASP C 838 -29.24 26.37 9.97
CA ASP C 838 -30.08 27.56 9.79
C ASP C 838 -31.47 27.14 9.32
N ASP C 839 -32.24 28.09 8.81
CA ASP C 839 -33.60 27.82 8.36
C ASP C 839 -33.65 27.08 7.04
N LYS C 840 -32.53 26.93 6.34
CA LYS C 840 -32.51 26.33 5.01
C LYS C 840 -31.70 25.06 4.92
N ASN C 841 -30.53 24.99 5.56
CA ASN C 841 -29.62 23.88 5.41
C ASN C 841 -29.31 23.24 6.76
N THR C 842 -28.85 22.00 6.71
CA THR C 842 -28.38 21.26 7.88
C THR C 842 -26.86 21.22 7.83
N TYR C 843 -26.21 21.71 8.89
CA TYR C 843 -24.77 21.89 8.90
C TYR C 843 -24.06 21.14 10.01
N ILE C 844 -24.77 20.60 11.00
CA ILE C 844 -24.15 19.90 12.11
C ILE C 844 -24.08 18.42 11.78
N ARG C 845 -22.94 17.80 12.04
CA ARG C 845 -22.75 16.37 11.84
C ARG C 845 -23.24 15.65 13.09
N TYR C 846 -24.44 15.07 13.02
CA TYR C 846 -25.04 14.46 14.19
C TYR C 846 -24.42 13.11 14.56
N GLU C 847 -23.80 12.42 13.60
CA GLU C 847 -23.19 11.13 13.90
C GLU C 847 -22.10 11.27 14.97
N LEU C 848 -21.34 12.36 14.91
CA LEU C 848 -20.25 12.59 15.86
C LEU C 848 -20.76 13.05 17.22
N ASP C 849 -22.06 13.28 17.38
CA ASP C 849 -22.64 13.67 18.66
C ASP C 849 -23.25 12.49 19.40
N TYR C 850 -23.10 11.28 18.90
CA TYR C 850 -23.66 10.11 19.56
C TYR C 850 -22.91 9.83 20.86
N ILE C 851 -23.64 9.36 21.87
CA ILE C 851 -23.08 9.06 23.17
C ILE C 851 -23.52 7.65 23.57
N LEU C 852 -22.56 6.83 23.98
CA LEU C 852 -22.87 5.48 24.44
C LEU C 852 -22.76 5.40 25.95
N PRO D 16 13.01 31.22 -19.34
CA PRO D 16 12.54 29.84 -19.55
C PRO D 16 11.38 29.48 -18.63
N ASP D 17 10.39 28.76 -19.16
CA ASP D 17 9.17 28.41 -18.43
C ASP D 17 9.15 26.89 -18.24
N LEU D 18 9.62 26.44 -17.07
CA LEU D 18 9.70 25.02 -16.75
C LEU D 18 8.64 24.66 -15.71
N ILE D 19 8.22 23.39 -15.71
CA ILE D 19 7.21 22.94 -14.76
C ILE D 19 7.34 21.42 -14.56
N PHE D 20 6.53 20.86 -13.67
CA PHE D 20 6.50 19.42 -13.43
C PHE D 20 5.45 18.75 -14.30
N CYS D 21 5.64 17.44 -14.54
CA CYS D 21 4.70 16.69 -15.35
C CYS D 21 3.41 16.42 -14.60
N ARG D 22 3.52 15.87 -13.38
CA ARG D 22 2.40 15.62 -12.47
C ARG D 22 1.38 14.65 -13.04
N LYS D 23 1.75 13.86 -14.04
CA LYS D 23 0.86 12.81 -14.52
C LYS D 23 0.95 11.60 -13.59
N GLN D 24 0.03 10.65 -13.79
CA GLN D 24 0.02 9.43 -12.98
C GLN D 24 1.27 8.62 -13.29
N ALA D 25 2.19 8.55 -12.32
CA ALA D 25 3.39 7.78 -12.50
C ALA D 25 3.08 6.29 -12.53
N GLY D 26 4.04 5.50 -13.03
CA GLY D 26 3.84 4.08 -13.22
C GLY D 26 4.98 3.29 -12.60
N VAL D 27 5.47 2.31 -13.36
CA VAL D 27 6.53 1.42 -12.88
C VAL D 27 7.91 1.84 -13.35
N ALA D 28 8.02 2.95 -14.06
CA ALA D 28 9.31 3.42 -14.53
C ALA D 28 10.08 4.11 -13.42
N ILE D 29 11.37 3.80 -13.33
CA ILE D 29 12.25 4.39 -12.31
C ILE D 29 12.91 5.63 -12.90
N GLY D 30 12.77 6.76 -12.20
CA GLY D 30 13.43 7.97 -12.63
C GLY D 30 14.93 7.92 -12.40
N ARG D 31 15.67 8.60 -13.27
CA ARG D 31 17.12 8.59 -13.22
C ARG D 31 17.67 10.00 -13.32
N LEU D 32 18.93 10.15 -12.92
CA LEU D 32 19.64 11.41 -12.94
C LEU D 32 21.02 11.20 -13.57
N CYS D 33 21.50 12.27 -14.22
CA CYS D 33 22.76 12.24 -14.95
C CYS D 33 23.92 12.50 -13.98
N GLU D 34 25.12 12.68 -14.54
CA GLU D 34 26.30 12.87 -13.72
C GLU D 34 26.32 14.22 -13.01
N LYS D 35 25.60 15.22 -13.54
CA LYS D 35 25.66 16.55 -12.95
C LYS D 35 24.86 16.63 -11.66
N CYS D 36 23.78 15.88 -11.53
CA CYS D 36 22.87 15.96 -10.39
C CYS D 36 22.74 14.63 -9.68
N ASP D 37 23.87 13.93 -9.49
CA ASP D 37 23.85 12.63 -8.85
C ASP D 37 23.41 12.76 -7.39
N GLY D 38 22.35 12.04 -7.04
CA GLY D 38 21.88 12.02 -5.67
C GLY D 38 21.24 13.30 -5.18
N LYS D 39 20.45 13.96 -6.03
CA LYS D 39 19.80 15.21 -5.69
C LYS D 39 18.29 15.05 -5.79
N CYS D 40 17.59 15.63 -4.83
CA CYS D 40 16.13 15.56 -4.82
C CYS D 40 15.57 16.41 -5.95
N VAL D 41 14.67 15.83 -6.74
CA VAL D 41 14.14 16.50 -7.92
C VAL D 41 13.11 17.58 -7.57
N ILE D 42 12.54 17.53 -6.36
CA ILE D 42 11.46 18.45 -6.01
C ILE D 42 12.00 19.72 -5.37
N CYS D 43 12.87 19.59 -4.37
CA CYS D 43 13.34 20.72 -3.57
C CYS D 43 14.82 21.01 -3.74
N ASP D 44 15.49 20.32 -4.67
CA ASP D 44 16.91 20.56 -4.97
C ASP D 44 17.78 20.35 -3.74
N SER D 45 17.46 19.34 -2.94
CA SER D 45 18.22 19.02 -1.74
C SER D 45 19.15 17.83 -2.00
N TYR D 46 20.25 17.80 -1.26
CA TYR D 46 21.26 16.75 -1.41
C TYR D 46 21.37 15.86 -0.18
N VAL D 47 20.49 16.01 0.80
CA VAL D 47 20.62 15.34 2.08
C VAL D 47 19.52 14.30 2.23
N ARG D 48 19.91 13.11 2.70
CA ARG D 48 19.01 12.02 3.07
C ARG D 48 18.09 11.60 1.93
N PRO D 49 18.59 10.84 0.96
CA PRO D 49 17.69 10.25 -0.05
C PRO D 49 16.88 9.11 0.56
N CYS D 50 15.57 9.16 0.34
CA CYS D 50 14.64 8.24 1.00
C CYS D 50 13.95 7.32 0.00
N THR D 51 12.95 7.83 -0.72
CA THR D 51 12.11 7.02 -1.58
C THR D 51 12.57 7.12 -3.04
N LEU D 52 12.31 6.05 -3.78
CA LEU D 52 12.70 5.97 -5.18
C LEU D 52 11.70 6.68 -6.07
N VAL D 53 12.20 7.38 -7.09
CA VAL D 53 11.37 8.22 -7.94
C VAL D 53 10.71 7.38 -9.01
N ARG D 54 9.41 7.60 -9.23
CA ARG D 54 8.66 6.97 -10.30
C ARG D 54 8.17 8.04 -11.26
N ILE D 55 8.22 7.74 -12.56
CA ILE D 55 7.74 8.64 -13.60
C ILE D 55 6.69 7.91 -14.43
N CYS D 56 5.92 8.70 -15.19
CA CYS D 56 4.88 8.13 -16.04
C CYS D 56 5.49 7.53 -17.30
N ASP D 57 4.67 6.76 -18.02
CA ASP D 57 5.18 6.05 -19.20
C ASP D 57 5.54 7.00 -20.33
N GLU D 58 4.85 8.13 -20.45
CA GLU D 58 5.11 9.05 -21.56
C GLU D 58 6.51 9.65 -21.48
N CYS D 59 7.02 9.90 -20.28
CA CYS D 59 8.34 10.49 -20.12
C CYS D 59 9.46 9.46 -20.19
N ASN D 60 9.14 8.17 -20.29
CA ASN D 60 10.15 7.12 -20.33
C ASN D 60 10.09 6.28 -21.61
N TYR D 61 9.28 6.69 -22.57
CA TYR D 61 9.08 5.89 -23.77
C TYR D 61 10.16 6.15 -24.81
N GLY D 62 10.64 5.07 -25.43
CA GLY D 62 11.53 5.22 -26.57
C GLY D 62 12.91 5.70 -26.17
N SER D 63 13.42 6.67 -26.91
CA SER D 63 14.74 7.25 -26.66
C SER D 63 14.81 8.03 -25.35
N TYR D 64 13.70 8.18 -24.64
CA TYR D 64 13.67 8.85 -23.35
C TYR D 64 13.85 7.89 -22.17
N GLN D 65 13.99 6.60 -22.44
CA GLN D 65 14.14 5.62 -21.38
C GLN D 65 15.47 5.81 -20.66
N GLY D 66 15.43 5.77 -19.32
CA GLY D 66 16.64 5.94 -18.54
C GLY D 66 17.31 7.29 -18.70
N ARG D 67 16.56 8.32 -19.08
CA ARG D 67 17.08 9.65 -19.31
C ARG D 67 16.91 10.51 -18.06
N CYS D 68 17.75 11.54 -17.95
CA CYS D 68 17.74 12.40 -16.79
C CYS D 68 16.39 13.10 -16.63
N VAL D 69 15.93 13.19 -15.39
CA VAL D 69 14.63 13.80 -15.11
C VAL D 69 14.72 15.32 -15.18
N ILE D 70 15.83 15.89 -14.74
CA ILE D 70 15.97 17.34 -14.66
C ILE D 70 16.31 17.91 -16.03
N CYS D 71 17.49 17.59 -16.55
CA CYS D 71 17.95 18.18 -17.81
C CYS D 71 17.51 17.37 -19.03
N GLY D 72 17.50 16.06 -18.94
CA GLY D 72 17.16 15.21 -20.05
C GLY D 72 18.34 14.57 -20.76
N GLY D 73 19.45 14.34 -20.07
CA GLY D 73 20.61 13.72 -20.67
C GLY D 73 20.78 12.29 -20.20
N PRO D 74 21.92 11.68 -20.54
CA PRO D 74 22.15 10.28 -20.14
C PRO D 74 22.21 10.12 -18.64
N GLY D 75 21.24 9.40 -18.08
CA GLY D 75 21.20 9.21 -16.64
C GLY D 75 22.17 8.14 -16.18
N VAL D 76 22.84 8.41 -15.06
CA VAL D 76 23.83 7.49 -14.52
C VAL D 76 23.38 6.85 -13.21
N SER D 77 22.51 7.51 -12.43
CA SER D 77 22.09 6.96 -11.14
C SER D 77 20.58 7.04 -11.02
N ASP D 78 20.05 6.36 -9.99
CA ASP D 78 18.63 6.39 -9.72
C ASP D 78 18.26 7.67 -8.98
N ALA D 79 17.20 8.33 -9.42
CA ALA D 79 16.72 9.52 -8.73
C ALA D 79 15.92 9.12 -7.50
N TYR D 80 16.12 9.87 -6.42
CA TYR D 80 15.44 9.62 -5.16
C TYR D 80 14.85 10.93 -4.62
N TYR D 81 13.67 10.84 -4.03
CA TYR D 81 13.18 11.92 -3.20
C TYR D 81 14.03 12.03 -1.94
N CYS D 82 13.94 13.15 -1.26
CA CYS D 82 14.62 13.32 0.02
C CYS D 82 13.67 13.00 1.17
N LYS D 83 14.23 12.92 2.37
CA LYS D 83 13.43 12.58 3.54
C LYS D 83 12.37 13.63 3.80
N GLU D 84 12.70 14.91 3.59
CA GLU D 84 11.74 15.98 3.82
C GLU D 84 10.53 15.86 2.90
N CYS D 85 10.77 15.55 1.62
CA CYS D 85 9.66 15.36 0.69
C CYS D 85 8.88 14.08 0.99
N THR D 86 9.56 13.04 1.47
CA THR D 86 8.86 11.82 1.85
C THR D 86 7.91 12.07 3.02
N ILE D 87 8.38 12.77 4.05
CA ILE D 87 7.56 13.04 5.22
C ILE D 87 6.33 13.87 4.85
N GLN D 88 6.54 14.90 4.03
CA GLN D 88 5.44 15.74 3.56
C GLN D 88 4.64 15.10 2.44
N GLU D 89 4.99 13.88 2.04
CA GLU D 89 4.27 13.14 0.98
C GLU D 89 4.24 13.92 -0.33
N LYS D 90 5.32 14.63 -0.62
CA LYS D 90 5.48 15.29 -1.91
C LYS D 90 5.84 14.30 -3.03
N ASP D 91 6.03 13.03 -2.69
CA ASP D 91 6.26 11.99 -3.70
C ASP D 91 4.96 11.41 -4.25
N ARG D 92 3.82 11.81 -3.71
CA ARG D 92 2.52 11.34 -4.18
C ARG D 92 1.86 12.32 -5.14
N ASP D 93 2.57 13.38 -5.53
CA ASP D 93 1.95 14.45 -6.31
C ASP D 93 1.85 14.07 -7.79
N GLY D 94 2.83 13.36 -8.31
CA GLY D 94 2.79 12.94 -9.70
C GLY D 94 4.20 12.84 -10.26
N CYS D 95 4.25 12.73 -11.59
CA CYS D 95 5.50 12.58 -12.31
C CYS D 95 6.39 13.80 -12.12
N PRO D 96 7.60 13.65 -11.58
CA PRO D 96 8.48 14.80 -11.35
C PRO D 96 9.27 15.26 -12.58
N LYS D 97 9.00 14.71 -13.76
CA LYS D 97 9.77 15.04 -14.94
C LYS D 97 9.63 16.52 -15.27
N ILE D 98 10.76 17.22 -15.34
CA ILE D 98 10.74 18.63 -15.70
C ILE D 98 10.44 18.77 -17.18
N VAL D 99 9.47 19.62 -17.50
CA VAL D 99 9.04 19.84 -18.88
C VAL D 99 9.05 21.33 -19.19
N ASN D 100 9.49 21.68 -20.39
CA ASN D 100 9.56 23.06 -20.86
C ASN D 100 8.39 23.34 -21.79
N LEU D 101 7.58 24.32 -21.43
CA LEU D 101 6.42 24.69 -22.24
C LEU D 101 6.78 25.55 -23.44
N GLY D 102 8.05 25.92 -23.60
CA GLY D 102 8.47 26.72 -24.74
C GLY D 102 9.38 25.98 -25.68
N SER D 103 9.21 24.66 -25.78
CA SER D 103 10.03 23.84 -26.65
C SER D 103 9.22 22.65 -27.13
N SER D 104 9.71 21.99 -28.17
CA SER D 104 9.03 20.88 -28.79
C SER D 104 9.70 19.56 -28.40
N LYS D 105 9.20 18.46 -28.97
CA LYS D 105 9.78 17.14 -28.70
C LYS D 105 11.18 17.01 -29.29
N THR D 106 11.42 17.65 -30.44
CA THR D 106 12.72 17.55 -31.10
C THR D 106 13.77 18.45 -30.46
N ASP D 107 13.36 19.50 -29.76
CA ASP D 107 14.32 20.43 -29.16
C ASP D 107 15.10 19.74 -28.05
N LEU D 108 16.40 20.04 -27.98
CA LEU D 108 17.28 19.44 -26.99
C LEU D 108 18.02 20.50 -26.20
C9 SJT E . 29.05 22.02 -0.72
C8 SJT E . 27.75 21.94 -1.50
C5 SJT E . 25.67 13.88 0.18
C6 SJT E . 25.65 12.39 0.30
C2 SJT E . 27.37 16.33 0.82
C4 SJT E . 25.86 16.34 2.84
N SJT E . 27.39 19.66 -0.65
C SJT E . 26.81 18.67 0.02
O SJT E . 25.65 18.76 0.48
C1 SJT E . 27.66 17.47 0.23
C10 SJT E . 26.98 21.55 -3.73
C11 SJT E . 25.89 20.57 -3.31
C12 SJT E . 26.26 19.12 -3.60
C13 SJT E . 25.53 20.78 -1.84
C14 SJT E . 27.53 21.30 -5.14
C15 SJT E . 26.51 21.58 -6.20
C16 SJT E . 26.42 20.89 -7.34
C17 SJT E . 27.32 19.75 -7.69
C18 SJT E . 25.37 21.24 -8.28
C19 SJT E . 25.13 20.68 -9.45
C20 SJT E . 24.03 21.10 -10.37
C21 SJT E . 22.90 20.08 -10.50
C22 SJT E . 21.84 20.51 -11.52
C23 SJT E . 20.82 19.40 -11.79
C24 SJT E . 22.52 20.97 -12.81
C25 SJT E . 23.61 22.01 -12.57
C26 SJT E . 24.36 22.38 -13.82
C27 SJT E . 23.73 24.30 -11.83
C3 SJT E . 26.04 15.93 1.40
C7 SJT E . 26.75 20.94 -0.93
O1 SJT E . 25.98 14.46 1.35
O2 SJT E . 25.45 14.49 -0.83
O3 SJT E . 28.09 21.47 -2.82
O4 SJT E . 22.32 19.83 -9.22
O5 SJT E . 21.13 21.62 -10.94
O6 SJT E . 24.56 21.41 -11.67
O7 SJT E . 22.96 23.10 -11.95
ZN ZN F . 13.12 16.93 -1.39
ZN ZN G . 5.60 12.42 -16.91
ZN ZN H . 20.64 16.11 -15.68
#